data_3UT3
#
_entry.id   3UT3
#
_cell.length_a   65.252
_cell.length_b   74.953
_cell.length_c   103.775
_cell.angle_alpha   90.89
_cell.angle_beta   93.33
_cell.angle_gamma   115.72
#
_symmetry.space_group_name_H-M   'P 1'
#
loop_
_entity.id
_entity.type
_entity.pdbx_description
1 polymer 'Plasminogen activator inhibitor 1'
2 non-polymer 2,5-dihydroxy-3-undecylcyclohexa-2,5-diene-1,4-dione
#
_entity_poly.entity_id   1
_entity_poly.type   'polypeptide(L)'
_entity_poly.pdbx_seq_one_letter_code
;PSYVAHLASDFGVRVFQQVAQASKDRNVVFSPYGVASVLAMLQLTTGGETQQQIQAAMGFKIDDKGMAPALRHLYKELMG
PWNKDEISTTDAIFVQRDLKLVQGFMPHFFRLFRSTVKQVDFSEVERARFIINDWVKTHTKGMISHLLGTGAVDQLTRLV
LVNALYFNGQWKTPFPDSSTHRRLFHKSDGSTVSVPMMAQTNKFNYTEFTTPDGHYYDILELPYHGDTLSMFIAAPYEKE
VPLSALTNILSAQLISHWKGNMTRLPRLLVLPKFSLETEVDLRKPLENLGMTDMFRQFQADFTSLSDQEPLHVALALQKV
KIEVNESGTVASSSTAVIVSARMAPEEIIIDRPFLFVVRHNPTGTVLFMGQVMEP
;
_entity_poly.pdbx_strand_id   A,B,C,D
#
loop_
_chem_comp.id
_chem_comp.type
_chem_comp.name
_chem_comp.formula
EMJ non-polymer 2,5-dihydroxy-3-undecylcyclohexa-2,5-diene-1,4-dione 'C17 H26 O4'
#
# COMPACT_ATOMS: atom_id res chain seq x y z
N TYR A 3 -14.14 -0.06 -35.16
CA TYR A 3 -15.16 -0.93 -35.83
C TYR A 3 -14.53 -2.09 -36.60
N VAL A 4 -13.62 -1.77 -37.49
CA VAL A 4 -12.78 -2.79 -38.10
C VAL A 4 -11.93 -3.42 -37.02
N ALA A 5 -11.48 -2.58 -36.10
CA ALA A 5 -10.78 -3.08 -34.91
C ALA A 5 -11.56 -4.18 -34.20
N HIS A 6 -12.88 -4.01 -34.10
CA HIS A 6 -13.71 -4.94 -33.32
C HIS A 6 -13.88 -6.26 -34.05
N LEU A 7 -14.11 -6.17 -35.34
CA LEU A 7 -14.25 -7.42 -36.13
C LEU A 7 -12.95 -8.20 -36.19
N ALA A 8 -11.86 -7.47 -36.32
CA ALA A 8 -10.52 -8.10 -36.39
C ALA A 8 -10.21 -8.78 -35.05
N SER A 9 -10.35 -8.03 -33.95
CA SER A 9 -10.16 -8.60 -32.61
C SER A 9 -10.99 -9.83 -32.38
N ASP A 10 -12.27 -9.77 -32.73
CA ASP A 10 -13.15 -10.92 -32.46
C ASP A 10 -12.82 -12.12 -33.29
N PHE A 11 -12.53 -11.93 -34.60
CA PHE A 11 -12.04 -13.03 -35.39
C PHE A 11 -10.79 -13.62 -34.71
N GLY A 12 -9.91 -12.76 -34.25
CA GLY A 12 -8.68 -13.23 -33.62
C GLY A 12 -8.92 -14.02 -32.33
N VAL A 13 -9.88 -13.58 -31.52
CA VAL A 13 -10.30 -14.37 -30.37
C VAL A 13 -10.83 -15.74 -30.79
N ARG A 14 -11.60 -15.76 -31.87
CA ARG A 14 -12.21 -17.05 -32.26
C ARG A 14 -11.08 -18.01 -32.55
N VAL A 15 -10.02 -17.50 -33.13
CA VAL A 15 -8.89 -18.38 -33.47
C VAL A 15 -8.23 -18.86 -32.17
N PHE A 16 -8.09 -17.93 -31.23
CA PHE A 16 -7.52 -18.29 -29.93
C PHE A 16 -8.29 -19.41 -29.21
N GLN A 17 -9.59 -19.27 -29.20
CA GLN A 17 -10.48 -20.31 -28.64
C GLN A 17 -10.07 -21.64 -29.12
N GLN A 18 -9.91 -21.77 -30.43
CA GLN A 18 -9.54 -23.04 -31.07
C GLN A 18 -8.17 -23.47 -30.60
N VAL A 19 -7.20 -22.57 -30.50
CA VAL A 19 -5.91 -23.07 -30.04
C VAL A 19 -6.00 -23.41 -28.59
N ALA A 20 -6.83 -22.72 -27.81
CA ALA A 20 -6.99 -23.11 -26.37
C ALA A 20 -7.61 -24.53 -26.22
N GLN A 21 -8.69 -24.77 -26.93
CA GLN A 21 -9.34 -26.09 -27.01
C GLN A 21 -8.33 -27.21 -27.18
N ALA A 22 -7.33 -27.04 -28.02
CA ALA A 22 -6.32 -28.07 -28.26
C ALA A 22 -5.09 -28.04 -27.31
N SER A 23 -4.96 -27.01 -26.49
CA SER A 23 -3.80 -26.95 -25.63
C SER A 23 -4.23 -26.88 -24.20
N LYS A 24 -5.11 -27.80 -23.82
CA LYS A 24 -5.66 -27.89 -22.45
C LYS A 24 -4.50 -28.00 -21.45
N ASP A 25 -4.44 -27.10 -20.49
CA ASP A 25 -3.46 -27.23 -19.40
C ASP A 25 -2.07 -26.85 -19.83
N ARG A 26 -1.89 -26.40 -21.06
CA ARG A 26 -0.60 -25.90 -21.53
C ARG A 26 -0.60 -24.37 -21.54
N ASN A 27 0.56 -23.73 -21.28
CA ASN A 27 0.69 -22.27 -21.53
C ASN A 27 0.47 -21.89 -22.96
N VAL A 28 -0.27 -20.84 -23.18
CA VAL A 28 -0.39 -20.33 -24.53
C VAL A 28 -0.61 -18.81 -24.59
N VAL A 29 0.25 -18.13 -25.35
CA VAL A 29 0.20 -16.72 -25.58
C VAL A 29 -0.05 -16.56 -27.06
N PHE A 30 -0.83 -15.54 -27.46
CA PHE A 30 -1.35 -15.46 -28.83
C PHE A 30 -1.70 -13.99 -29.09
N SER A 31 -1.88 -13.66 -30.37
CA SER A 31 -2.25 -12.35 -30.78
C SER A 31 -3.42 -12.33 -31.75
N PRO A 32 -4.59 -11.94 -31.27
CA PRO A 32 -5.75 -11.82 -32.11
C PRO A 32 -5.55 -10.84 -33.20
N TYR A 33 -5.04 -9.66 -32.89
CA TYR A 33 -4.78 -8.66 -33.90
C TYR A 33 -3.85 -9.23 -35.02
N GLY A 34 -2.73 -9.85 -34.63
CA GLY A 34 -1.82 -10.50 -35.55
C GLY A 34 -2.45 -11.41 -36.59
N VAL A 35 -3.16 -12.46 -36.15
CA VAL A 35 -3.71 -13.41 -37.08
C VAL A 35 -4.75 -12.77 -37.97
N ALA A 36 -5.45 -11.79 -37.47
CA ALA A 36 -6.44 -11.12 -38.28
C ALA A 36 -5.79 -10.20 -39.32
N SER A 37 -4.65 -9.63 -38.97
CA SER A 37 -3.91 -8.75 -39.86
C SER A 37 -3.36 -9.55 -41.04
N VAL A 38 -2.68 -10.66 -40.78
CA VAL A 38 -2.18 -11.53 -41.86
C VAL A 38 -3.30 -12.15 -42.70
N LEU A 39 -4.41 -12.52 -42.09
CA LEU A 39 -5.47 -13.12 -42.87
C LEU A 39 -6.20 -12.07 -43.66
N ALA A 40 -6.16 -10.84 -43.22
CA ALA A 40 -6.78 -9.78 -44.03
C ALA A 40 -6.02 -9.66 -45.37
N MET A 41 -4.71 -9.68 -45.23
CA MET A 41 -3.86 -9.66 -46.40
C MET A 41 -4.05 -10.92 -47.26
N LEU A 42 -4.11 -12.09 -46.64
CA LEU A 42 -4.33 -13.31 -47.40
C LEU A 42 -5.55 -13.17 -48.31
N GLN A 43 -6.56 -12.46 -47.81
CA GLN A 43 -7.84 -12.31 -48.48
C GLN A 43 -7.68 -11.79 -49.89
N LEU A 44 -6.78 -10.84 -50.05
CA LEU A 44 -6.59 -10.25 -51.33
C LEU A 44 -6.04 -11.25 -52.33
N THR A 45 -5.19 -12.17 -51.86
CA THR A 45 -4.54 -13.12 -52.74
C THR A 45 -5.50 -14.17 -53.18
N THR A 46 -6.69 -14.08 -52.61
CA THR A 46 -7.57 -15.23 -52.59
C THR A 46 -8.76 -15.04 -53.52
N GLY A 47 -9.29 -16.15 -53.99
CA GLY A 47 -10.48 -16.11 -54.83
C GLY A 47 -11.43 -17.28 -54.63
N GLY A 48 -12.60 -17.21 -55.24
CA GLY A 48 -13.48 -18.37 -55.25
C GLY A 48 -14.16 -18.64 -53.92
N GLU A 49 -14.14 -19.90 -53.52
CA GLU A 49 -14.82 -20.34 -52.31
C GLU A 49 -13.84 -20.28 -51.14
N THR A 50 -12.55 -20.46 -51.42
CA THR A 50 -11.50 -20.21 -50.47
C THR A 50 -11.61 -18.77 -49.91
N GLN A 51 -11.93 -17.81 -50.75
CA GLN A 51 -12.22 -16.43 -50.36
C GLN A 51 -13.49 -16.30 -49.52
N GLN A 52 -14.53 -17.04 -49.92
CA GLN A 52 -15.80 -17.06 -49.19
C GLN A 52 -15.58 -17.52 -47.75
N GLN A 53 -14.90 -18.66 -47.62
CA GLN A 53 -14.60 -19.22 -46.31
C GLN A 53 -13.92 -18.15 -45.42
N ILE A 54 -12.96 -17.41 -45.98
CA ILE A 54 -12.22 -16.42 -45.20
C ILE A 54 -13.08 -15.21 -44.86
N GLN A 55 -13.79 -14.69 -45.83
CA GLN A 55 -14.64 -13.51 -45.57
C GLN A 55 -15.78 -13.80 -44.52
N ALA A 56 -16.31 -15.01 -44.58
CA ALA A 56 -17.41 -15.38 -43.73
C ALA A 56 -16.89 -15.51 -42.30
N ALA A 57 -15.73 -16.14 -42.15
CA ALA A 57 -15.15 -16.31 -40.85
C ALA A 57 -14.64 -15.00 -40.27
N MET A 58 -14.28 -14.04 -41.14
CA MET A 58 -13.66 -12.78 -40.64
C MET A 58 -14.70 -11.73 -40.33
N GLY A 59 -15.70 -11.62 -41.17
CA GLY A 59 -16.79 -10.66 -40.97
C GLY A 59 -16.70 -9.41 -41.82
N PHE A 60 -15.69 -9.34 -42.67
CA PHE A 60 -15.54 -8.23 -43.57
C PHE A 60 -14.71 -8.64 -44.78
N LYS A 61 -14.86 -7.90 -45.88
CA LYS A 61 -14.06 -8.12 -47.10
C LYS A 61 -12.99 -7.04 -47.14
N ILE A 62 -11.73 -7.44 -47.25
CA ILE A 62 -10.66 -6.39 -47.20
C ILE A 62 -10.81 -5.33 -48.31
N ASP A 63 -11.49 -5.73 -49.37
CA ASP A 63 -11.69 -4.92 -50.56
C ASP A 63 -12.71 -3.85 -50.35
N ASP A 64 -13.68 -4.06 -49.46
CA ASP A 64 -14.75 -3.06 -49.25
C ASP A 64 -14.17 -1.76 -48.69
N LYS A 65 -14.82 -0.65 -48.97
CA LYS A 65 -14.27 0.67 -48.64
C LYS A 65 -14.03 0.92 -47.12
N GLY A 66 -12.94 1.64 -46.82
CA GLY A 66 -12.63 2.00 -45.44
C GLY A 66 -11.95 0.88 -44.67
N MET A 67 -12.06 -0.37 -45.12
CA MET A 67 -11.53 -1.50 -44.36
C MET A 67 -10.01 -1.48 -44.26
N ALA A 68 -9.32 -1.39 -45.39
CA ALA A 68 -7.83 -1.43 -45.40
C ALA A 68 -7.21 -0.16 -44.80
N PRO A 69 -7.81 1.00 -45.08
CA PRO A 69 -7.27 2.20 -44.49
C PRO A 69 -7.38 2.16 -42.97
N ALA A 70 -8.49 1.62 -42.50
CA ALA A 70 -8.63 1.40 -41.08
C ALA A 70 -7.49 0.52 -40.55
N LEU A 71 -7.22 -0.62 -41.20
CA LEU A 71 -6.10 -1.52 -40.77
C LEU A 71 -4.73 -0.82 -40.76
N ARG A 72 -4.43 -0.04 -41.79
CA ARG A 72 -3.13 0.66 -41.83
C ARG A 72 -3.12 1.72 -40.75
N HIS A 73 -4.26 2.39 -40.57
CA HIS A 73 -4.42 3.41 -39.55
C HIS A 73 -4.00 2.76 -38.21
N LEU A 74 -4.58 1.60 -37.96
CA LEU A 74 -4.33 0.93 -36.73
C LEU A 74 -2.85 0.59 -36.63
N TYR A 75 -2.28 0.01 -37.69
CA TYR A 75 -0.86 -0.42 -37.68
C TYR A 75 0.03 0.76 -37.28
N LYS A 76 -0.16 1.87 -37.96
CA LYS A 76 0.71 3.03 -37.80
C LYS A 76 0.58 3.50 -36.38
N GLU A 77 -0.65 3.53 -35.88
CA GLU A 77 -0.89 3.92 -34.53
C GLU A 77 -0.10 3.02 -33.54
N LEU A 78 -0.10 1.69 -33.77
CA LEU A 78 0.59 0.76 -32.87
C LEU A 78 2.08 1.05 -32.88
N MET A 79 2.62 1.35 -34.06
CA MET A 79 4.04 1.64 -34.18
C MET A 79 4.38 3.11 -33.86
N GLY A 80 3.39 3.89 -33.39
CA GLY A 80 3.65 5.30 -33.05
C GLY A 80 4.76 5.48 -32.05
N PRO A 81 5.07 6.74 -31.70
CA PRO A 81 6.14 7.11 -30.73
C PRO A 81 5.89 6.75 -29.25
N TRP A 82 4.64 6.61 -28.84
CA TRP A 82 4.31 6.13 -27.49
C TRP A 82 4.90 4.75 -27.21
N ASN A 83 5.07 3.95 -28.27
CA ASN A 83 5.56 2.56 -28.19
C ASN A 83 6.78 2.34 -27.31
N LYS A 84 7.99 2.61 -27.76
CA LYS A 84 9.20 2.46 -26.86
C LYS A 84 9.73 1.05 -26.86
N ASP A 85 9.71 0.40 -28.02
CA ASP A 85 10.08 -1.02 -28.17
C ASP A 85 9.30 -1.96 -27.23
N GLU A 86 8.05 -1.63 -26.96
CA GLU A 86 7.23 -2.48 -26.13
C GLU A 86 6.55 -3.52 -27.03
N ILE A 87 6.25 -3.15 -28.26
CA ILE A 87 5.62 -4.05 -29.15
C ILE A 87 6.25 -4.01 -30.54
N SER A 88 6.58 -5.18 -31.08
CA SER A 88 7.03 -5.40 -32.43
C SER A 88 6.09 -6.39 -33.11
N THR A 89 5.63 -6.06 -34.31
CA THR A 89 4.75 -6.92 -35.04
C THR A 89 5.29 -7.04 -36.47
N THR A 90 4.79 -8.00 -37.20
CA THR A 90 5.14 -8.16 -38.58
C THR A 90 4.32 -9.31 -39.18
N ASP A 91 3.82 -9.07 -40.38
CA ASP A 91 3.08 -10.00 -41.20
C ASP A 91 3.95 -10.20 -42.41
N ALA A 92 3.70 -11.24 -43.20
CA ALA A 92 4.42 -11.51 -44.43
C ALA A 92 3.92 -12.76 -45.10
N ILE A 93 3.84 -12.69 -46.42
CA ILE A 93 3.46 -13.77 -47.26
C ILE A 93 4.55 -14.00 -48.28
N PHE A 94 5.06 -15.23 -48.31
CA PHE A 94 6.08 -15.66 -49.24
C PHE A 94 5.49 -16.62 -50.25
N VAL A 95 5.70 -16.32 -51.53
CA VAL A 95 5.22 -17.14 -52.63
C VAL A 95 6.39 -17.52 -53.56
N GLN A 96 6.28 -18.70 -54.18
CA GLN A 96 7.29 -19.18 -55.14
C GLN A 96 7.68 -18.09 -56.11
N ARG A 97 8.98 -17.89 -56.25
CA ARG A 97 9.53 -16.79 -57.04
C ARG A 97 8.92 -16.62 -58.43
N ASP A 98 9.21 -17.52 -59.34
CA ASP A 98 8.88 -17.21 -60.75
C ASP A 98 7.47 -17.58 -61.24
N LEU A 99 6.44 -17.38 -60.41
CA LEU A 99 5.07 -17.69 -60.83
C LEU A 99 4.48 -16.62 -61.74
N LYS A 100 3.63 -17.03 -62.67
CA LYS A 100 2.91 -16.08 -63.49
C LYS A 100 1.80 -15.42 -62.64
N LEU A 101 2.21 -14.43 -61.83
CA LEU A 101 1.30 -13.65 -61.02
C LEU A 101 0.34 -12.93 -61.92
N VAL A 102 -0.84 -12.57 -61.45
CA VAL A 102 -1.75 -11.80 -62.30
C VAL A 102 -1.30 -10.34 -62.40
N GLN A 103 -1.44 -9.75 -63.60
CA GLN A 103 -1.25 -8.31 -63.83
C GLN A 103 -1.90 -7.45 -62.74
N GLY A 104 -1.13 -6.54 -62.17
CA GLY A 104 -1.69 -5.51 -61.30
C GLY A 104 -1.95 -5.91 -59.85
N PHE A 105 -1.74 -7.15 -59.51
CA PHE A 105 -1.98 -7.59 -58.17
C PHE A 105 -0.97 -7.00 -57.17
N MET A 106 0.33 -7.02 -57.50
CA MET A 106 1.36 -6.53 -56.57
C MET A 106 1.16 -5.07 -56.24
N PRO A 107 0.91 -4.25 -57.26
CA PRO A 107 0.70 -2.85 -56.91
C PRO A 107 -0.54 -2.60 -56.02
N HIS A 108 -1.60 -3.33 -56.33
CA HIS A 108 -2.87 -3.20 -55.62
C HIS A 108 -2.65 -3.64 -54.17
N PHE A 109 -1.85 -4.68 -53.99
CA PHE A 109 -1.55 -5.19 -52.67
C PHE A 109 -0.78 -4.17 -51.89
N PHE A 110 0.21 -3.54 -52.53
CA PHE A 110 0.96 -2.47 -51.84
C PHE A 110 0.11 -1.24 -51.52
N ARG A 111 -0.76 -0.88 -52.47
CA ARG A 111 -1.76 0.22 -52.28
C ARG A 111 -2.50 0.05 -50.95
N LEU A 112 -2.99 -1.17 -50.73
CA LEU A 112 -3.79 -1.47 -49.57
C LEU A 112 -2.98 -1.72 -48.28
N PHE A 113 -1.86 -2.41 -48.37
CA PHE A 113 -1.12 -2.77 -47.16
C PHE A 113 0.26 -2.08 -46.99
N ARG A 114 0.67 -1.16 -47.86
CA ARG A 114 2.06 -0.65 -47.86
C ARG A 114 3.06 -1.74 -47.58
N SER A 115 2.93 -2.88 -48.22
CA SER A 115 3.84 -4.01 -48.04
C SER A 115 3.74 -4.81 -49.32
N THR A 116 4.56 -5.84 -49.45
CA THR A 116 4.61 -6.64 -50.65
C THR A 116 4.63 -8.13 -50.30
N VAL A 117 4.17 -8.93 -51.23
CA VAL A 117 4.30 -10.35 -51.19
C VAL A 117 5.75 -10.64 -51.53
N LYS A 118 6.43 -11.36 -50.66
CA LYS A 118 7.85 -11.63 -50.86
C LYS A 118 7.90 -12.82 -51.77
N GLN A 119 8.86 -12.80 -52.69
CA GLN A 119 8.99 -13.83 -53.71
C GLN A 119 10.31 -14.59 -53.45
N VAL A 120 10.22 -15.90 -53.25
CA VAL A 120 11.40 -16.72 -52.99
C VAL A 120 11.39 -17.98 -53.86
N ASP A 121 12.60 -18.45 -54.17
CA ASP A 121 12.78 -19.69 -54.92
C ASP A 121 12.86 -20.73 -53.83
N PHE A 122 11.77 -21.43 -53.63
CA PHE A 122 11.70 -22.44 -52.59
C PHE A 122 12.54 -23.69 -52.87
N SER A 123 13.05 -23.85 -54.09
CA SER A 123 14.01 -24.95 -54.40
C SER A 123 15.38 -24.79 -53.73
N GLU A 124 15.67 -23.60 -53.21
CA GLU A 124 16.93 -23.41 -52.49
C GLU A 124 16.77 -23.79 -51.02
N VAL A 125 15.56 -24.16 -50.62
CA VAL A 125 15.24 -24.71 -49.30
C VAL A 125 15.94 -24.02 -48.14
N GLU A 126 17.12 -24.46 -47.80
CA GLU A 126 17.84 -23.88 -46.66
C GLU A 126 17.82 -22.36 -46.77
N ARG A 127 17.93 -21.87 -48.00
CA ARG A 127 18.03 -20.44 -48.26
C ARG A 127 16.70 -19.78 -47.99
N ALA A 128 15.64 -20.32 -48.57
CA ALA A 128 14.27 -19.89 -48.32
C ALA A 128 13.93 -19.83 -46.80
N ARG A 129 14.38 -20.85 -46.07
CA ARG A 129 14.22 -20.88 -44.64
C ARG A 129 14.93 -19.74 -43.98
N PHE A 130 16.14 -19.49 -44.43
CA PHE A 130 16.90 -18.39 -43.89
C PHE A 130 16.19 -17.05 -44.13
N ILE A 131 15.60 -16.90 -45.32
CA ILE A 131 14.90 -15.66 -45.68
C ILE A 131 13.73 -15.40 -44.76
N ILE A 132 12.95 -16.45 -44.48
CA ILE A 132 11.75 -16.33 -43.66
C ILE A 132 12.14 -16.02 -42.23
N ASN A 133 13.04 -16.83 -41.69
CA ASN A 133 13.55 -16.60 -40.35
C ASN A 133 14.23 -15.26 -40.20
N ASP A 134 14.88 -14.80 -41.26
CA ASP A 134 15.55 -13.51 -41.24
C ASP A 134 14.58 -12.36 -41.26
N TRP A 135 13.53 -12.49 -42.06
CA TRP A 135 12.46 -11.48 -42.09
C TRP A 135 11.94 -11.25 -40.66
N VAL A 136 11.65 -12.32 -39.97
CA VAL A 136 11.05 -12.19 -38.63
C VAL A 136 12.04 -11.53 -37.66
N LYS A 137 13.29 -11.94 -37.76
CA LYS A 137 14.35 -11.44 -36.90
C LYS A 137 14.50 -9.94 -37.06
N THR A 138 14.50 -9.47 -38.30
CA THR A 138 14.78 -8.10 -38.57
C THR A 138 13.53 -7.23 -38.40
N HIS A 139 12.34 -7.81 -38.38
CA HIS A 139 11.17 -6.99 -38.10
C HIS A 139 10.64 -7.09 -36.67
N THR A 140 11.30 -7.85 -35.85
CA THR A 140 10.94 -7.92 -34.45
C THR A 140 12.09 -7.43 -33.53
N LYS A 141 12.95 -6.56 -34.04
CA LYS A 141 14.10 -6.07 -33.31
C LYS A 141 14.96 -7.22 -32.76
N GLY A 142 15.04 -8.29 -33.53
CA GLY A 142 15.79 -9.47 -33.09
C GLY A 142 15.20 -10.31 -31.96
N MET A 143 14.01 -9.97 -31.45
CA MET A 143 13.44 -10.68 -30.27
C MET A 143 12.85 -12.02 -30.60
N ILE A 144 12.36 -12.15 -31.84
CA ILE A 144 11.97 -13.44 -32.43
C ILE A 144 12.87 -13.76 -33.64
N SER A 145 13.65 -14.86 -33.55
CA SER A 145 14.75 -15.21 -34.50
C SER A 145 14.48 -16.46 -35.30
N HIS A 146 13.66 -17.38 -34.82
CA HIS A 146 13.46 -18.66 -35.51
C HIS A 146 12.04 -19.24 -35.36
N LEU A 147 11.50 -19.74 -36.46
CA LEU A 147 10.18 -20.40 -36.50
C LEU A 147 10.41 -21.87 -36.77
N LEU A 148 10.21 -22.68 -35.74
CA LEU A 148 10.48 -24.09 -35.79
C LEU A 148 9.73 -24.70 -36.95
N GLY A 149 8.52 -24.21 -37.17
CA GLY A 149 7.71 -24.69 -38.28
C GLY A 149 8.31 -24.49 -39.66
N THR A 150 9.36 -23.68 -39.79
CA THR A 150 9.96 -23.45 -41.12
C THR A 150 10.68 -24.70 -41.60
N GLY A 151 11.25 -25.46 -40.66
CA GLY A 151 11.80 -26.77 -40.96
C GLY A 151 10.96 -27.58 -41.94
N ALA A 152 9.66 -27.28 -42.00
CA ALA A 152 8.74 -27.95 -42.92
C ALA A 152 8.73 -27.53 -44.38
N VAL A 153 9.38 -26.43 -44.74
CA VAL A 153 9.42 -26.00 -46.16
C VAL A 153 10.28 -26.94 -47.01
N ASP A 154 9.94 -27.06 -48.28
CA ASP A 154 10.79 -27.81 -49.22
C ASP A 154 10.56 -27.33 -50.64
N GLN A 155 11.30 -27.92 -51.58
CA GLN A 155 11.14 -27.64 -53.02
C GLN A 155 9.69 -27.71 -53.51
N LEU A 156 8.80 -28.23 -52.69
CA LEU A 156 7.38 -28.24 -53.04
C LEU A 156 6.53 -27.08 -52.50
N THR A 157 7.02 -26.33 -51.52
CA THR A 157 6.26 -25.22 -50.95
C THR A 157 6.02 -24.14 -52.01
N ARG A 158 4.75 -23.75 -52.18
CA ARG A 158 4.41 -22.70 -53.14
C ARG A 158 4.05 -21.40 -52.40
N LEU A 159 3.70 -21.49 -51.11
CA LEU A 159 3.14 -20.35 -50.38
C LEU A 159 3.21 -20.48 -48.86
N VAL A 160 3.77 -19.46 -48.22
CA VAL A 160 3.91 -19.45 -46.76
C VAL A 160 3.46 -18.13 -46.20
N LEU A 161 2.90 -18.18 -45.01
CA LEU A 161 2.30 -17.07 -44.35
C LEU A 161 2.78 -17.09 -42.89
N VAL A 162 3.23 -15.95 -42.39
CA VAL A 162 3.82 -15.83 -41.09
C VAL A 162 3.41 -14.58 -40.33
N ASN A 163 3.42 -14.64 -39.01
CA ASN A 163 3.06 -13.50 -38.18
C ASN A 163 3.82 -13.64 -36.88
N ALA A 164 4.47 -12.58 -36.46
CA ALA A 164 5.28 -12.61 -35.29
C ALA A 164 5.25 -11.30 -34.52
N LEU A 165 5.16 -11.40 -33.21
CA LEU A 165 4.99 -10.26 -32.39
C LEU A 165 5.75 -10.50 -31.05
N TYR A 166 6.33 -9.45 -30.51
CA TYR A 166 6.93 -9.49 -29.20
C TYR A 166 6.28 -8.42 -28.39
N PHE A 167 6.15 -8.67 -27.11
CA PHE A 167 5.58 -7.64 -26.25
C PHE A 167 6.14 -7.66 -24.84
N ASN A 168 6.49 -6.47 -24.38
CA ASN A 168 6.92 -6.25 -23.04
C ASN A 168 6.70 -4.80 -22.65
N GLY A 169 5.62 -4.54 -21.93
CA GLY A 169 5.17 -3.17 -21.76
C GLY A 169 5.67 -2.49 -20.52
N GLN A 170 5.60 -1.18 -20.50
CA GLN A 170 5.98 -0.42 -19.31
C GLN A 170 4.76 0.02 -18.56
N TRP A 171 4.71 -0.39 -17.32
CA TRP A 171 3.54 -0.15 -16.46
C TRP A 171 3.39 1.31 -16.22
N LYS A 172 2.17 1.83 -16.25
CA LYS A 172 1.92 3.17 -15.71
C LYS A 172 2.63 3.32 -14.35
N THR A 173 2.36 2.39 -13.46
CA THR A 173 2.94 2.32 -12.14
C THR A 173 3.64 1.00 -12.02
N PRO A 174 4.96 1.02 -11.94
CA PRO A 174 5.72 -0.22 -11.89
C PRO A 174 5.62 -0.90 -10.55
N PHE A 175 5.85 -2.22 -10.54
CA PHE A 175 5.84 -3.04 -9.32
C PHE A 175 7.16 -2.86 -8.60
N PRO A 176 7.17 -2.30 -7.40
CA PRO A 176 8.48 -2.09 -6.78
C PRO A 176 9.35 -3.33 -6.88
N ASP A 177 10.57 -3.17 -7.36
CA ASP A 177 11.53 -4.33 -7.46
C ASP A 177 11.80 -5.15 -6.19
N SER A 178 11.64 -4.52 -5.04
CA SER A 178 12.02 -5.16 -3.78
C SER A 178 10.93 -6.05 -3.30
N SER A 179 9.71 -5.78 -3.78
CA SER A 179 8.55 -6.64 -3.45
C SER A 179 8.58 -8.03 -4.10
N THR A 180 9.31 -8.18 -5.19
CA THR A 180 9.28 -9.41 -5.96
C THR A 180 9.85 -10.52 -5.10
N HIS A 181 9.23 -11.70 -5.15
CA HIS A 181 9.56 -12.77 -4.20
C HIS A 181 9.12 -14.10 -4.76
N ARG A 182 9.62 -15.17 -4.17
CA ARG A 182 9.31 -16.51 -4.64
C ARG A 182 8.06 -16.99 -3.90
N ARG A 183 7.04 -17.38 -4.65
CA ARG A 183 5.82 -17.90 -4.07
C ARG A 183 5.29 -19.15 -4.77
N LEU A 184 4.33 -19.77 -4.11
CA LEU A 184 3.69 -20.97 -4.54
C LEU A 184 2.57 -20.80 -5.55
N PHE A 185 2.70 -21.52 -6.65
CA PHE A 185 1.69 -21.55 -7.70
C PHE A 185 1.03 -22.93 -7.78
N HIS A 186 -0.28 -22.97 -7.96
CA HIS A 186 -1.04 -24.20 -8.06
C HIS A 186 -1.42 -24.57 -9.50
N LYS A 187 -0.65 -25.47 -10.10
CA LYS A 187 -0.95 -25.94 -11.45
C LYS A 187 -2.31 -26.59 -11.39
N SER A 188 -3.04 -26.60 -12.51
CA SER A 188 -4.33 -27.29 -12.61
C SER A 188 -4.11 -28.78 -12.43
N ASP A 189 -2.92 -29.23 -12.82
CA ASP A 189 -2.37 -30.54 -12.45
C ASP A 189 -2.73 -31.04 -11.03
N GLY A 190 -3.13 -30.12 -10.14
CA GLY A 190 -3.20 -30.38 -8.70
C GLY A 190 -1.85 -30.22 -8.00
N SER A 191 -0.74 -30.41 -8.70
CA SER A 191 0.61 -30.19 -8.14
C SER A 191 0.94 -28.68 -7.99
N THR A 192 2.19 -28.37 -7.61
CA THR A 192 2.59 -26.99 -7.29
C THR A 192 4.04 -26.66 -7.67
N VAL A 193 4.35 -25.37 -7.83
CA VAL A 193 5.68 -24.91 -8.21
C VAL A 193 5.95 -23.57 -7.55
N SER A 194 7.21 -23.29 -7.25
CA SER A 194 7.51 -21.99 -6.67
C SER A 194 8.00 -21.11 -7.75
N VAL A 195 7.35 -19.94 -7.90
CA VAL A 195 7.75 -19.02 -8.94
C VAL A 195 7.89 -17.61 -8.42
N PRO A 196 8.72 -16.81 -9.09
CA PRO A 196 8.85 -15.42 -8.71
C PRO A 196 7.53 -14.62 -8.93
N MET A 197 7.11 -13.84 -7.94
CA MET A 197 5.90 -13.05 -8.05
C MET A 197 6.12 -11.61 -7.64
N MET A 198 5.32 -10.72 -8.19
CA MET A 198 5.46 -9.31 -7.97
C MET A 198 4.35 -8.97 -7.03
N ALA A 199 4.53 -7.88 -6.31
CA ALA A 199 3.57 -7.37 -5.37
C ALA A 199 3.45 -5.90 -5.53
N GLN A 200 2.24 -5.40 -5.53
CA GLN A 200 2.06 -3.96 -5.59
C GLN A 200 0.76 -3.66 -4.95
N THR A 201 0.76 -2.60 -4.16
CA THR A 201 -0.43 -2.17 -3.48
C THR A 201 -0.87 -0.86 -4.07
N ASN A 202 -2.09 -0.84 -4.59
CA ASN A 202 -2.61 0.37 -5.23
C ASN A 202 -4.11 0.34 -5.29
N LYS A 203 -4.68 1.40 -5.85
CA LYS A 203 -6.08 1.40 -6.23
C LYS A 203 -6.26 0.81 -7.64
N PHE A 204 -6.49 -0.51 -7.74
CA PHE A 204 -6.72 -1.13 -9.05
C PHE A 204 -8.16 -1.06 -9.49
N ASN A 205 -8.38 -0.73 -10.75
CA ASN A 205 -9.69 -0.95 -11.37
C ASN A 205 -10.06 -2.41 -11.26
N TYR A 206 -11.17 -2.71 -10.59
CA TYR A 206 -11.59 -4.08 -10.30
C TYR A 206 -13.08 -4.31 -10.49
N THR A 207 -13.44 -5.56 -10.83
CA THR A 207 -14.82 -6.05 -10.88
C THR A 207 -14.89 -7.56 -10.77
N GLU A 208 -15.92 -8.03 -10.08
CA GLU A 208 -16.22 -9.44 -10.03
C GLU A 208 -17.07 -9.68 -11.27
N PHE A 209 -16.87 -10.80 -11.95
CA PHE A 209 -17.63 -11.07 -13.14
C PHE A 209 -18.17 -12.46 -13.14
N THR A 210 -19.35 -12.62 -13.68
CA THR A 210 -19.97 -13.92 -13.80
C THR A 210 -20.37 -14.26 -15.22
N THR A 211 -20.03 -15.44 -15.71
CA THR A 211 -20.53 -15.82 -17.04
C THR A 211 -22.02 -16.06 -16.92
N PRO A 212 -22.75 -15.94 -18.03
CA PRO A 212 -24.14 -16.35 -18.08
C PRO A 212 -24.40 -17.73 -17.50
N ASP A 213 -23.45 -18.64 -17.67
CA ASP A 213 -23.61 -19.99 -17.16
C ASP A 213 -23.02 -20.13 -15.77
N GLY A 214 -22.81 -19.03 -15.08
CA GLY A 214 -22.54 -19.08 -13.66
C GLY A 214 -21.13 -19.34 -13.17
N HIS A 215 -20.10 -19.21 -14.01
CA HIS A 215 -18.70 -19.18 -13.54
C HIS A 215 -18.28 -17.78 -13.09
N TYR A 216 -17.57 -17.71 -11.97
CA TYR A 216 -17.15 -16.46 -11.33
C TYR A 216 -15.62 -16.20 -11.48
N TYR A 217 -15.25 -14.99 -11.83
CA TYR A 217 -13.88 -14.62 -12.03
C TYR A 217 -13.67 -13.22 -11.45
N ASP A 218 -12.47 -13.03 -10.90
CA ASP A 218 -11.96 -11.71 -10.54
C ASP A 218 -11.32 -11.08 -11.76
N ILE A 219 -11.62 -9.81 -12.02
CA ILE A 219 -11.06 -9.11 -13.20
C ILE A 219 -10.35 -7.87 -12.76
N LEU A 220 -9.06 -7.70 -13.12
CA LEU A 220 -8.26 -6.52 -12.78
C LEU A 220 -7.76 -5.83 -14.02
N GLU A 221 -7.69 -4.50 -13.99
CA GLU A 221 -7.06 -3.78 -15.05
C GLU A 221 -5.74 -3.26 -14.56
N LEU A 222 -4.71 -3.50 -15.34
CA LEU A 222 -3.37 -2.98 -15.05
C LEU A 222 -2.98 -2.08 -16.24
N PRO A 223 -2.95 -0.77 -16.02
CA PRO A 223 -2.67 0.05 -17.20
C PRO A 223 -1.20 0.14 -17.46
N TYR A 224 -0.84 0.35 -18.73
CA TYR A 224 0.54 0.62 -19.08
C TYR A 224 0.77 2.12 -19.23
N HIS A 225 2.03 2.54 -19.27
CA HIS A 225 2.35 3.98 -19.28
C HIS A 225 1.42 4.74 -20.23
N GLY A 226 0.90 5.89 -19.76
CA GLY A 226 0.01 6.75 -20.59
C GLY A 226 -1.42 6.21 -20.87
N ASP A 227 -1.71 5.01 -20.40
CA ASP A 227 -3.03 4.39 -20.55
C ASP A 227 -3.38 4.08 -22.00
N THR A 228 -2.36 4.00 -22.87
CA THR A 228 -2.55 3.64 -24.26
C THR A 228 -2.94 2.16 -24.37
N LEU A 229 -2.20 1.34 -23.63
CA LEU A 229 -2.45 -0.07 -23.47
C LEU A 229 -2.79 -0.41 -22.03
N SER A 230 -3.43 -1.57 -21.88
CA SER A 230 -3.87 -2.06 -20.56
C SER A 230 -3.87 -3.56 -20.64
N MET A 231 -3.45 -4.17 -19.55
CA MET A 231 -3.60 -5.54 -19.44
C MET A 231 -4.80 -5.78 -18.55
N PHE A 232 -5.65 -6.72 -18.94
CA PHE A 232 -6.70 -7.19 -18.05
C PHE A 232 -6.34 -8.60 -17.57
N ILE A 233 -6.42 -8.83 -16.28
CA ILE A 233 -6.24 -10.15 -15.72
C ILE A 233 -7.55 -10.75 -15.22
N ALA A 234 -7.80 -12.00 -15.64
CA ALA A 234 -8.98 -12.73 -15.25
C ALA A 234 -8.63 -14.05 -14.58
N ALA A 235 -8.99 -14.15 -13.30
CA ALA A 235 -8.61 -15.27 -12.47
C ALA A 235 -9.85 -15.90 -11.83
N PRO A 236 -9.99 -17.22 -11.93
CA PRO A 236 -11.09 -17.91 -11.28
C PRO A 236 -11.15 -17.63 -9.78
N TYR A 237 -12.36 -17.70 -9.25
CA TYR A 237 -12.60 -17.39 -7.85
C TYR A 237 -11.97 -18.45 -6.93
N GLU A 238 -12.16 -19.72 -7.28
CA GLU A 238 -11.52 -20.84 -6.57
C GLU A 238 -11.04 -21.85 -7.60
N LYS A 239 -10.27 -22.86 -7.16
CA LYS A 239 -9.86 -23.97 -8.03
C LYS A 239 -11.11 -24.56 -8.63
N GLU A 240 -10.95 -25.36 -9.66
CA GLU A 240 -12.08 -26.06 -10.29
C GLU A 240 -12.76 -25.24 -11.35
N VAL A 241 -12.80 -23.92 -11.18
CA VAL A 241 -13.41 -23.08 -12.18
C VAL A 241 -12.46 -23.04 -13.38
N PRO A 242 -12.86 -23.64 -14.51
CA PRO A 242 -11.93 -23.63 -15.62
C PRO A 242 -11.95 -22.28 -16.31
N LEU A 243 -10.84 -21.98 -16.98
CA LEU A 243 -10.72 -20.82 -17.84
C LEU A 243 -11.61 -20.83 -19.09
N SER A 244 -11.89 -22.03 -19.59
CA SER A 244 -12.72 -22.28 -20.81
C SER A 244 -14.04 -21.53 -20.81
N ALA A 245 -14.69 -21.54 -19.68
CA ALA A 245 -16.00 -20.97 -19.54
C ALA A 245 -15.89 -19.51 -19.87
N LEU A 246 -14.77 -18.91 -19.50
CA LEU A 246 -14.54 -17.51 -19.83
C LEU A 246 -14.08 -17.31 -21.25
N THR A 247 -13.04 -18.04 -21.66
CA THR A 247 -12.45 -17.86 -23.04
C THR A 247 -13.45 -18.13 -24.16
N ASN A 248 -14.34 -19.07 -23.93
CA ASN A 248 -15.36 -19.38 -24.94
C ASN A 248 -16.45 -18.32 -25.16
N ILE A 249 -16.54 -17.30 -24.31
CA ILE A 249 -17.41 -16.19 -24.70
C ILE A 249 -16.63 -14.93 -24.95
N LEU A 250 -15.33 -15.03 -24.99
CA LEU A 250 -14.51 -13.83 -25.02
C LEU A 250 -14.74 -13.01 -26.30
N SER A 251 -14.81 -11.72 -26.12
CA SER A 251 -15.10 -10.81 -27.18
C SER A 251 -14.52 -9.43 -26.83
N ALA A 252 -14.38 -8.57 -27.83
CA ALA A 252 -14.03 -7.17 -27.53
C ALA A 252 -15.09 -6.46 -26.68
N GLN A 253 -16.34 -6.76 -26.98
CA GLN A 253 -17.46 -6.19 -26.27
C GLN A 253 -17.42 -6.64 -24.84
N LEU A 254 -17.10 -7.90 -24.61
CA LEU A 254 -16.99 -8.39 -23.24
C LEU A 254 -15.96 -7.55 -22.45
N ILE A 255 -14.84 -7.24 -23.06
CA ILE A 255 -13.86 -6.43 -22.37
C ILE A 255 -14.37 -5.05 -22.00
N SER A 256 -15.04 -4.41 -22.94
CA SER A 256 -15.65 -3.09 -22.63
C SER A 256 -16.68 -3.22 -21.51
N HIS A 257 -17.29 -4.37 -21.45
CA HIS A 257 -18.29 -4.67 -20.42
C HIS A 257 -17.65 -4.70 -19.04
N TRP A 258 -16.51 -5.38 -18.94
CA TRP A 258 -15.74 -5.36 -17.71
C TRP A 258 -15.40 -3.96 -17.26
N LYS A 259 -14.91 -3.12 -18.18
CA LYS A 259 -14.61 -1.71 -17.88
C LYS A 259 -15.79 -0.91 -17.34
N GLY A 260 -16.94 -1.08 -17.98
CA GLY A 260 -18.15 -0.45 -17.52
C GLY A 260 -18.50 -0.69 -16.05
N ASN A 261 -18.16 -1.86 -15.50
CA ASN A 261 -18.48 -2.21 -14.13
C ASN A 261 -17.38 -2.10 -13.11
N MET A 262 -16.17 -1.74 -13.55
CA MET A 262 -15.03 -1.72 -12.62
C MET A 262 -15.09 -0.44 -11.82
N THR A 263 -14.61 -0.53 -10.59
CA THR A 263 -14.37 0.62 -9.73
C THR A 263 -13.00 0.38 -9.12
N ARG A 264 -12.38 1.48 -8.67
CA ARG A 264 -11.02 1.49 -8.12
C ARG A 264 -11.03 1.25 -6.60
N LEU A 265 -10.37 0.17 -6.22
CA LEU A 265 -10.34 -0.30 -4.87
C LEU A 265 -8.90 -0.53 -4.46
N PRO A 266 -8.55 -0.22 -3.19
CA PRO A 266 -7.20 -0.42 -2.69
C PRO A 266 -6.90 -1.88 -2.42
N ARG A 267 -6.11 -2.51 -3.27
CA ARG A 267 -5.79 -3.92 -3.07
C ARG A 267 -4.30 -4.14 -3.10
N LEU A 268 -3.85 -5.15 -2.38
CA LEU A 268 -2.54 -5.72 -2.58
C LEU A 268 -2.72 -6.71 -3.71
N LEU A 269 -1.98 -6.58 -4.80
CA LEU A 269 -1.99 -7.55 -5.90
C LEU A 269 -0.67 -8.26 -5.93
N VAL A 270 -0.73 -9.56 -6.18
CA VAL A 270 0.43 -10.40 -6.23
C VAL A 270 0.28 -11.17 -7.49
N LEU A 271 1.16 -10.90 -8.45
CA LEU A 271 1.04 -11.40 -9.83
C LEU A 271 2.33 -12.04 -10.26
N PRO A 272 2.27 -13.19 -10.89
CA PRO A 272 3.56 -13.81 -11.24
C PRO A 272 4.27 -13.13 -12.42
N LYS A 273 5.59 -13.00 -12.35
CA LYS A 273 6.41 -12.63 -13.51
C LYS A 273 6.25 -13.77 -14.48
N PHE A 274 6.24 -13.46 -15.78
CA PHE A 274 6.31 -14.49 -16.77
C PHE A 274 6.81 -13.95 -18.09
N SER A 275 7.62 -14.76 -18.74
CA SER A 275 8.16 -14.47 -20.07
C SER A 275 7.93 -15.73 -20.82
N LEU A 276 6.92 -15.72 -21.68
CA LEU A 276 6.47 -16.92 -22.39
C LEU A 276 6.50 -16.74 -23.88
N GLU A 277 6.75 -17.85 -24.54
CA GLU A 277 6.87 -17.95 -26.01
C GLU A 277 5.90 -19.05 -26.49
N THR A 278 5.22 -18.79 -27.59
CA THR A 278 4.32 -19.76 -28.16
C THR A 278 4.33 -19.73 -29.69
N GLU A 279 4.39 -20.87 -30.33
CA GLU A 279 4.36 -20.93 -31.77
C GLU A 279 3.24 -21.84 -32.10
N VAL A 280 2.34 -21.33 -32.92
CA VAL A 280 1.16 -22.05 -33.25
C VAL A 280 1.08 -22.27 -34.75
N ASP A 281 0.74 -23.49 -35.09
CA ASP A 281 0.48 -23.84 -36.44
C ASP A 281 -0.98 -23.58 -36.64
N LEU A 282 -1.30 -22.64 -37.52
CA LEU A 282 -2.67 -22.13 -37.68
C LEU A 282 -3.57 -23.00 -38.53
N ARG A 283 -3.06 -24.10 -39.09
CA ARG A 283 -3.88 -24.91 -40.04
C ARG A 283 -5.23 -25.38 -39.41
N LYS A 284 -5.15 -26.17 -38.33
CA LYS A 284 -6.34 -26.81 -37.72
C LYS A 284 -7.28 -25.74 -37.13
N PRO A 285 -6.70 -24.74 -36.46
CA PRO A 285 -7.58 -23.74 -35.89
C PRO A 285 -8.35 -22.98 -36.94
N LEU A 286 -7.69 -22.74 -38.06
CA LEU A 286 -8.32 -22.05 -39.17
C LEU A 286 -9.30 -22.95 -39.92
N GLU A 287 -8.94 -24.20 -40.07
CA GLU A 287 -9.90 -25.16 -40.65
C GLU A 287 -11.16 -25.28 -39.79
N ASN A 288 -10.98 -25.41 -38.48
CA ASN A 288 -12.13 -25.41 -37.59
C ASN A 288 -13.03 -24.17 -37.67
N LEU A 289 -12.61 -23.06 -38.29
CA LEU A 289 -13.50 -21.88 -38.43
C LEU A 289 -14.07 -21.74 -39.83
N GLY A 290 -13.97 -22.82 -40.62
CA GLY A 290 -14.54 -22.86 -41.96
C GLY A 290 -13.52 -22.85 -43.08
N MET A 291 -12.25 -22.50 -42.78
CA MET A 291 -11.26 -22.19 -43.83
C MET A 291 -10.43 -23.42 -44.08
N THR A 292 -10.95 -24.31 -44.90
CA THR A 292 -10.25 -25.59 -45.14
C THR A 292 -9.70 -25.71 -46.58
N ASP A 293 -10.38 -25.06 -47.53
CA ASP A 293 -9.92 -25.03 -48.91
C ASP A 293 -8.48 -24.52 -49.10
N MET A 294 -8.07 -23.50 -48.34
CA MET A 294 -6.78 -22.86 -48.56
C MET A 294 -5.62 -23.82 -48.35
N PHE A 295 -5.80 -24.83 -47.52
CA PHE A 295 -4.70 -25.71 -47.13
C PHE A 295 -4.67 -26.94 -48.03
N ARG A 296 -5.61 -26.98 -48.99
CA ARG A 296 -5.81 -28.16 -49.82
C ARG A 296 -5.42 -27.90 -51.29
N GLN A 297 -4.45 -28.68 -51.76
CA GLN A 297 -3.77 -28.44 -53.03
C GLN A 297 -4.70 -28.29 -54.25
N PHE A 298 -5.77 -29.06 -54.29
CA PHE A 298 -6.67 -29.02 -55.43
C PHE A 298 -7.95 -28.27 -55.16
N GLN A 299 -8.16 -27.84 -53.93
CA GLN A 299 -9.38 -27.09 -53.59
C GLN A 299 -9.03 -25.60 -53.48
N ALA A 300 -7.83 -25.30 -52.99
CA ALA A 300 -7.46 -23.92 -52.75
C ALA A 300 -7.63 -23.10 -54.01
N ASP A 301 -8.09 -21.86 -53.86
CA ASP A 301 -8.28 -20.96 -54.98
C ASP A 301 -7.57 -19.65 -54.73
N PHE A 302 -6.32 -19.57 -55.14
CA PHE A 302 -5.55 -18.33 -55.03
C PHE A 302 -5.41 -17.58 -56.35
N THR A 303 -6.48 -17.50 -57.13
CA THR A 303 -6.36 -17.04 -58.53
C THR A 303 -6.35 -15.55 -58.64
N SER A 304 -6.43 -14.85 -57.51
CA SER A 304 -6.31 -13.39 -57.54
C SER A 304 -4.85 -13.01 -57.57
N LEU A 305 -4.02 -13.95 -57.06
CA LEU A 305 -2.54 -13.91 -57.09
C LEU A 305 -1.90 -14.51 -58.33
N SER A 306 -2.37 -15.70 -58.71
CA SER A 306 -1.84 -16.45 -59.86
C SER A 306 -2.81 -17.56 -60.25
N ASP A 307 -3.43 -17.44 -61.41
CA ASP A 307 -4.31 -18.50 -61.90
C ASP A 307 -3.61 -19.39 -62.91
N GLN A 308 -2.31 -19.56 -62.72
CA GLN A 308 -1.53 -20.36 -63.63
C GLN A 308 -1.25 -21.69 -62.98
N GLU A 309 -0.45 -21.68 -61.92
CA GLU A 309 -0.07 -22.92 -61.27
C GLU A 309 -1.09 -23.08 -60.18
N PRO A 310 -1.49 -24.34 -59.89
CA PRO A 310 -2.24 -24.57 -58.67
C PRO A 310 -1.41 -24.12 -57.44
N LEU A 311 -2.01 -23.23 -56.64
CA LEU A 311 -1.41 -22.69 -55.43
C LEU A 311 -2.22 -23.08 -54.20
N HIS A 312 -1.52 -23.28 -53.08
CA HIS A 312 -2.21 -23.53 -51.83
C HIS A 312 -1.23 -23.35 -50.68
N VAL A 313 -1.75 -23.06 -49.49
CA VAL A 313 -0.91 -22.66 -48.35
C VAL A 313 -0.32 -23.86 -47.66
N ALA A 314 1.00 -23.97 -47.69
CA ALA A 314 1.69 -25.07 -47.05
C ALA A 314 1.88 -24.85 -45.58
N LEU A 315 1.93 -23.59 -45.18
CA LEU A 315 2.39 -23.29 -43.83
C LEU A 315 1.88 -21.90 -43.39
N ALA A 316 1.20 -21.87 -42.25
CA ALA A 316 0.62 -20.66 -41.67
C ALA A 316 1.00 -20.63 -40.19
N LEU A 317 1.73 -19.63 -39.76
CA LEU A 317 2.31 -19.65 -38.44
C LEU A 317 2.21 -18.28 -37.76
N GLN A 318 1.98 -18.33 -36.47
CA GLN A 318 2.12 -17.18 -35.67
C GLN A 318 3.03 -17.54 -34.56
N LYS A 319 3.87 -16.59 -34.15
CA LYS A 319 4.74 -16.82 -33.03
C LYS A 319 4.81 -15.55 -32.18
N VAL A 320 4.61 -15.76 -30.89
CA VAL A 320 4.49 -14.66 -29.99
C VAL A 320 5.36 -14.90 -28.78
N LYS A 321 5.97 -13.82 -28.29
CA LYS A 321 6.75 -13.86 -27.10
C LYS A 321 6.20 -12.70 -26.32
N ILE A 322 6.02 -12.90 -25.02
CA ILE A 322 5.48 -11.86 -24.20
C ILE A 322 6.07 -11.91 -22.83
N GLU A 323 6.38 -10.75 -22.31
CA GLU A 323 6.97 -10.67 -21.01
C GLU A 323 6.23 -9.70 -20.09
N VAL A 324 6.06 -10.17 -18.87
CA VAL A 324 5.50 -9.40 -17.81
C VAL A 324 6.52 -9.43 -16.68
N ASN A 325 7.08 -8.29 -16.39
CA ASN A 325 7.98 -8.12 -15.26
C ASN A 325 7.60 -6.83 -14.56
N GLU A 326 8.46 -6.41 -13.64
CA GLU A 326 8.23 -5.24 -12.81
C GLU A 326 8.09 -3.93 -13.52
N SER A 327 8.75 -3.74 -14.67
CA SER A 327 8.47 -2.59 -15.59
C SER A 327 8.94 -2.77 -17.06
N GLY A 328 9.80 -1.88 -17.55
CA GLY A 328 10.62 -2.17 -18.73
C GLY A 328 12.10 -2.32 -18.35
N THR A 329 12.40 -2.13 -17.07
CA THR A 329 13.76 -2.03 -16.52
C THR A 329 14.23 -0.59 -16.59
N ALA A 336 18.27 -4.16 -1.22
CA ALA A 336 17.43 -3.40 -0.29
C ALA A 336 17.11 -4.21 0.97
N VAL A 337 17.32 -3.59 2.12
CA VAL A 337 17.04 -4.20 3.41
C VAL A 337 15.53 -4.34 3.72
N ILE A 338 14.72 -3.47 3.12
CA ILE A 338 13.33 -3.25 3.56
C ILE A 338 12.37 -3.55 2.45
N VAL A 339 11.15 -3.91 2.81
CA VAL A 339 10.05 -3.98 1.87
C VAL A 339 8.85 -3.38 2.60
N SER A 340 8.39 -2.20 2.18
CA SER A 340 7.35 -1.50 2.93
C SER A 340 6.26 -1.24 2.00
N ALA A 341 5.04 -1.21 2.55
CA ALA A 341 3.87 -0.89 1.75
C ALA A 341 2.67 -0.40 2.60
N ARG A 342 1.73 0.29 1.96
CA ARG A 342 0.43 0.60 2.56
C ARG A 342 -0.31 -0.71 2.79
N MET A 343 -0.91 -0.87 3.96
CA MET A 343 -1.79 -1.97 4.19
C MET A 343 -3.04 -1.74 3.37
N ALA A 344 -3.65 -2.82 2.93
CA ALA A 344 -4.87 -2.74 2.12
C ALA A 344 -5.99 -3.63 2.67
N PRO A 345 -7.24 -3.24 2.43
CA PRO A 345 -8.34 -4.06 2.92
C PRO A 345 -8.19 -5.49 2.46
N GLU A 346 -8.24 -5.71 1.16
CA GLU A 346 -8.27 -7.07 0.66
C GLU A 346 -7.05 -7.25 -0.18
N GLU A 347 -6.71 -8.51 -0.43
CA GLU A 347 -5.62 -8.87 -1.29
C GLU A 347 -6.11 -9.78 -2.42
N ILE A 348 -5.37 -9.78 -3.52
CA ILE A 348 -5.64 -10.62 -4.66
C ILE A 348 -4.36 -11.31 -5.06
N ILE A 349 -4.24 -12.57 -4.67
CA ILE A 349 -3.05 -13.35 -4.95
C ILE A 349 -3.31 -14.24 -6.15
N ILE A 350 -2.71 -13.96 -7.30
CA ILE A 350 -2.94 -14.74 -8.53
C ILE A 350 -1.97 -15.90 -8.46
N ASP A 351 -2.35 -16.94 -7.74
CA ASP A 351 -1.45 -18.08 -7.49
C ASP A 351 -1.98 -19.34 -8.19
N ARG A 352 -2.86 -19.15 -9.16
CA ARG A 352 -3.42 -20.25 -9.92
C ARG A 352 -3.55 -19.85 -11.39
N PRO A 353 -3.91 -20.80 -12.27
CA PRO A 353 -4.07 -20.46 -13.69
C PRO A 353 -4.99 -19.28 -13.98
N PHE A 354 -4.59 -18.45 -14.93
CA PHE A 354 -5.35 -17.25 -15.21
C PHE A 354 -5.25 -16.88 -16.67
N LEU A 355 -6.07 -15.95 -17.07
CA LEU A 355 -6.10 -15.46 -18.41
C LEU A 355 -5.67 -14.00 -18.41
N PHE A 356 -5.04 -13.58 -19.48
CA PHE A 356 -4.73 -12.18 -19.63
C PHE A 356 -5.12 -11.71 -21.01
N VAL A 357 -5.43 -10.43 -21.10
CA VAL A 357 -5.71 -9.79 -22.36
C VAL A 357 -4.99 -8.45 -22.36
N VAL A 358 -4.30 -8.15 -23.45
CA VAL A 358 -3.72 -6.82 -23.60
C VAL A 358 -4.55 -6.13 -24.65
N ARG A 359 -5.03 -4.95 -24.31
CA ARG A 359 -5.93 -4.20 -25.15
C ARG A 359 -5.32 -2.86 -25.49
N HIS A 360 -5.53 -2.43 -26.72
CA HIS A 360 -5.28 -1.07 -27.14
C HIS A 360 -6.52 -0.22 -26.81
N ASN A 361 -6.40 0.60 -25.77
CA ASN A 361 -7.60 1.31 -25.27
C ASN A 361 -8.30 2.24 -26.28
N PRO A 362 -7.56 3.09 -26.99
CA PRO A 362 -8.15 3.99 -28.00
C PRO A 362 -9.03 3.33 -29.08
N THR A 363 -8.77 2.07 -29.43
CA THR A 363 -9.57 1.38 -30.44
C THR A 363 -10.29 0.15 -29.90
N GLY A 364 -9.87 -0.34 -28.73
CA GLY A 364 -10.41 -1.58 -28.19
C GLY A 364 -9.80 -2.84 -28.76
N THR A 365 -8.82 -2.71 -29.63
CA THR A 365 -8.24 -3.88 -30.30
C THR A 365 -7.61 -4.77 -29.26
N VAL A 366 -7.79 -6.07 -29.40
CA VAL A 366 -7.16 -7.05 -28.52
C VAL A 366 -5.84 -7.45 -29.12
N LEU A 367 -4.74 -6.93 -28.57
CA LEU A 367 -3.43 -7.14 -29.19
C LEU A 367 -2.95 -8.54 -28.82
N PHE A 368 -3.09 -8.88 -27.56
CA PHE A 368 -2.55 -10.13 -27.10
C PHE A 368 -3.51 -10.79 -26.16
N MET A 369 -3.38 -12.09 -26.13
CA MET A 369 -4.26 -12.88 -25.32
C MET A 369 -3.55 -14.15 -24.92
N GLY A 370 -3.81 -14.59 -23.69
CA GLY A 370 -3.18 -15.82 -23.26
C GLY A 370 -3.74 -16.45 -22.01
N GLN A 371 -3.34 -17.69 -21.79
CA GLN A 371 -3.65 -18.37 -20.54
C GLN A 371 -2.38 -18.88 -19.94
N VAL A 372 -2.10 -18.47 -18.70
CA VAL A 372 -0.92 -18.87 -18.03
C VAL A 372 -1.31 -19.97 -17.06
N MET A 373 -0.90 -21.19 -17.36
CA MET A 373 -1.10 -22.37 -16.52
C MET A 373 0.12 -22.65 -15.65
N GLU A 374 1.29 -22.18 -16.07
CA GLU A 374 2.49 -22.19 -15.24
C GLU A 374 3.50 -21.13 -15.65
N PRO A 375 3.76 -20.11 -14.83
CA PRO A 375 4.80 -19.14 -15.18
C PRO A 375 6.22 -19.58 -14.90
N PRO B 1 -56.55 -17.16 -18.63
CA PRO B 1 -56.11 -15.73 -18.62
C PRO B 1 -55.34 -15.28 -17.30
N SER B 2 -56.05 -15.15 -16.15
CA SER B 2 -55.40 -15.28 -14.83
C SER B 2 -55.02 -16.77 -14.60
N TYR B 3 -55.66 -17.66 -15.37
CA TYR B 3 -55.23 -19.08 -15.44
C TYR B 3 -53.82 -19.23 -16.06
N VAL B 4 -53.64 -18.70 -17.27
CA VAL B 4 -52.39 -18.82 -17.99
C VAL B 4 -51.31 -18.07 -17.18
N ALA B 5 -51.65 -16.85 -16.77
CA ALA B 5 -50.78 -16.05 -15.90
C ALA B 5 -50.34 -16.87 -14.68
N HIS B 6 -51.23 -17.69 -14.15
CA HIS B 6 -50.86 -18.46 -12.99
C HIS B 6 -49.81 -19.54 -13.36
N LEU B 7 -50.09 -20.30 -14.41
CA LEU B 7 -49.15 -21.35 -14.87
C LEU B 7 -47.77 -20.77 -15.24
N ALA B 8 -47.82 -19.76 -16.10
CA ALA B 8 -46.67 -19.00 -16.55
C ALA B 8 -45.79 -18.55 -15.38
N SER B 9 -46.41 -17.95 -14.38
CA SER B 9 -45.72 -17.44 -13.21
C SER B 9 -45.25 -18.57 -12.34
N ASP B 10 -45.99 -19.65 -12.31
CA ASP B 10 -45.55 -20.73 -11.45
C ASP B 10 -44.36 -21.40 -12.04
N PHE B 11 -44.40 -21.65 -13.34
CA PHE B 11 -43.27 -22.21 -13.99
C PHE B 11 -42.05 -21.26 -13.82
N GLY B 12 -42.27 -19.96 -14.01
CA GLY B 12 -41.16 -19.03 -13.98
C GLY B 12 -40.49 -18.99 -12.63
N VAL B 13 -41.30 -18.96 -11.58
CA VAL B 13 -40.80 -18.96 -10.24
C VAL B 13 -39.97 -20.20 -9.98
N ARG B 14 -40.43 -21.32 -10.51
CA ARG B 14 -39.69 -22.59 -10.44
C ARG B 14 -38.33 -22.54 -11.10
N VAL B 15 -38.22 -21.84 -12.23
CA VAL B 15 -36.88 -21.64 -12.84
C VAL B 15 -36.02 -20.75 -11.96
N PHE B 16 -36.60 -19.65 -11.47
CA PHE B 16 -35.83 -18.74 -10.63
C PHE B 16 -35.23 -19.48 -9.43
N GLN B 17 -36.02 -20.38 -8.89
CA GLN B 17 -35.59 -21.17 -7.76
C GLN B 17 -34.35 -21.96 -8.13
N GLN B 18 -34.29 -22.44 -9.36
CA GLN B 18 -33.12 -23.19 -9.79
C GLN B 18 -31.89 -22.30 -9.86
N VAL B 19 -32.02 -21.11 -10.44
CA VAL B 19 -30.90 -20.26 -10.60
C VAL B 19 -30.43 -19.69 -9.26
N ALA B 20 -31.36 -19.33 -8.38
CA ALA B 20 -31.06 -18.79 -7.05
C ALA B 20 -30.24 -19.77 -6.22
N GLN B 21 -30.50 -21.05 -6.41
CA GLN B 21 -29.80 -22.10 -5.70
C GLN B 21 -28.40 -22.29 -6.24
N ALA B 22 -28.20 -22.02 -7.52
CA ALA B 22 -26.86 -22.14 -8.10
C ALA B 22 -26.06 -20.85 -7.94
N SER B 23 -26.65 -19.83 -7.32
CA SER B 23 -26.02 -18.51 -7.16
C SER B 23 -26.24 -17.98 -5.76
N LYS B 24 -25.88 -18.81 -4.78
CA LYS B 24 -26.02 -18.43 -3.37
C LYS B 24 -25.02 -17.30 -3.11
N ASP B 25 -25.44 -16.35 -2.30
CA ASP B 25 -24.61 -15.22 -1.95
C ASP B 25 -24.22 -14.28 -3.10
N ARG B 26 -24.94 -14.32 -4.23
CA ARG B 26 -24.82 -13.25 -5.25
C ARG B 26 -26.16 -12.72 -5.71
N ASN B 27 -26.16 -11.46 -6.16
CA ASN B 27 -27.34 -10.86 -6.71
C ASN B 27 -27.84 -11.62 -7.90
N VAL B 28 -29.17 -11.67 -8.03
CA VAL B 28 -29.81 -12.18 -9.26
C VAL B 28 -31.14 -11.57 -9.49
N VAL B 29 -31.39 -11.20 -10.74
CA VAL B 29 -32.72 -10.71 -11.17
C VAL B 29 -33.17 -11.63 -12.25
N PHE B 30 -34.46 -11.78 -12.44
CA PHE B 30 -35.01 -12.81 -13.32
C PHE B 30 -36.45 -12.46 -13.61
N SER B 31 -36.96 -12.89 -14.72
CA SER B 31 -38.34 -12.72 -15.09
C SER B 31 -39.01 -14.08 -15.25
N PRO B 32 -39.80 -14.46 -14.27
CA PRO B 32 -40.52 -15.71 -14.40
C PRO B 32 -41.46 -15.63 -15.60
N TYR B 33 -42.05 -14.47 -15.83
CA TYR B 33 -42.95 -14.30 -16.96
C TYR B 33 -42.24 -14.51 -18.29
N GLY B 34 -41.08 -13.83 -18.38
CA GLY B 34 -40.23 -13.90 -19.58
C GLY B 34 -39.85 -15.29 -20.03
N VAL B 35 -39.39 -16.14 -19.11
CA VAL B 35 -38.93 -17.47 -19.47
C VAL B 35 -40.12 -18.36 -19.90
N ALA B 36 -41.30 -18.13 -19.30
CA ALA B 36 -42.51 -18.87 -19.67
C ALA B 36 -42.90 -18.50 -21.04
N SER B 37 -42.80 -17.24 -21.36
CA SER B 37 -43.24 -16.69 -22.63
C SER B 37 -42.42 -17.25 -23.81
N VAL B 38 -41.08 -17.28 -23.69
CA VAL B 38 -40.26 -17.87 -24.75
C VAL B 38 -40.37 -19.37 -24.80
N LEU B 39 -40.52 -20.01 -23.66
CA LEU B 39 -40.60 -21.41 -23.71
C LEU B 39 -41.91 -21.82 -24.31
N ALA B 40 -42.95 -21.03 -24.08
CA ALA B 40 -44.23 -21.27 -24.73
C ALA B 40 -44.11 -21.22 -26.25
N MET B 41 -43.42 -20.22 -26.78
CA MET B 41 -43.14 -20.17 -28.22
C MET B 41 -42.37 -21.42 -28.62
N LEU B 42 -41.33 -21.74 -27.86
CA LEU B 42 -40.48 -22.85 -28.26
C LEU B 42 -41.32 -24.09 -28.43
N GLN B 43 -42.33 -24.23 -27.59
CA GLN B 43 -43.20 -25.42 -27.59
C GLN B 43 -43.67 -25.72 -28.97
N LEU B 44 -44.14 -24.71 -29.66
CA LEU B 44 -44.71 -24.91 -30.95
C LEU B 44 -43.70 -25.51 -31.98
N THR B 45 -42.39 -25.33 -31.73
CA THR B 45 -41.36 -25.83 -32.63
C THR B 45 -40.92 -27.24 -32.36
N THR B 46 -41.35 -27.84 -31.24
CA THR B 46 -40.84 -29.16 -30.81
C THR B 46 -41.79 -30.32 -31.11
N GLY B 47 -41.31 -31.55 -30.88
CA GLY B 47 -42.14 -32.74 -31.06
C GLY B 47 -41.62 -33.84 -30.17
N GLY B 48 -42.35 -34.94 -30.07
CA GLY B 48 -41.81 -36.17 -29.43
C GLY B 48 -41.58 -35.92 -27.93
N GLU B 49 -40.52 -36.52 -27.37
CA GLU B 49 -40.23 -36.41 -25.94
C GLU B 49 -39.69 -35.01 -25.58
N THR B 50 -39.18 -34.26 -26.56
CA THR B 50 -38.70 -32.93 -26.34
C THR B 50 -39.92 -32.08 -25.97
N GLN B 51 -40.97 -32.23 -26.78
CA GLN B 51 -42.24 -31.56 -26.54
C GLN B 51 -42.83 -31.95 -25.20
N GLN B 52 -42.82 -33.26 -24.89
CA GLN B 52 -43.42 -33.73 -23.66
C GLN B 52 -42.71 -33.14 -22.47
N GLN B 53 -41.36 -33.10 -22.51
CA GLN B 53 -40.62 -32.59 -21.33
C GLN B 53 -41.03 -31.16 -21.02
N ILE B 54 -41.20 -30.36 -22.07
CA ILE B 54 -41.56 -28.95 -21.87
C ILE B 54 -42.98 -28.73 -21.36
N GLN B 55 -43.94 -29.29 -22.08
CA GLN B 55 -45.33 -29.31 -21.64
C GLN B 55 -45.55 -29.80 -20.17
N ALA B 56 -44.82 -30.84 -19.78
CA ALA B 56 -44.89 -31.37 -18.44
C ALA B 56 -44.40 -30.37 -17.45
N ALA B 57 -43.27 -29.75 -17.75
CA ALA B 57 -42.65 -28.85 -16.79
C ALA B 57 -43.49 -27.59 -16.67
N MET B 58 -44.02 -27.13 -17.79
CA MET B 58 -44.79 -25.91 -17.82
C MET B 58 -46.19 -26.11 -17.34
N GLY B 59 -46.69 -27.35 -17.46
CA GLY B 59 -48.07 -27.67 -17.14
C GLY B 59 -49.17 -27.22 -18.09
N PHE B 60 -48.84 -26.91 -19.34
CA PHE B 60 -49.85 -26.63 -20.36
C PHE B 60 -49.25 -26.63 -21.77
N LYS B 61 -50.10 -26.91 -22.74
CA LYS B 61 -49.72 -27.07 -24.12
C LYS B 61 -50.16 -25.82 -24.82
N ILE B 62 -49.22 -25.15 -25.51
CA ILE B 62 -49.52 -23.90 -26.21
C ILE B 62 -50.57 -24.10 -27.30
N ASP B 63 -50.63 -25.32 -27.82
CA ASP B 63 -51.58 -25.70 -28.85
C ASP B 63 -52.99 -25.61 -28.33
N ASP B 64 -53.22 -26.17 -27.15
CA ASP B 64 -54.56 -26.35 -26.64
C ASP B 64 -55.41 -25.09 -26.78
N LYS B 65 -56.70 -25.32 -27.07
CA LYS B 65 -57.73 -24.30 -27.27
C LYS B 65 -57.59 -23.17 -26.30
N GLY B 66 -57.61 -21.94 -26.83
CA GLY B 66 -57.55 -20.70 -26.05
C GLY B 66 -56.27 -20.37 -25.27
N MET B 67 -55.27 -21.24 -25.33
CA MET B 67 -54.05 -21.02 -24.56
C MET B 67 -53.17 -19.90 -25.07
N ALA B 68 -52.91 -19.86 -26.38
CA ALA B 68 -52.08 -18.78 -26.95
C ALA B 68 -52.79 -17.41 -26.94
N PRO B 69 -54.06 -17.36 -27.36
CA PRO B 69 -54.82 -16.10 -27.28
C PRO B 69 -54.78 -15.49 -25.88
N ALA B 70 -54.90 -16.32 -24.87
CA ALA B 70 -54.81 -15.83 -23.49
C ALA B 70 -53.44 -15.21 -23.15
N LEU B 71 -52.36 -15.77 -23.70
CA LEU B 71 -51.02 -15.20 -23.46
C LEU B 71 -50.81 -13.94 -24.26
N ARG B 72 -51.47 -13.84 -25.41
CA ARG B 72 -51.41 -12.64 -26.22
C ARG B 72 -52.24 -11.56 -25.57
N HIS B 73 -53.41 -11.96 -25.10
CA HIS B 73 -54.27 -11.06 -24.32
C HIS B 73 -53.47 -10.54 -23.16
N LEU B 74 -52.85 -11.44 -22.42
CA LEU B 74 -51.97 -11.06 -21.30
C LEU B 74 -50.77 -10.15 -21.69
N TYR B 75 -50.19 -10.33 -22.88
CA TYR B 75 -49.08 -9.45 -23.33
C TYR B 75 -49.54 -7.99 -23.60
N LYS B 76 -50.75 -7.79 -24.13
CA LYS B 76 -51.27 -6.43 -24.33
C LYS B 76 -51.60 -5.77 -22.97
N GLU B 77 -52.22 -6.55 -22.10
CA GLU B 77 -52.61 -6.16 -20.76
C GLU B 77 -51.43 -5.73 -19.88
N LEU B 78 -50.24 -6.19 -20.25
CA LEU B 78 -49.00 -5.89 -19.52
C LEU B 78 -48.18 -4.78 -20.20
N MET B 79 -48.34 -4.62 -21.51
CA MET B 79 -47.71 -3.52 -22.25
C MET B 79 -48.76 -2.43 -22.44
N GLY B 80 -49.78 -2.43 -21.57
CA GLY B 80 -50.89 -1.50 -21.67
C GLY B 80 -50.49 -0.03 -21.74
N PRO B 81 -51.48 0.85 -21.92
CA PRO B 81 -51.21 2.30 -21.97
C PRO B 81 -50.68 2.89 -20.65
N TRP B 82 -51.13 2.34 -19.52
CA TRP B 82 -50.65 2.69 -18.17
C TRP B 82 -49.11 2.64 -18.01
N ASN B 83 -48.45 1.83 -18.85
CA ASN B 83 -47.01 1.52 -18.77
C ASN B 83 -46.10 2.72 -18.44
N LYS B 84 -45.73 3.49 -19.46
CA LYS B 84 -44.92 4.73 -19.35
C LYS B 84 -43.40 4.47 -19.27
N ASP B 85 -42.88 3.79 -20.29
CA ASP B 85 -41.43 3.52 -20.46
C ASP B 85 -40.75 2.83 -19.26
N GLU B 86 -41.53 2.13 -18.44
CA GLU B 86 -40.99 1.48 -17.25
C GLU B 86 -40.58 0.03 -17.56
N ILE B 87 -41.34 -0.65 -18.45
CA ILE B 87 -41.20 -2.11 -18.65
C ILE B 87 -41.09 -2.51 -20.13
N SER B 88 -39.93 -3.05 -20.49
CA SER B 88 -39.70 -3.52 -21.86
C SER B 88 -39.44 -5.02 -21.81
N THR B 89 -39.96 -5.74 -22.80
CA THR B 89 -39.78 -7.17 -22.84
C THR B 89 -39.71 -7.61 -24.28
N THR B 90 -38.88 -8.62 -24.56
CA THR B 90 -38.75 -9.20 -25.91
C THR B 90 -38.36 -10.66 -25.87
N ASP B 91 -38.88 -11.41 -26.83
CA ASP B 91 -38.61 -12.83 -26.98
C ASP B 91 -38.21 -13.05 -28.42
N ALA B 92 -37.31 -14.00 -28.65
CA ALA B 92 -36.98 -14.36 -29.99
C ALA B 92 -36.26 -15.70 -30.13
N ILE B 93 -36.55 -16.37 -31.23
CA ILE B 93 -35.95 -17.59 -31.61
C ILE B 93 -35.31 -17.30 -32.95
N PHE B 94 -34.05 -17.71 -33.11
CA PHE B 94 -33.26 -17.54 -34.32
C PHE B 94 -32.86 -18.91 -34.79
N VAL B 95 -33.17 -19.24 -36.05
CA VAL B 95 -32.81 -20.56 -36.59
C VAL B 95 -31.90 -20.40 -37.80
N GLN B 96 -31.08 -21.40 -38.09
CA GLN B 96 -30.19 -21.30 -39.27
C GLN B 96 -31.03 -21.03 -40.50
N ARG B 97 -30.68 -20.00 -41.26
CA ARG B 97 -31.55 -19.52 -42.36
C ARG B 97 -31.63 -20.39 -43.62
N ASP B 98 -30.77 -21.37 -43.74
CA ASP B 98 -30.81 -22.21 -44.93
C ASP B 98 -31.56 -23.54 -44.68
N LEU B 99 -32.31 -23.62 -43.59
CA LEU B 99 -32.98 -24.87 -43.23
C LEU B 99 -34.35 -24.92 -43.83
N LYS B 100 -34.72 -26.10 -44.34
CA LYS B 100 -36.07 -26.34 -44.87
C LYS B 100 -37.09 -26.54 -43.71
N LEU B 101 -37.89 -25.50 -43.48
CA LEU B 101 -38.89 -25.52 -42.41
C LEU B 101 -40.12 -26.29 -42.86
N VAL B 102 -40.85 -26.87 -41.91
CA VAL B 102 -42.07 -27.60 -42.26
C VAL B 102 -43.14 -26.61 -42.78
N GLN B 103 -43.85 -27.07 -43.82
CA GLN B 103 -44.76 -26.20 -44.53
C GLN B 103 -45.84 -25.76 -43.59
N GLY B 104 -46.24 -24.50 -43.67
CA GLY B 104 -47.30 -23.98 -42.79
C GLY B 104 -46.79 -23.58 -41.42
N PHE B 105 -45.55 -23.95 -41.09
CA PHE B 105 -45.06 -23.64 -39.78
C PHE B 105 -44.90 -22.14 -39.49
N MET B 106 -44.40 -21.37 -40.45
CA MET B 106 -44.22 -19.94 -40.23
C MET B 106 -45.55 -19.21 -40.01
N PRO B 107 -46.55 -19.48 -40.85
CA PRO B 107 -47.84 -18.86 -40.64
C PRO B 107 -48.54 -19.28 -39.33
N HIS B 108 -48.39 -20.54 -38.95
CA HIS B 108 -49.01 -21.00 -37.68
C HIS B 108 -48.37 -20.25 -36.50
N PHE B 109 -47.04 -20.18 -36.52
CA PHE B 109 -46.29 -19.43 -35.50
C PHE B 109 -46.75 -17.98 -35.40
N PHE B 110 -47.01 -17.36 -36.53
CA PHE B 110 -47.50 -15.98 -36.51
C PHE B 110 -48.96 -15.86 -36.02
N ARG B 111 -49.77 -16.86 -36.36
CA ARG B 111 -51.17 -16.81 -36.01
C ARG B 111 -51.25 -16.85 -34.52
N LEU B 112 -50.35 -17.63 -33.92
CA LEU B 112 -50.39 -17.89 -32.49
C LEU B 112 -49.72 -16.79 -31.67
N PHE B 113 -48.61 -16.24 -32.16
CA PHE B 113 -47.84 -15.29 -31.35
C PHE B 113 -47.63 -13.88 -31.96
N ARG B 114 -48.06 -13.64 -33.18
CA ARG B 114 -47.82 -12.33 -33.82
C ARG B 114 -46.33 -12.02 -33.77
N SER B 115 -45.53 -13.06 -34.01
CA SER B 115 -44.09 -13.01 -34.05
C SER B 115 -43.65 -13.95 -35.14
N THR B 116 -42.40 -13.80 -35.56
CA THR B 116 -41.81 -14.72 -36.53
C THR B 116 -40.49 -15.32 -36.01
N VAL B 117 -40.17 -16.50 -36.49
CA VAL B 117 -38.89 -17.06 -36.23
C VAL B 117 -37.92 -16.38 -37.15
N LYS B 118 -36.87 -15.81 -36.57
CA LYS B 118 -35.80 -15.17 -37.36
C LYS B 118 -34.86 -16.21 -37.95
N GLN B 119 -34.75 -16.19 -39.27
CA GLN B 119 -33.76 -17.00 -40.00
C GLN B 119 -32.46 -16.25 -40.23
N VAL B 120 -31.38 -16.69 -39.59
CA VAL B 120 -30.09 -16.00 -39.72
C VAL B 120 -29.10 -16.97 -40.25
N ASP B 121 -28.13 -16.46 -41.02
CA ASP B 121 -27.03 -17.31 -41.45
C ASP B 121 -25.92 -17.31 -40.37
N PHE B 122 -25.76 -18.40 -39.64
CA PHE B 122 -24.80 -18.51 -38.55
C PHE B 122 -23.40 -18.76 -39.05
N SER B 123 -23.25 -19.03 -40.36
CA SER B 123 -21.94 -19.06 -41.02
C SER B 123 -21.29 -17.67 -41.13
N GLU B 124 -22.08 -16.62 -41.18
CA GLU B 124 -21.61 -15.24 -41.03
C GLU B 124 -21.63 -14.87 -39.52
N VAL B 125 -20.67 -15.41 -38.77
CA VAL B 125 -20.72 -15.38 -37.34
C VAL B 125 -20.96 -13.98 -36.79
N GLU B 126 -20.16 -13.02 -37.20
CA GLU B 126 -20.26 -11.66 -36.73
C GLU B 126 -21.55 -11.02 -37.07
N ARG B 127 -22.08 -11.35 -38.23
CA ARG B 127 -23.34 -10.83 -38.62
C ARG B 127 -24.45 -11.45 -37.75
N ALA B 128 -24.27 -12.69 -37.35
CA ALA B 128 -25.26 -13.40 -36.54
C ALA B 128 -25.30 -12.81 -35.14
N ARG B 129 -24.14 -12.74 -34.49
CA ARG B 129 -24.05 -12.06 -33.22
C ARG B 129 -24.63 -10.65 -33.27
N PHE B 130 -24.47 -9.99 -34.40
CA PHE B 130 -24.98 -8.61 -34.50
C PHE B 130 -26.49 -8.60 -34.59
N ILE B 131 -27.05 -9.37 -35.49
CA ILE B 131 -28.49 -9.40 -35.66
C ILE B 131 -29.22 -9.61 -34.29
N ILE B 132 -28.73 -10.61 -33.55
CA ILE B 132 -29.25 -10.99 -32.24
C ILE B 132 -29.14 -9.87 -31.22
N ASN B 133 -27.94 -9.40 -30.97
CA ASN B 133 -27.79 -8.22 -30.12
C ASN B 133 -28.66 -7.05 -30.55
N ASP B 134 -28.77 -6.85 -31.85
CA ASP B 134 -29.54 -5.74 -32.32
C ASP B 134 -31.03 -5.92 -32.13
N TRP B 135 -31.50 -7.15 -32.25
CA TRP B 135 -32.89 -7.40 -31.93
C TRP B 135 -33.22 -6.98 -30.52
N VAL B 136 -32.40 -7.41 -29.57
CA VAL B 136 -32.60 -7.12 -28.15
C VAL B 136 -32.49 -5.62 -27.85
N LYS B 137 -31.76 -4.88 -28.69
CA LYS B 137 -31.51 -3.44 -28.43
C LYS B 137 -32.71 -2.62 -28.83
N THR B 138 -33.24 -2.96 -30.02
CA THR B 138 -34.28 -2.20 -30.65
C THR B 138 -35.60 -2.51 -30.00
N HIS B 139 -35.69 -3.63 -29.31
CA HIS B 139 -36.96 -4.00 -28.67
C HIS B 139 -36.99 -3.75 -27.16
N THR B 140 -35.94 -3.14 -26.58
CA THR B 140 -35.93 -2.76 -25.18
C THR B 140 -35.52 -1.32 -24.99
N LYS B 141 -35.82 -0.52 -26.01
CA LYS B 141 -35.53 0.93 -26.01
C LYS B 141 -34.05 1.19 -25.79
N GLY B 142 -33.21 0.28 -26.28
CA GLY B 142 -31.81 0.38 -26.03
C GLY B 142 -31.34 0.10 -24.62
N MET B 143 -32.24 -0.27 -23.69
CA MET B 143 -31.81 -0.43 -22.27
C MET B 143 -30.99 -1.69 -22.11
N ILE B 144 -31.30 -2.66 -22.98
CA ILE B 144 -30.47 -3.82 -23.13
C ILE B 144 -29.96 -3.95 -24.56
N SER B 145 -28.68 -3.76 -24.75
CA SER B 145 -28.12 -3.79 -26.12
C SER B 145 -27.17 -4.91 -26.41
N HIS B 146 -26.94 -5.80 -25.46
CA HIS B 146 -25.94 -6.82 -25.69
C HIS B 146 -26.02 -7.98 -24.69
N LEU B 147 -25.95 -9.17 -25.25
CA LEU B 147 -25.91 -10.42 -24.52
C LEU B 147 -24.52 -10.99 -24.66
N LEU B 148 -23.86 -11.15 -23.53
CA LEU B 148 -22.52 -11.67 -23.49
C LEU B 148 -22.46 -13.09 -24.08
N GLY B 149 -23.53 -13.84 -23.91
CA GLY B 149 -23.52 -15.24 -24.30
C GLY B 149 -23.55 -15.47 -25.78
N THR B 150 -23.89 -14.44 -26.56
CA THR B 150 -23.75 -14.52 -28.01
C THR B 150 -22.26 -14.73 -28.39
N GLY B 151 -21.37 -14.44 -27.44
CA GLY B 151 -19.97 -14.72 -27.59
C GLY B 151 -19.70 -16.19 -27.88
N ALA B 152 -20.69 -17.03 -27.76
CA ALA B 152 -20.47 -18.43 -28.11
C ALA B 152 -21.24 -18.85 -29.36
N VAL B 153 -21.97 -17.94 -30.01
CA VAL B 153 -22.60 -18.36 -31.25
C VAL B 153 -21.45 -18.45 -32.23
N ASP B 154 -21.38 -19.53 -32.98
CA ASP B 154 -20.35 -19.69 -34.03
C ASP B 154 -20.98 -20.37 -35.28
N GLN B 155 -20.15 -20.91 -36.16
CA GLN B 155 -20.59 -21.45 -37.44
C GLN B 155 -21.46 -22.69 -37.26
N LEU B 156 -21.32 -23.36 -36.14
CA LEU B 156 -22.13 -24.57 -35.84
C LEU B 156 -23.51 -24.30 -35.21
N THR B 157 -23.68 -23.14 -34.60
CA THR B 157 -24.93 -22.76 -34.01
C THR B 157 -26.07 -22.92 -35.02
N ARG B 158 -27.09 -23.70 -34.67
CA ARG B 158 -28.29 -23.82 -35.51
C ARG B 158 -29.52 -23.10 -34.91
N LEU B 159 -29.59 -23.02 -33.58
CA LEU B 159 -30.82 -22.60 -32.92
C LEU B 159 -30.56 -21.88 -31.62
N VAL B 160 -31.13 -20.70 -31.51
CA VAL B 160 -30.82 -19.83 -30.40
C VAL B 160 -32.08 -19.18 -29.92
N LEU B 161 -32.23 -19.12 -28.59
CA LEU B 161 -33.46 -18.57 -27.99
C LEU B 161 -33.11 -17.49 -26.96
N VAL B 162 -33.75 -16.35 -27.06
CA VAL B 162 -33.40 -15.23 -26.25
C VAL B 162 -34.65 -14.60 -25.60
N ASN B 163 -34.46 -14.05 -24.41
CA ASN B 163 -35.52 -13.28 -23.76
C ASN B 163 -34.85 -12.16 -22.98
N ALA B 164 -35.32 -10.94 -23.19
CA ALA B 164 -34.71 -9.79 -22.55
C ALA B 164 -35.77 -8.82 -22.00
N LEU B 165 -35.58 -8.30 -20.78
CA LEU B 165 -36.55 -7.41 -20.11
C LEU B 165 -35.88 -6.26 -19.38
N TYR B 166 -36.45 -5.08 -19.46
CA TYR B 166 -36.01 -3.95 -18.67
C TYR B 166 -37.12 -3.40 -17.82
N PHE B 167 -36.78 -3.00 -16.60
CA PHE B 167 -37.80 -2.36 -15.76
C PHE B 167 -37.22 -1.38 -14.80
N ASN B 168 -37.82 -0.19 -14.80
CA ASN B 168 -37.56 0.88 -13.82
C ASN B 168 -38.88 1.55 -13.52
N GLY B 169 -39.48 1.19 -12.40
CA GLY B 169 -40.84 1.70 -12.08
C GLY B 169 -40.94 3.07 -11.42
N GLN B 170 -41.99 3.80 -11.75
CA GLN B 170 -42.39 5.01 -11.02
C GLN B 170 -43.36 4.65 -9.84
N TRP B 171 -42.87 4.80 -8.62
CA TRP B 171 -43.65 4.49 -7.42
C TRP B 171 -44.93 5.32 -7.30
N LYS B 172 -45.95 4.73 -6.72
CA LYS B 172 -47.19 5.47 -6.45
C LYS B 172 -46.88 6.59 -5.49
N THR B 173 -46.07 6.30 -4.48
CA THR B 173 -45.65 7.28 -3.52
C THR B 173 -44.12 7.39 -3.51
N PRO B 174 -43.60 8.39 -4.23
CA PRO B 174 -42.16 8.54 -4.35
C PRO B 174 -41.50 8.61 -2.98
N PHE B 175 -40.29 8.05 -2.84
CA PHE B 175 -39.49 8.22 -1.62
C PHE B 175 -38.95 9.66 -1.67
N PRO B 176 -38.95 10.36 -0.54
CA PRO B 176 -38.36 11.69 -0.60
C PRO B 176 -36.86 11.59 -0.89
N ASP B 177 -36.39 12.39 -1.82
CA ASP B 177 -34.95 12.41 -2.16
C ASP B 177 -34.06 12.83 -1.00
N SER B 178 -34.53 13.74 -0.18
CA SER B 178 -33.80 14.11 1.00
C SER B 178 -33.70 13.01 2.07
N SER B 179 -34.40 11.92 1.91
CA SER B 179 -34.39 10.92 2.96
C SER B 179 -33.23 9.94 2.77
N THR B 180 -32.74 9.82 1.54
CA THR B 180 -31.67 8.87 1.17
C THR B 180 -30.35 9.16 1.92
N HIS B 181 -29.67 8.14 2.37
CA HIS B 181 -28.49 8.31 3.23
C HIS B 181 -27.81 6.96 3.23
N ARG B 182 -26.66 6.86 3.88
CA ARG B 182 -25.93 5.61 3.88
C ARG B 182 -26.08 4.87 5.20
N ARG B 183 -26.26 3.55 5.15
CA ARG B 183 -26.35 2.74 6.34
C ARG B 183 -25.57 1.51 6.05
N LEU B 184 -25.17 0.84 7.11
CA LEU B 184 -24.47 -0.39 7.01
C LEU B 184 -25.45 -1.41 6.44
N PHE B 185 -24.95 -2.31 5.59
CA PHE B 185 -25.70 -3.43 5.07
C PHE B 185 -24.96 -4.69 5.45
N HIS B 186 -25.68 -5.68 5.99
CA HIS B 186 -25.02 -6.89 6.48
C HIS B 186 -25.13 -7.96 5.47
N LYS B 187 -23.98 -8.48 5.07
CA LYS B 187 -23.91 -9.54 4.10
C LYS B 187 -24.05 -10.86 4.79
N SER B 188 -24.48 -11.87 4.06
CA SER B 188 -24.59 -13.22 4.61
C SER B 188 -23.20 -13.77 4.96
N ASP B 189 -22.20 -13.14 4.37
CA ASP B 189 -20.78 -13.24 4.72
C ASP B 189 -20.51 -13.03 6.22
N GLY B 190 -21.37 -12.27 6.89
CA GLY B 190 -21.04 -11.69 8.19
C GLY B 190 -20.33 -10.35 8.05
N SER B 191 -19.96 -9.98 6.82
CA SER B 191 -19.29 -8.71 6.57
C SER B 191 -20.28 -7.60 6.33
N THR B 192 -19.77 -6.37 6.28
CA THR B 192 -20.59 -5.19 6.24
C THR B 192 -20.11 -4.28 5.14
N VAL B 193 -21.02 -3.52 4.55
CA VAL B 193 -20.64 -2.49 3.56
C VAL B 193 -21.62 -1.35 3.70
N SER B 194 -21.18 -0.15 3.43
CA SER B 194 -22.05 1.00 3.57
C SER B 194 -22.69 1.28 2.23
N VAL B 195 -24.03 1.37 2.16
CA VAL B 195 -24.69 1.68 0.87
C VAL B 195 -25.79 2.73 1.03
N PRO B 196 -26.18 3.36 -0.08
CA PRO B 196 -27.27 4.30 0.03
C PRO B 196 -28.59 3.56 0.15
N MET B 197 -29.33 3.95 1.17
CA MET B 197 -30.65 3.43 1.45
C MET B 197 -31.68 4.53 1.45
N MET B 198 -32.82 4.28 0.82
CA MET B 198 -33.91 5.26 0.76
C MET B 198 -34.78 5.08 1.97
N ALA B 199 -35.76 5.96 2.15
CA ALA B 199 -36.58 5.92 3.38
C ALA B 199 -37.83 6.71 3.24
N GLN B 200 -38.94 6.16 3.71
CA GLN B 200 -40.15 6.96 3.79
C GLN B 200 -41.04 6.40 4.85
N THR B 201 -41.89 7.29 5.38
CA THR B 201 -42.84 6.94 6.44
C THR B 201 -44.21 7.06 5.81
N ASN B 202 -44.98 5.97 5.86
CA ASN B 202 -46.33 5.91 5.26
C ASN B 202 -47.06 4.68 5.81
N LYS B 203 -48.32 4.56 5.41
CA LYS B 203 -49.14 3.40 5.71
C LYS B 203 -48.81 2.37 4.63
N PHE B 204 -47.97 1.41 4.98
CA PHE B 204 -47.60 0.39 4.01
C PHE B 204 -48.42 -0.89 4.16
N ASN B 205 -48.80 -1.46 3.03
CA ASN B 205 -49.36 -2.79 3.04
C ASN B 205 -48.31 -3.72 3.57
N TYR B 206 -48.55 -4.30 4.73
CA TYR B 206 -47.60 -5.19 5.38
C TYR B 206 -48.24 -6.50 5.83
N THR B 207 -47.40 -7.48 6.16
CA THR B 207 -47.78 -8.73 6.79
C THR B 207 -46.55 -9.55 7.22
N GLU B 208 -46.78 -10.56 8.01
CA GLU B 208 -45.68 -11.36 8.56
C GLU B 208 -46.00 -12.84 8.36
N PHE B 209 -45.04 -13.61 7.86
CA PHE B 209 -45.25 -15.01 7.63
C PHE B 209 -44.16 -15.75 8.36
N THR B 210 -44.32 -17.06 8.46
CA THR B 210 -43.27 -17.90 8.99
C THR B 210 -42.89 -19.02 8.02
N THR B 211 -41.64 -19.46 8.10
CA THR B 211 -41.19 -20.59 7.33
C THR B 211 -41.65 -21.88 8.01
N PRO B 212 -41.61 -23.02 7.29
CA PRO B 212 -41.90 -24.29 7.96
C PRO B 212 -41.09 -24.51 9.23
N ASP B 213 -39.95 -23.86 9.40
CA ASP B 213 -39.13 -24.06 10.61
C ASP B 213 -39.43 -23.03 11.66
N GLY B 214 -40.37 -22.13 11.41
CA GLY B 214 -40.80 -21.17 12.44
C GLY B 214 -40.19 -19.77 12.40
N HIS B 215 -39.28 -19.53 11.48
CA HIS B 215 -38.61 -18.25 11.42
C HIS B 215 -39.54 -17.26 10.78
N TYR B 216 -39.78 -16.16 11.48
CA TYR B 216 -40.63 -15.06 11.01
C TYR B 216 -39.95 -14.28 9.87
N TYR B 217 -40.72 -13.72 8.95
CA TYR B 217 -40.17 -12.88 7.89
C TYR B 217 -41.17 -11.80 7.48
N ASP B 218 -40.68 -10.62 7.13
CA ASP B 218 -41.55 -9.52 6.80
C ASP B 218 -41.75 -9.48 5.32
N ILE B 219 -42.87 -8.93 4.89
CA ILE B 219 -43.20 -8.78 3.49
C ILE B 219 -43.89 -7.46 3.41
N LEU B 220 -43.45 -6.54 2.54
CA LEU B 220 -44.16 -5.29 2.36
C LEU B 220 -44.52 -5.18 0.95
N GLU B 221 -45.54 -4.35 0.66
CA GLU B 221 -45.84 -4.05 -0.70
C GLU B 221 -45.61 -2.57 -0.94
N LEU B 222 -45.11 -2.26 -2.13
CA LEU B 222 -44.90 -0.92 -2.60
C LEU B 222 -45.57 -0.79 -3.94
N PRO B 223 -46.67 -0.05 -4.01
CA PRO B 223 -47.36 0.12 -5.30
C PRO B 223 -46.65 1.08 -6.25
N TYR B 224 -46.98 0.93 -7.53
CA TYR B 224 -46.57 1.82 -8.57
C TYR B 224 -47.78 2.57 -9.07
N HIS B 225 -47.53 3.65 -9.81
CA HIS B 225 -48.60 4.55 -10.30
C HIS B 225 -49.68 3.70 -10.95
N GLY B 226 -50.94 4.03 -10.71
CA GLY B 226 -52.07 3.26 -11.24
C GLY B 226 -52.47 2.04 -10.43
N ASP B 227 -51.62 1.64 -9.49
CA ASP B 227 -51.78 0.35 -8.75
C ASP B 227 -51.73 -0.92 -9.60
N THR B 228 -51.57 -0.77 -10.91
CA THR B 228 -51.35 -1.91 -11.79
C THR B 228 -50.22 -2.86 -11.30
N LEU B 229 -49.06 -2.32 -11.02
CA LEU B 229 -47.98 -3.16 -10.53
C LEU B 229 -47.61 -2.82 -9.13
N SER B 230 -46.88 -3.75 -8.51
CA SER B 230 -46.39 -3.59 -7.15
C SER B 230 -45.13 -4.39 -7.01
N MET B 231 -44.34 -4.05 -6.01
CA MET B 231 -43.17 -4.78 -5.70
C MET B 231 -43.27 -5.22 -4.25
N PHE B 232 -43.00 -6.51 -4.03
CA PHE B 232 -43.03 -7.06 -2.70
C PHE B 232 -41.59 -7.29 -2.24
N ILE B 233 -41.30 -6.91 -0.99
CA ILE B 233 -40.04 -7.13 -0.37
C ILE B 233 -40.24 -8.10 0.74
N ALA B 234 -39.39 -9.11 0.81
CA ALA B 234 -39.44 -10.06 1.89
C ALA B 234 -38.05 -10.32 2.41
N ALA B 235 -37.93 -10.46 3.73
CA ALA B 235 -36.65 -10.76 4.37
C ALA B 235 -36.96 -11.36 5.70
N PRO B 236 -36.19 -12.38 6.12
CA PRO B 236 -36.38 -12.78 7.49
C PRO B 236 -36.24 -11.56 8.43
N TYR B 237 -36.87 -11.66 9.60
CA TYR B 237 -36.71 -10.67 10.63
C TYR B 237 -35.33 -10.83 11.30
N GLU B 238 -34.88 -12.08 11.50
CA GLU B 238 -33.58 -12.37 12.14
C GLU B 238 -32.42 -12.37 11.14
N LYS B 239 -31.30 -11.77 11.49
CA LYS B 239 -30.13 -11.65 10.60
C LYS B 239 -29.20 -12.80 10.67
N GLU B 240 -29.73 -13.98 10.51
CA GLU B 240 -28.97 -15.22 10.71
C GLU B 240 -29.85 -16.34 10.22
N VAL B 241 -31.05 -16.00 9.81
CA VAL B 241 -31.84 -16.86 8.98
C VAL B 241 -31.40 -16.52 7.55
N PRO B 242 -30.73 -17.46 6.86
CA PRO B 242 -30.37 -17.14 5.47
C PRO B 242 -31.63 -16.93 4.61
N LEU B 243 -31.53 -16.06 3.61
CA LEU B 243 -32.60 -15.86 2.66
C LEU B 243 -33.02 -17.11 1.84
N SER B 244 -32.13 -18.06 1.68
CA SER B 244 -32.51 -19.32 1.09
C SER B 244 -33.72 -19.92 1.82
N ALA B 245 -33.95 -19.48 3.05
CA ALA B 245 -35.10 -19.95 3.81
C ALA B 245 -36.40 -19.54 3.09
N LEU B 246 -36.46 -18.30 2.63
CA LEU B 246 -37.59 -17.88 1.85
C LEU B 246 -37.56 -18.45 0.43
N THR B 247 -36.40 -18.45 -0.20
CA THR B 247 -36.40 -18.71 -1.64
C THR B 247 -36.79 -20.14 -1.91
N ASN B 248 -36.46 -21.04 -0.99
CA ASN B 248 -36.79 -22.46 -1.12
C ASN B 248 -38.28 -22.75 -1.06
N ILE B 249 -39.07 -21.92 -0.39
CA ILE B 249 -40.52 -22.20 -0.29
C ILE B 249 -41.33 -21.33 -1.25
N LEU B 250 -40.65 -20.49 -2.02
CA LEU B 250 -41.34 -19.59 -2.96
C LEU B 250 -42.27 -20.29 -4.00
N SER B 251 -43.43 -19.68 -4.28
CA SER B 251 -44.36 -20.08 -5.34
C SER B 251 -45.24 -18.90 -5.68
N ALA B 252 -46.04 -19.01 -6.72
CA ALA B 252 -46.89 -17.96 -7.18
C ALA B 252 -48.07 -17.81 -6.27
N GLN B 253 -48.56 -18.92 -5.75
CA GLN B 253 -49.70 -18.91 -4.82
C GLN B 253 -49.28 -18.29 -3.45
N LEU B 254 -48.14 -18.69 -2.92
CA LEU B 254 -47.60 -18.05 -1.72
C LEU B 254 -47.59 -16.53 -1.80
N ILE B 255 -47.33 -16.00 -2.98
CA ILE B 255 -47.25 -14.55 -3.14
C ILE B 255 -48.63 -13.96 -3.07
N SER B 256 -49.61 -14.63 -3.65
CA SER B 256 -50.96 -14.10 -3.57
C SER B 256 -51.38 -14.04 -2.11
N HIS B 257 -51.05 -15.11 -1.41
CA HIS B 257 -51.36 -15.25 -0.02
C HIS B 257 -50.79 -14.10 0.79
N TRP B 258 -49.53 -13.73 0.53
CA TRP B 258 -48.91 -12.59 1.24
C TRP B 258 -49.78 -11.34 1.07
N LYS B 259 -50.29 -11.17 -0.16
CA LYS B 259 -51.03 -9.98 -0.56
C LYS B 259 -52.44 -10.04 0.03
N GLY B 260 -52.91 -11.23 0.34
CA GLY B 260 -54.22 -11.37 0.99
C GLY B 260 -54.18 -11.08 2.47
N ASN B 261 -53.15 -11.58 3.17
CA ASN B 261 -52.97 -11.26 4.59
C ASN B 261 -52.39 -9.89 4.94
N MET B 262 -52.54 -8.95 4.01
CA MET B 262 -51.82 -7.68 4.13
C MET B 262 -52.70 -6.58 4.69
N THR B 263 -52.22 -5.91 5.74
CA THR B 263 -52.90 -4.74 6.24
C THR B 263 -52.00 -3.54 6.06
N ARG B 264 -52.60 -2.42 5.68
CA ARG B 264 -51.95 -1.09 5.62
C ARG B 264 -51.60 -0.55 7.01
N LEU B 265 -50.31 -0.42 7.29
CA LEU B 265 -49.84 0.01 8.60
C LEU B 265 -48.82 1.16 8.54
N PRO B 266 -48.79 2.00 9.59
CA PRO B 266 -47.84 3.10 9.65
C PRO B 266 -46.47 2.57 9.97
N ARG B 267 -45.54 2.77 9.08
CA ARG B 267 -44.15 2.35 9.30
C ARG B 267 -43.18 3.35 8.64
N LEU B 268 -41.97 3.43 9.24
CA LEU B 268 -40.77 3.94 8.58
C LEU B 268 -40.06 2.81 7.89
N LEU B 269 -40.04 2.84 6.56
CA LEU B 269 -39.34 1.83 5.79
C LEU B 269 -38.05 2.41 5.32
N VAL B 270 -36.95 1.70 5.57
CA VAL B 270 -35.64 2.02 5.01
C VAL B 270 -35.23 0.89 4.05
N LEU B 271 -35.35 1.16 2.76
CA LEU B 271 -34.97 0.20 1.72
C LEU B 271 -33.75 0.64 0.89
N PRO B 272 -32.76 -0.24 0.74
CA PRO B 272 -31.63 0.06 -0.16
C PRO B 272 -32.05 0.29 -1.62
N LYS B 273 -31.49 1.30 -2.29
CA LYS B 273 -31.61 1.44 -3.74
C LYS B 273 -30.72 0.38 -4.34
N PHE B 274 -31.04 -0.02 -5.57
CA PHE B 274 -30.24 -1.00 -6.24
C PHE B 274 -30.56 -1.06 -7.73
N SER B 275 -29.57 -1.54 -8.45
CA SER B 275 -29.59 -1.54 -9.88
C SER B 275 -28.94 -2.84 -10.20
N LEU B 276 -29.67 -3.76 -10.80
CA LEU B 276 -29.16 -5.09 -11.02
C LEU B 276 -29.26 -5.52 -12.48
N GLU B 277 -28.35 -6.38 -12.90
CA GLU B 277 -28.33 -6.88 -14.28
C GLU B 277 -27.86 -8.32 -14.25
N THR B 278 -28.61 -9.21 -14.89
CA THR B 278 -28.27 -10.62 -14.92
C THR B 278 -28.49 -11.16 -16.33
N GLU B 279 -27.58 -12.04 -16.74
CA GLU B 279 -27.74 -12.81 -17.94
C GLU B 279 -27.52 -14.21 -17.49
N VAL B 280 -28.46 -15.09 -17.82
CA VAL B 280 -28.37 -16.49 -17.38
C VAL B 280 -28.50 -17.42 -18.53
N ASP B 281 -27.56 -18.35 -18.62
CA ASP B 281 -27.67 -19.46 -19.49
C ASP B 281 -28.73 -20.41 -18.92
N LEU B 282 -29.84 -20.53 -19.61
CA LEU B 282 -30.98 -21.24 -19.08
C LEU B 282 -30.80 -22.76 -19.04
N ARG B 283 -29.83 -23.31 -19.76
CA ARG B 283 -29.68 -24.75 -19.89
C ARG B 283 -29.78 -25.54 -18.58
N LYS B 284 -28.95 -25.19 -17.62
CA LYS B 284 -28.90 -25.96 -16.38
C LYS B 284 -30.22 -25.86 -15.66
N PRO B 285 -30.73 -24.65 -15.46
CA PRO B 285 -31.97 -24.59 -14.73
C PRO B 285 -33.11 -25.35 -15.37
N LEU B 286 -33.22 -25.32 -16.69
CA LEU B 286 -34.31 -26.01 -17.36
C LEU B 286 -34.12 -27.55 -17.36
N GLU B 287 -32.88 -27.99 -17.36
CA GLU B 287 -32.57 -29.41 -17.24
C GLU B 287 -32.94 -29.98 -15.91
N ASN B 288 -32.74 -29.18 -14.88
CA ASN B 288 -33.18 -29.50 -13.54
C ASN B 288 -34.65 -29.63 -13.43
N LEU B 289 -35.38 -29.08 -14.39
CA LEU B 289 -36.83 -29.20 -14.39
C LEU B 289 -37.28 -30.23 -15.40
N GLY B 290 -36.35 -31.03 -15.94
CA GLY B 290 -36.72 -32.11 -16.88
C GLY B 290 -36.56 -31.86 -18.35
N MET B 291 -36.30 -30.61 -18.73
CA MET B 291 -36.16 -30.28 -20.13
C MET B 291 -34.70 -30.58 -20.65
N THR B 292 -34.34 -31.84 -20.75
CA THR B 292 -32.99 -32.27 -21.11
C THR B 292 -32.79 -32.53 -22.63
N ASP B 293 -33.80 -33.03 -23.34
CA ASP B 293 -33.64 -33.40 -24.76
C ASP B 293 -33.36 -32.25 -25.70
N MET B 294 -34.02 -31.10 -25.46
CA MET B 294 -33.91 -29.94 -26.32
C MET B 294 -32.49 -29.45 -26.49
N PHE B 295 -31.61 -29.75 -25.54
CA PHE B 295 -30.22 -29.31 -25.59
C PHE B 295 -29.27 -30.39 -26.13
N ARG B 296 -29.72 -31.64 -26.34
CA ARG B 296 -28.83 -32.73 -26.76
C ARG B 296 -28.87 -32.94 -28.28
N GLN B 297 -27.71 -32.73 -28.92
CA GLN B 297 -27.50 -32.96 -30.35
C GLN B 297 -28.39 -34.03 -30.96
N PHE B 298 -28.29 -35.26 -30.48
CA PHE B 298 -29.05 -36.34 -31.14
C PHE B 298 -30.17 -36.90 -30.27
N GLN B 299 -30.83 -36.04 -29.51
CA GLN B 299 -32.09 -36.42 -28.87
C GLN B 299 -33.18 -35.41 -29.20
N ALA B 300 -32.80 -34.15 -29.37
CA ALA B 300 -33.73 -33.08 -29.40
C ALA B 300 -34.62 -33.30 -30.61
N ASP B 301 -35.89 -33.02 -30.46
CA ASP B 301 -36.85 -33.20 -31.51
C ASP B 301 -37.47 -31.81 -31.74
N PHE B 302 -37.09 -31.21 -32.87
CA PHE B 302 -37.57 -29.95 -33.38
C PHE B 302 -38.21 -30.15 -34.74
N THR B 303 -38.82 -31.32 -34.94
CA THR B 303 -39.48 -31.68 -36.18
C THR B 303 -40.70 -30.84 -36.47
N SER B 304 -41.29 -30.21 -35.49
CA SER B 304 -42.39 -29.30 -35.84
C SER B 304 -41.93 -28.02 -36.57
N LEU B 305 -40.64 -27.70 -36.47
CA LEU B 305 -40.06 -26.52 -37.12
C LEU B 305 -39.36 -26.97 -38.42
N SER B 306 -38.57 -28.04 -38.32
CA SER B 306 -37.97 -28.69 -39.48
C SER B 306 -37.67 -30.18 -39.21
N ASP B 307 -37.86 -31.01 -40.23
CA ASP B 307 -37.62 -32.47 -40.14
C ASP B 307 -36.46 -32.87 -41.04
N GLN B 308 -35.90 -31.89 -41.75
CA GLN B 308 -34.78 -32.09 -42.68
C GLN B 308 -33.50 -32.40 -41.92
N GLU B 309 -32.89 -31.36 -41.37
CA GLU B 309 -31.59 -31.45 -40.73
C GLU B 309 -31.83 -31.70 -39.21
N PRO B 310 -30.86 -32.31 -38.49
CA PRO B 310 -30.92 -32.44 -37.02
C PRO B 310 -30.71 -31.13 -36.16
N LEU B 311 -31.80 -30.58 -35.63
CA LEU B 311 -31.74 -29.39 -34.84
C LEU B 311 -31.67 -29.66 -33.34
N HIS B 312 -31.09 -28.74 -32.62
CA HIS B 312 -31.17 -28.74 -31.17
C HIS B 312 -30.86 -27.31 -30.71
N VAL B 313 -31.24 -26.97 -29.48
CA VAL B 313 -30.99 -25.63 -28.92
C VAL B 313 -29.55 -25.45 -28.46
N ALA B 314 -28.81 -24.62 -29.17
CA ALA B 314 -27.43 -24.35 -28.82
C ALA B 314 -27.32 -23.42 -27.63
N LEU B 315 -28.21 -22.45 -27.55
CA LEU B 315 -28.08 -21.43 -26.56
C LEU B 315 -29.44 -20.88 -26.18
N ALA B 316 -29.67 -20.74 -24.87
CA ALA B 316 -30.90 -20.25 -24.33
C ALA B 316 -30.54 -19.23 -23.24
N LEU B 317 -31.03 -18.00 -23.36
CA LEU B 317 -30.55 -16.89 -22.52
C LEU B 317 -31.66 -15.94 -22.10
N GLN B 318 -31.66 -15.53 -20.83
CA GLN B 318 -32.41 -14.37 -20.40
C GLN B 318 -31.52 -13.29 -19.78
N LYS B 319 -31.83 -12.04 -20.09
CA LYS B 319 -31.10 -10.96 -19.52
C LYS B 319 -32.09 -9.96 -18.99
N VAL B 320 -31.90 -9.55 -17.76
CA VAL B 320 -32.80 -8.60 -17.13
C VAL B 320 -31.99 -7.54 -16.43
N LYS B 321 -32.49 -6.32 -16.51
CA LYS B 321 -31.93 -5.17 -15.84
C LYS B 321 -33.11 -4.49 -15.09
N ILE B 322 -32.96 -4.35 -13.78
CA ILE B 322 -33.99 -3.73 -12.99
C ILE B 322 -33.37 -2.60 -12.21
N GLU B 323 -34.07 -1.48 -12.14
CA GLU B 323 -33.65 -0.36 -11.28
C GLU B 323 -34.67 0.01 -10.22
N VAL B 324 -34.16 0.16 -9.00
CA VAL B 324 -34.94 0.64 -7.91
C VAL B 324 -34.24 1.84 -7.30
N ASN B 325 -34.86 2.98 -7.50
CA ASN B 325 -34.42 4.22 -6.93
C ASN B 325 -35.63 4.93 -6.28
N GLU B 326 -35.54 6.25 -6.11
CA GLU B 326 -36.54 6.99 -5.40
C GLU B 326 -37.79 7.19 -6.25
N SER B 327 -37.71 7.01 -7.58
CA SER B 327 -38.91 6.95 -8.45
C SER B 327 -38.63 7.08 -9.97
N GLY B 328 -38.33 5.99 -10.67
CA GLY B 328 -38.09 6.04 -12.13
C GLY B 328 -36.80 6.71 -12.59
N ALA B 344 -43.43 8.91 16.11
CA ALA B 344 -42.27 8.03 16.27
C ALA B 344 -42.57 6.59 15.84
N PRO B 345 -43.09 6.38 14.60
CA PRO B 345 -43.71 5.10 14.21
C PRO B 345 -42.71 3.95 13.98
N GLU B 346 -43.22 2.72 14.03
CA GLU B 346 -42.40 1.52 13.82
C GLU B 346 -41.60 1.59 12.52
N GLU B 347 -40.39 1.03 12.57
CA GLU B 347 -39.49 1.06 11.45
C GLU B 347 -39.10 -0.37 11.03
N ILE B 348 -39.05 -0.61 9.71
CA ILE B 348 -38.58 -1.89 9.15
C ILE B 348 -37.32 -1.59 8.37
N ILE B 349 -36.19 -2.11 8.82
CA ILE B 349 -34.92 -1.76 8.21
C ILE B 349 -34.42 -2.93 7.39
N ILE B 350 -34.36 -2.74 6.06
CA ILE B 350 -33.97 -3.80 5.12
C ILE B 350 -32.43 -3.78 4.89
N ASP B 351 -31.66 -4.19 5.89
CA ASP B 351 -30.22 -3.98 5.86
C ASP B 351 -29.51 -5.34 5.89
N ARG B 352 -30.12 -6.26 5.16
CA ARG B 352 -29.67 -7.64 5.04
C ARG B 352 -30.28 -8.14 3.76
N PRO B 353 -29.82 -9.26 3.26
CA PRO B 353 -30.32 -9.71 1.97
C PRO B 353 -31.85 -9.93 1.95
N PHE B 354 -32.49 -9.64 0.81
CA PHE B 354 -33.92 -9.73 0.71
C PHE B 354 -34.32 -10.18 -0.67
N LEU B 355 -35.57 -10.63 -0.76
CA LEU B 355 -36.21 -10.99 -2.02
C LEU B 355 -37.02 -9.84 -2.44
N PHE B 356 -37.25 -9.72 -3.76
CA PHE B 356 -38.20 -8.73 -4.27
C PHE B 356 -39.02 -9.36 -5.33
N VAL B 357 -40.27 -8.94 -5.49
CA VAL B 357 -41.09 -9.50 -6.50
C VAL B 357 -41.91 -8.36 -7.16
N VAL B 358 -41.81 -8.22 -8.45
CA VAL B 358 -42.57 -7.19 -9.09
C VAL B 358 -43.70 -7.95 -9.69
N ARG B 359 -44.92 -7.51 -9.39
CA ARG B 359 -46.09 -8.28 -9.72
C ARG B 359 -47.13 -7.46 -10.40
N HIS B 360 -47.86 -8.10 -11.31
CA HIS B 360 -48.98 -7.47 -11.99
C HIS B 360 -50.23 -7.88 -11.23
N ASN B 361 -50.79 -6.97 -10.47
CA ASN B 361 -51.87 -7.32 -9.53
C ASN B 361 -53.18 -7.71 -10.21
N PRO B 362 -53.57 -7.04 -11.30
CA PRO B 362 -54.79 -7.44 -12.05
C PRO B 362 -54.83 -8.91 -12.52
N THR B 363 -53.70 -9.51 -12.84
CA THR B 363 -53.69 -10.86 -13.35
C THR B 363 -52.93 -11.81 -12.49
N GLY B 364 -52.18 -11.28 -11.53
CA GLY B 364 -51.39 -12.12 -10.67
C GLY B 364 -50.06 -12.52 -11.31
N THR B 365 -49.70 -11.88 -12.42
CA THR B 365 -48.49 -12.26 -13.17
C THR B 365 -47.23 -11.76 -12.51
N VAL B 366 -46.32 -12.70 -12.32
CA VAL B 366 -45.02 -12.41 -11.70
C VAL B 366 -44.06 -12.01 -12.80
N LEU B 367 -43.89 -10.71 -12.96
CA LEU B 367 -43.04 -10.18 -14.02
C LEU B 367 -41.57 -10.27 -13.72
N PHE B 368 -41.18 -9.85 -12.52
CA PHE B 368 -39.78 -9.88 -12.09
C PHE B 368 -39.69 -10.47 -10.75
N MET B 369 -38.56 -11.10 -10.51
CA MET B 369 -38.27 -11.67 -9.21
C MET B 369 -36.74 -11.70 -9.09
N GLY B 370 -36.23 -11.47 -7.90
CA GLY B 370 -34.79 -11.35 -7.69
C GLY B 370 -34.37 -11.41 -6.25
N GLN B 371 -33.07 -11.68 -6.02
CA GLN B 371 -32.50 -11.58 -4.68
C GLN B 371 -31.37 -10.53 -4.64
N VAL B 372 -31.45 -9.60 -3.69
CA VAL B 372 -30.43 -8.59 -3.49
C VAL B 372 -29.60 -9.00 -2.29
N MET B 373 -28.48 -9.67 -2.51
CA MET B 373 -27.52 -10.06 -1.48
C MET B 373 -26.45 -9.02 -1.18
N GLU B 374 -26.35 -8.02 -2.02
CA GLU B 374 -25.47 -6.87 -1.78
C GLU B 374 -25.83 -5.75 -2.76
N PRO B 375 -26.50 -4.68 -2.30
CA PRO B 375 -26.94 -3.64 -3.23
C PRO B 375 -25.79 -2.81 -3.82
N TYR C 3 14.87 -1.29 32.94
CA TYR C 3 16.24 -1.78 33.29
C TYR C 3 16.77 -2.68 32.17
N VAL C 4 16.27 -3.90 32.10
CA VAL C 4 16.50 -4.78 30.96
C VAL C 4 15.76 -4.18 29.78
N ALA C 5 14.58 -3.68 30.07
CA ALA C 5 13.83 -2.98 29.06
C ALA C 5 14.56 -1.86 28.35
N HIS C 6 15.32 -1.10 29.10
CA HIS C 6 16.04 0.04 28.50
C HIS C 6 17.15 -0.47 27.58
N LEU C 7 17.81 -1.53 28.01
CA LEU C 7 18.87 -2.12 27.19
C LEU C 7 18.34 -2.78 25.95
N ALA C 8 17.26 -3.53 26.13
CA ALA C 8 16.58 -4.19 25.00
C ALA C 8 16.13 -3.10 24.05
N SER C 9 15.48 -2.08 24.59
CA SER C 9 15.01 -0.93 23.76
C SER C 9 16.09 -0.22 22.97
N ASP C 10 17.16 0.19 23.64
CA ASP C 10 18.30 0.89 22.97
C ASP C 10 18.98 0.08 21.90
N PHE C 11 19.19 -1.21 22.19
CA PHE C 11 19.70 -2.13 21.17
C PHE C 11 18.75 -2.14 19.96
N GLY C 12 17.47 -2.24 20.23
CA GLY C 12 16.48 -2.20 19.16
C GLY C 12 16.48 -0.92 18.35
N VAL C 13 16.63 0.19 19.06
CA VAL C 13 16.81 1.51 18.39
C VAL C 13 18.01 1.50 17.47
N ARG C 14 19.11 0.95 17.94
CA ARG C 14 20.31 0.90 17.05
C ARG C 14 20.02 0.12 15.80
N VAL C 15 19.31 -0.98 15.91
CA VAL C 15 19.02 -1.70 14.68
C VAL C 15 18.13 -0.76 13.84
N PHE C 16 17.19 -0.10 14.48
CA PHE C 16 16.34 0.80 13.71
C PHE C 16 17.14 1.86 12.89
N GLN C 17 18.09 2.49 13.59
CA GLN C 17 19.00 3.43 12.95
C GLN C 17 19.64 2.83 11.74
N GLN C 18 20.12 1.61 11.84
CA GLN C 18 20.70 0.97 10.64
C GLN C 18 19.70 0.75 9.56
N VAL C 19 18.48 0.34 9.90
CA VAL C 19 17.55 0.12 8.78
C VAL C 19 17.04 1.41 8.16
N ALA C 20 16.89 2.45 8.96
CA ALA C 20 16.55 3.80 8.47
C ALA C 20 17.61 4.39 7.55
N GLN C 21 18.88 4.34 7.97
CA GLN C 21 20.03 4.78 7.15
C GLN C 21 20.05 4.14 5.75
N ALA C 22 19.64 2.89 5.63
CA ALA C 22 19.53 2.22 4.33
C ALA C 22 18.15 2.46 3.63
N SER C 23 17.22 3.13 4.28
CA SER C 23 15.92 3.33 3.63
C SER C 23 15.55 4.79 3.57
N LYS C 24 16.49 5.60 3.11
CA LYS C 24 16.27 7.05 3.03
C LYS C 24 15.02 7.33 2.16
N ASP C 25 14.12 8.14 2.69
CA ASP C 25 12.92 8.55 1.97
C ASP C 25 11.91 7.45 1.80
N ARG C 26 12.09 6.31 2.45
CA ARG C 26 11.10 5.22 2.44
C ARG C 26 10.34 5.17 3.75
N ASN C 27 9.09 4.76 3.70
CA ASN C 27 8.35 4.49 4.95
C ASN C 27 9.02 3.34 5.70
N VAL C 28 9.12 3.43 7.01
CA VAL C 28 9.54 2.27 7.77
C VAL C 28 8.96 2.16 9.19
N VAL C 29 8.30 1.05 9.47
CA VAL C 29 7.77 0.73 10.80
C VAL C 29 8.59 -0.44 11.33
N PHE C 30 8.83 -0.50 12.63
CA PHE C 30 9.83 -1.41 13.15
C PHE C 30 9.55 -1.58 14.64
N SER C 31 10.05 -2.67 15.24
CA SER C 31 9.91 -2.86 16.69
C SER C 31 11.25 -3.16 17.37
N PRO C 32 11.80 -2.16 18.07
CA PRO C 32 12.99 -2.36 18.90
C PRO C 32 12.84 -3.49 19.86
N TYR C 33 11.73 -3.55 20.59
CA TYR C 33 11.48 -4.62 21.55
C TYR C 33 11.51 -5.99 20.83
N GLY C 34 10.81 -6.10 19.71
CA GLY C 34 10.82 -7.32 18.94
C GLY C 34 12.18 -7.87 18.54
N VAL C 35 13.00 -7.08 17.84
CA VAL C 35 14.29 -7.56 17.39
C VAL C 35 15.16 -7.90 18.59
N ALA C 36 15.00 -7.22 19.71
CA ALA C 36 15.80 -7.53 20.92
C ALA C 36 15.35 -8.83 21.59
N SER C 37 14.06 -9.08 21.55
CA SER C 37 13.49 -10.29 22.11
C SER C 37 14.03 -11.49 21.35
N VAL C 38 13.89 -11.49 20.04
CA VAL C 38 14.36 -12.62 19.26
C VAL C 38 15.86 -12.84 19.41
N LEU C 39 16.64 -11.78 19.41
CA LEU C 39 18.06 -11.89 19.61
C LEU C 39 18.49 -12.28 21.00
N ALA C 40 17.75 -11.93 22.04
CA ALA C 40 18.09 -12.44 23.35
C ALA C 40 17.99 -13.99 23.31
N MET C 41 16.88 -14.46 22.74
CA MET C 41 16.71 -15.86 22.45
C MET C 41 17.89 -16.49 21.70
N LEU C 42 18.23 -15.92 20.56
CA LEU C 42 19.30 -16.49 19.75
C LEU C 42 20.56 -16.60 20.52
N GLN C 43 20.75 -15.70 21.47
CA GLN C 43 21.95 -15.74 22.30
C GLN C 43 22.19 -17.13 22.92
N LEU C 44 21.14 -17.78 23.44
CA LEU C 44 21.33 -19.04 24.17
C LEU C 44 21.93 -20.14 23.32
N THR C 45 21.69 -20.06 22.03
CA THR C 45 22.08 -21.06 21.06
C THR C 45 23.45 -20.82 20.51
N THR C 46 24.16 -19.87 21.08
CA THR C 46 25.31 -19.32 20.40
C THR C 46 26.53 -19.53 21.30
N GLY C 47 27.69 -19.70 20.70
CA GLY C 47 28.97 -19.74 21.45
C GLY C 47 30.12 -19.01 20.77
N GLY C 48 31.30 -19.09 21.37
CA GLY C 48 32.48 -18.46 20.76
C GLY C 48 32.32 -16.99 20.43
N GLU C 49 32.78 -16.62 19.24
CA GLU C 49 32.84 -15.22 18.84
C GLU C 49 31.43 -14.74 18.49
N THR C 50 30.68 -15.61 17.82
CA THR C 50 29.34 -15.32 17.41
C THR C 50 28.54 -14.84 18.62
N GLN C 51 28.77 -15.49 19.76
CA GLN C 51 28.14 -15.08 21.01
C GLN C 51 28.66 -13.76 21.51
N GLN C 52 29.98 -13.64 21.52
CA GLN C 52 30.65 -12.38 21.88
C GLN C 52 30.05 -11.16 21.18
N GLN C 53 29.94 -11.25 19.87
CA GLN C 53 29.44 -10.18 19.07
C GLN C 53 28.01 -9.78 19.53
N ILE C 54 27.14 -10.76 19.69
CA ILE C 54 25.76 -10.49 20.02
C ILE C 54 25.66 -9.89 21.37
N GLN C 55 26.46 -10.40 22.31
CA GLN C 55 26.39 -9.86 23.69
C GLN C 55 26.94 -8.44 23.77
N ALA C 56 27.99 -8.13 23.00
CA ALA C 56 28.59 -6.82 23.11
C ALA C 56 27.65 -5.82 22.44
N ALA C 57 27.00 -6.26 21.37
CA ALA C 57 26.04 -5.40 20.67
C ALA C 57 24.76 -5.14 21.49
N MET C 58 24.36 -6.09 22.33
CA MET C 58 23.07 -5.97 23.02
C MET C 58 23.21 -5.34 24.37
N GLY C 59 24.35 -5.53 25.00
CA GLY C 59 24.58 -4.90 26.24
C GLY C 59 24.35 -5.78 27.43
N PHE C 60 23.82 -6.98 27.22
CA PHE C 60 23.56 -7.86 28.36
C PHE C 60 23.68 -9.31 27.94
N LYS C 61 23.93 -10.18 28.91
CA LYS C 61 24.01 -11.62 28.62
C LYS C 61 22.71 -12.31 29.05
N ILE C 62 22.05 -13.00 28.15
CA ILE C 62 20.73 -13.57 28.50
C ILE C 62 20.79 -14.55 29.70
N ASP C 63 21.86 -15.32 29.75
CA ASP C 63 22.02 -16.36 30.73
C ASP C 63 22.39 -15.77 32.06
N ASP C 64 22.70 -14.48 32.12
CA ASP C 64 22.98 -13.81 33.41
C ASP C 64 21.77 -13.62 34.29
N LYS C 65 21.98 -13.60 35.60
CA LYS C 65 20.85 -13.66 36.51
C LYS C 65 19.90 -12.48 36.32
N GLY C 66 18.60 -12.77 36.47
CA GLY C 66 17.54 -11.77 36.42
C GLY C 66 17.15 -11.27 35.05
N MET C 67 17.99 -11.49 34.03
CA MET C 67 17.70 -11.01 32.64
C MET C 67 16.48 -11.69 32.05
N ALA C 68 16.53 -13.01 31.87
CA ALA C 68 15.44 -13.77 31.22
C ALA C 68 14.16 -13.57 31.98
N PRO C 69 14.22 -13.68 33.31
CA PRO C 69 12.97 -13.46 34.09
C PRO C 69 12.37 -12.07 33.86
N ALA C 70 13.22 -11.07 33.81
CA ALA C 70 12.80 -9.74 33.51
C ALA C 70 12.23 -9.64 32.11
N LEU C 71 12.84 -10.32 31.13
CA LEU C 71 12.15 -10.42 29.81
C LEU C 71 10.78 -11.14 29.82
N ARG C 72 10.67 -12.29 30.49
CA ARG C 72 9.37 -12.97 30.49
C ARG C 72 8.37 -12.10 31.21
N HIS C 73 8.84 -11.47 32.28
CA HIS C 73 8.02 -10.61 33.07
C HIS C 73 7.37 -9.59 32.15
N LEU C 74 8.17 -8.98 31.31
CA LEU C 74 7.71 -7.94 30.43
C LEU C 74 6.79 -8.45 29.32
N TYR C 75 7.07 -9.63 28.78
CA TYR C 75 6.21 -10.21 27.75
C TYR C 75 4.79 -10.45 28.30
N LYS C 76 4.74 -10.95 29.52
CA LYS C 76 3.48 -11.24 30.17
C LYS C 76 2.68 -9.99 30.29
N GLU C 77 3.33 -8.94 30.81
CA GLU C 77 2.70 -7.66 30.95
C GLU C 77 2.12 -7.19 29.62
N LEU C 78 2.92 -7.27 28.57
CA LEU C 78 2.45 -6.81 27.27
C LEU C 78 1.18 -7.50 26.86
N MET C 79 1.10 -8.80 27.12
CA MET C 79 -0.04 -9.62 26.71
C MET C 79 -1.14 -9.67 27.77
N GLY C 80 -1.03 -8.86 28.82
CA GLY C 80 -2.05 -8.74 29.88
C GLY C 80 -3.43 -8.36 29.38
N PRO C 81 -4.42 -8.34 30.28
CA PRO C 81 -5.85 -8.03 29.92
C PRO C 81 -6.15 -6.55 29.52
N TRP C 82 -5.30 -5.61 29.89
CA TRP C 82 -5.39 -4.23 29.37
C TRP C 82 -5.25 -4.22 27.86
N ASN C 83 -4.36 -5.10 27.34
CA ASN C 83 -3.96 -5.13 25.94
C ASN C 83 -5.15 -5.07 25.04
N LYS C 84 -5.91 -6.14 24.81
CA LYS C 84 -7.16 -5.89 24.00
C LYS C 84 -7.08 -6.02 22.47
N ASP C 85 -6.22 -6.93 22.03
CA ASP C 85 -5.89 -7.09 20.62
C ASP C 85 -5.35 -5.81 19.99
N GLU C 86 -4.77 -4.95 20.80
CA GLU C 86 -4.13 -3.77 20.25
C GLU C 86 -2.75 -4.19 19.75
N ILE C 87 -2.08 -5.10 20.45
CA ILE C 87 -0.74 -5.55 20.08
C ILE C 87 -0.57 -7.05 20.16
N SER C 88 -0.02 -7.60 19.06
CA SER C 88 0.32 -9.01 18.94
C SER C 88 1.77 -9.11 18.62
N THR C 89 2.43 -10.12 19.17
CA THR C 89 3.84 -10.27 18.95
C THR C 89 4.26 -11.71 19.00
N THR C 90 5.25 -12.08 18.19
CA THR C 90 5.78 -13.41 18.30
C THR C 90 7.21 -13.50 17.83
N ASP C 91 8.01 -14.30 18.52
CA ASP C 91 9.38 -14.56 18.18
C ASP C 91 9.35 -16.02 17.83
N ALA C 92 10.32 -16.49 17.04
CA ALA C 92 10.50 -17.93 16.79
C ALA C 92 11.78 -18.23 16.07
N ILE C 93 12.44 -19.32 16.49
CA ILE C 93 13.63 -19.83 15.86
C ILE C 93 13.40 -21.25 15.38
N PHE C 94 13.73 -21.51 14.11
CA PHE C 94 13.49 -22.77 13.48
C PHE C 94 14.82 -23.37 13.07
N VAL C 95 15.10 -24.56 13.55
CA VAL C 95 16.29 -25.28 13.20
C VAL C 95 15.94 -26.60 12.49
N GLN C 96 16.95 -27.16 11.78
CA GLN C 96 16.78 -28.45 11.05
C GLN C 96 16.47 -29.56 12.00
N ARG C 97 15.51 -30.40 11.59
CA ARG C 97 14.99 -31.53 12.38
C ARG C 97 16.06 -32.49 12.94
N ASP C 98 16.48 -33.43 12.12
CA ASP C 98 17.24 -34.62 12.63
C ASP C 98 18.67 -34.36 13.19
N LEU C 99 18.87 -33.31 13.99
CA LEU C 99 20.22 -32.89 14.40
C LEU C 99 20.56 -33.30 15.81
N LYS C 100 21.79 -33.73 16.01
CA LYS C 100 22.26 -34.00 17.33
C LYS C 100 22.42 -32.65 18.07
N LEU C 101 21.35 -32.22 18.71
CA LEU C 101 21.41 -31.09 19.58
C LEU C 101 22.21 -31.40 20.84
N VAL C 102 22.73 -30.37 21.51
CA VAL C 102 23.47 -30.65 22.74
C VAL C 102 22.45 -31.05 23.78
N GLN C 103 22.87 -31.93 24.67
CA GLN C 103 22.11 -32.35 25.82
C GLN C 103 21.68 -31.21 26.77
N GLY C 104 20.40 -31.18 27.10
CA GLY C 104 19.89 -30.25 28.08
C GLY C 104 19.57 -28.85 27.53
N PHE C 105 19.93 -28.55 26.29
CA PHE C 105 19.71 -27.20 25.81
C PHE C 105 18.19 -26.84 25.62
N MET C 106 17.43 -27.73 24.98
CA MET C 106 16.01 -27.51 24.78
C MET C 106 15.26 -27.21 26.08
N PRO C 107 15.49 -28.04 27.12
CA PRO C 107 14.87 -27.75 28.41
C PRO C 107 15.28 -26.39 28.98
N HIS C 108 16.58 -26.10 28.95
CA HIS C 108 17.10 -24.84 29.50
C HIS C 108 16.51 -23.67 28.71
N PHE C 109 16.49 -23.79 27.39
CA PHE C 109 15.80 -22.82 26.51
C PHE C 109 14.37 -22.60 26.94
N PHE C 110 13.69 -23.68 27.31
CA PHE C 110 12.29 -23.57 27.78
C PHE C 110 12.14 -22.89 29.12
N ARG C 111 13.01 -23.24 30.05
CA ARG C 111 12.99 -22.62 31.39
C ARG C 111 13.14 -21.09 31.33
N LEU C 112 14.00 -20.64 30.44
CA LEU C 112 14.27 -19.23 30.27
C LEU C 112 13.21 -18.46 29.47
N PHE C 113 12.65 -19.06 28.41
CA PHE C 113 11.73 -18.34 27.55
C PHE C 113 10.31 -18.90 27.49
N ARG C 114 10.03 -20.08 28.04
CA ARG C 114 8.72 -20.70 27.89
C ARG C 114 8.36 -20.84 26.44
N SER C 115 9.33 -21.13 25.59
CA SER C 115 9.08 -21.33 24.17
C SER C 115 10.03 -22.42 23.80
N THR C 116 9.92 -22.90 22.57
CA THR C 116 10.79 -23.97 22.11
C THR C 116 11.41 -23.61 20.75
N VAL C 117 12.61 -24.08 20.50
CA VAL C 117 13.17 -23.99 19.16
C VAL C 117 12.39 -24.97 18.31
N LYS C 118 11.70 -24.49 17.30
CA LYS C 118 10.94 -25.40 16.45
C LYS C 118 11.89 -26.19 15.55
N GLN C 119 11.70 -27.47 15.48
CA GLN C 119 12.40 -28.29 14.54
C GLN C 119 11.56 -28.52 13.28
N VAL C 120 12.17 -28.33 12.12
CA VAL C 120 11.49 -28.57 10.86
C VAL C 120 12.37 -29.29 9.84
N ASP C 121 11.75 -30.01 8.91
CA ASP C 121 12.53 -30.65 7.83
C ASP C 121 12.54 -29.70 6.67
N PHE C 122 13.66 -28.97 6.52
CA PHE C 122 13.83 -27.98 5.42
C PHE C 122 14.02 -28.66 4.07
N SER C 123 14.28 -29.98 4.08
CA SER C 123 14.27 -30.76 2.85
C SER C 123 12.91 -30.63 2.19
N GLU C 124 11.85 -30.57 2.99
CA GLU C 124 10.49 -30.41 2.49
C GLU C 124 10.24 -28.91 2.36
N VAL C 125 10.99 -28.29 1.47
CA VAL C 125 10.95 -26.86 1.22
C VAL C 125 9.55 -26.23 1.32
N GLU C 126 8.63 -26.60 0.45
CA GLU C 126 7.29 -26.01 0.45
C GLU C 126 6.75 -25.99 1.86
N ARG C 127 6.73 -27.16 2.49
CA ARG C 127 6.19 -27.39 3.84
C ARG C 127 6.86 -26.57 4.91
N ALA C 128 8.17 -26.43 4.80
CA ALA C 128 8.97 -25.59 5.71
C ALA C 128 8.52 -24.11 5.70
N ARG C 129 8.20 -23.59 4.50
CA ARG C 129 7.56 -22.26 4.31
C ARG C 129 6.15 -22.14 4.86
N PHE C 130 5.38 -23.20 4.71
CA PHE C 130 4.05 -23.18 5.24
C PHE C 130 4.10 -23.11 6.76
N ILE C 131 4.94 -23.95 7.37
CA ILE C 131 5.05 -24.02 8.82
C ILE C 131 5.43 -22.66 9.42
N ILE C 132 6.45 -22.03 8.82
CA ILE C 132 6.91 -20.73 9.26
C ILE C 132 5.82 -19.67 9.11
N ASN C 133 5.24 -19.57 7.91
CA ASN C 133 4.22 -18.55 7.67
C ASN C 133 2.97 -18.84 8.44
N ASP C 134 2.73 -20.11 8.75
CA ASP C 134 1.60 -20.46 9.59
C ASP C 134 1.81 -20.10 11.06
N TRP C 135 3.04 -20.24 11.52
CA TRP C 135 3.38 -19.88 12.89
C TRP C 135 3.09 -18.39 13.15
N VAL C 136 3.44 -17.57 12.18
CA VAL C 136 3.26 -16.12 12.31
C VAL C 136 1.80 -15.75 12.26
N LYS C 137 1.10 -16.36 11.30
CA LYS C 137 -0.35 -16.20 11.17
C LYS C 137 -1.04 -16.50 12.47
N THR C 138 -0.68 -17.62 13.07
CA THR C 138 -1.39 -18.11 14.21
C THR C 138 -1.02 -17.40 15.51
N HIS C 139 0.10 -16.67 15.57
CA HIS C 139 0.40 -15.94 16.79
C HIS C 139 0.21 -14.44 16.64
N THR C 140 -0.36 -14.01 15.52
CA THR C 140 -0.69 -12.59 15.35
C THR C 140 -2.16 -12.39 15.02
N LYS C 141 -2.99 -13.28 15.52
CA LYS C 141 -4.41 -13.27 15.28
C LYS C 141 -4.69 -13.15 13.80
N GLY C 142 -3.85 -13.78 12.98
CA GLY C 142 -3.97 -13.73 11.53
C GLY C 142 -3.69 -12.38 10.86
N MET C 143 -3.24 -11.37 11.61
CA MET C 143 -2.97 -10.05 11.05
C MET C 143 -1.76 -10.03 10.12
N ILE C 144 -0.83 -10.94 10.35
CA ILE C 144 0.38 -11.11 9.51
C ILE C 144 0.45 -12.60 9.18
N SER C 145 0.41 -12.90 7.88
CA SER C 145 0.35 -14.27 7.45
C SER C 145 1.36 -14.66 6.41
N HIS C 146 2.18 -13.74 5.94
CA HIS C 146 3.18 -14.10 4.95
C HIS C 146 4.43 -13.24 5.03
N LEU C 147 5.58 -13.89 5.13
CA LEU C 147 6.86 -13.23 5.09
C LEU C 147 7.55 -13.46 3.73
N LEU C 148 7.60 -12.41 2.94
CA LEU C 148 8.22 -12.46 1.63
C LEU C 148 9.54 -13.21 1.66
N GLY C 149 10.34 -12.93 2.67
CA GLY C 149 11.63 -13.59 2.83
C GLY C 149 11.65 -15.10 3.03
N THR C 150 10.52 -15.73 3.32
CA THR C 150 10.50 -17.21 3.46
C THR C 150 10.73 -17.82 2.10
N GLY C 151 10.38 -17.06 1.06
CA GLY C 151 10.65 -17.46 -0.31
C GLY C 151 12.09 -17.97 -0.54
N ALA C 152 13.03 -17.44 0.25
CA ALA C 152 14.45 -17.86 0.18
C ALA C 152 14.84 -19.16 0.87
N VAL C 153 13.93 -19.77 1.64
CA VAL C 153 14.32 -21.01 2.32
C VAL C 153 14.42 -22.13 1.30
N ASP C 154 15.59 -22.75 1.25
CA ASP C 154 15.85 -23.86 0.35
C ASP C 154 16.12 -25.09 1.22
N GLN C 155 16.37 -26.23 0.57
CA GLN C 155 16.76 -27.44 1.29
C GLN C 155 18.17 -27.38 1.87
N LEU C 156 18.88 -26.29 1.61
CA LEU C 156 20.14 -25.99 2.32
C LEU C 156 19.96 -25.17 3.62
N THR C 157 18.75 -24.75 3.94
CA THR C 157 18.53 -23.93 5.11
C THR C 157 18.65 -24.78 6.37
N ARG C 158 19.43 -24.31 7.34
CA ARG C 158 19.67 -25.04 8.58
C ARG C 158 19.08 -24.33 9.83
N LEU C 159 18.88 -23.01 9.74
CA LEU C 159 18.52 -22.21 10.90
C LEU C 159 17.85 -20.88 10.45
N VAL C 160 16.62 -20.64 10.93
CA VAL C 160 15.86 -19.47 10.56
C VAL C 160 15.26 -18.76 11.74
N LEU C 161 15.34 -17.44 11.70
CA LEU C 161 14.95 -16.57 12.81
C LEU C 161 13.88 -15.59 12.33
N VAL C 162 12.81 -15.46 13.10
CA VAL C 162 11.60 -14.70 12.67
C VAL C 162 11.00 -13.90 13.83
N ASN C 163 10.35 -12.79 13.53
CA ASN C 163 9.74 -11.96 14.55
C ASN C 163 8.69 -11.14 13.84
N ALA C 164 7.48 -11.12 14.40
CA ALA C 164 6.42 -10.35 13.81
C ALA C 164 5.49 -9.81 14.82
N LEU C 165 5.03 -8.60 14.57
CA LEU C 165 4.10 -7.98 15.45
C LEU C 165 3.10 -7.05 14.73
N TYR C 166 1.98 -6.81 15.40
CA TYR C 166 0.94 -5.96 14.83
C TYR C 166 0.52 -4.99 15.88
N PHE C 167 0.14 -3.79 15.51
CA PHE C 167 -0.30 -2.84 16.53
C PHE C 167 -1.38 -1.96 16.02
N ASN C 168 -2.36 -1.70 16.88
CA ASN C 168 -3.44 -0.78 16.59
C ASN C 168 -4.12 -0.43 17.89
N GLY C 169 -3.75 0.69 18.47
CA GLY C 169 -4.13 1.00 19.86
C GLY C 169 -5.39 1.80 19.94
N GLN C 170 -6.06 1.71 21.10
CA GLN C 170 -7.17 2.60 21.39
C GLN C 170 -6.70 3.83 22.14
N TRP C 171 -6.95 4.98 21.53
CA TRP C 171 -6.59 6.27 22.12
C TRP C 171 -7.29 6.48 23.43
N LYS C 172 -6.64 7.06 24.41
CA LYS C 172 -7.34 7.50 25.60
C LYS C 172 -8.51 8.40 25.21
N THR C 173 -8.24 9.36 24.34
CA THR C 173 -9.25 10.23 23.76
C THR C 173 -9.27 10.10 22.25
N PRO C 174 -10.26 9.44 21.70
CA PRO C 174 -10.28 9.21 20.24
C PRO C 174 -10.43 10.49 19.41
N PHE C 175 -10.02 10.45 18.14
CA PHE C 175 -10.19 11.56 17.21
C PHE C 175 -11.59 11.50 16.62
N PRO C 176 -12.36 12.58 16.71
CA PRO C 176 -13.73 12.45 16.25
C PRO C 176 -13.74 12.08 14.78
N ASP C 177 -14.49 11.04 14.45
CA ASP C 177 -14.70 10.61 13.06
C ASP C 177 -15.11 11.67 12.04
N SER C 178 -15.95 12.62 12.45
CA SER C 178 -16.37 13.69 11.58
C SER C 178 -15.27 14.70 11.26
N SER C 179 -14.26 14.80 12.13
CA SER C 179 -13.15 15.71 11.86
C SER C 179 -12.22 15.16 10.75
N THR C 180 -12.32 13.88 10.43
CA THR C 180 -11.40 13.29 9.50
C THR C 180 -11.68 13.89 8.13
N HIS C 181 -10.64 14.40 7.47
CA HIS C 181 -10.76 15.06 6.17
C HIS C 181 -9.54 14.75 5.36
N ARG C 182 -9.57 15.14 4.09
CA ARG C 182 -8.51 14.90 3.18
C ARG C 182 -7.67 16.18 3.07
N ARG C 183 -6.37 16.06 3.25
CA ARG C 183 -5.48 17.18 3.29
C ARG C 183 -4.16 16.84 2.59
N LEU C 184 -3.41 17.89 2.31
CA LEU C 184 -2.21 17.81 1.53
C LEU C 184 -0.98 17.58 2.38
N PHE C 185 -0.13 16.68 1.92
CA PHE C 185 1.06 16.21 2.63
C PHE C 185 2.32 16.40 1.80
N HIS C 186 3.35 17.00 2.38
CA HIS C 186 4.57 17.32 1.65
C HIS C 186 5.64 16.22 1.71
N LYS C 187 5.85 15.51 0.60
CA LYS C 187 6.83 14.42 0.59
C LYS C 187 8.23 15.01 0.66
N SER C 188 9.26 14.17 0.77
CA SER C 188 10.63 14.71 0.83
C SER C 188 11.15 15.13 -0.57
N ASP C 189 10.62 14.54 -1.64
CA ASP C 189 10.77 15.10 -3.01
C ASP C 189 10.64 16.63 -3.07
N GLY C 190 9.53 17.14 -2.53
CA GLY C 190 9.07 18.48 -2.85
C GLY C 190 7.68 18.37 -3.44
N SER C 191 7.33 17.19 -3.97
CA SER C 191 5.99 16.90 -4.44
C SER C 191 4.98 16.73 -3.27
N THR C 192 3.71 16.43 -3.63
CA THR C 192 2.64 16.34 -2.65
C THR C 192 1.61 15.27 -2.99
N VAL C 193 0.83 14.88 -1.97
CA VAL C 193 -0.26 13.93 -2.11
C VAL C 193 -1.33 14.26 -1.06
N SER C 194 -2.58 14.11 -1.43
CA SER C 194 -3.63 14.34 -0.48
C SER C 194 -3.95 13.04 0.19
N VAL C 195 -3.90 13.08 1.52
CA VAL C 195 -4.14 11.90 2.31
C VAL C 195 -5.16 12.22 3.39
N PRO C 196 -5.85 11.19 3.88
CA PRO C 196 -6.78 11.43 4.96
C PRO C 196 -6.05 11.82 6.26
N MET C 197 -6.52 12.84 6.94
CA MET C 197 -5.98 13.24 8.21
C MET C 197 -7.05 13.39 9.29
N MET C 198 -6.66 13.09 10.51
CA MET C 198 -7.55 13.18 11.64
C MET C 198 -7.30 14.53 12.27
N ALA C 199 -8.21 14.97 13.13
CA ALA C 199 -8.11 16.22 13.80
C ALA C 199 -8.71 16.20 15.18
N GLN C 200 -7.94 16.62 16.17
CA GLN C 200 -8.45 16.65 17.53
C GLN C 200 -7.92 17.85 18.25
N THR C 201 -8.77 18.51 19.00
CA THR C 201 -8.37 19.68 19.76
C THR C 201 -8.37 19.29 21.20
N ASN C 202 -7.23 19.42 21.86
CA ASN C 202 -7.14 18.97 23.23
C ASN C 202 -5.91 19.58 23.91
N LYS C 203 -5.73 19.31 25.18
CA LYS C 203 -4.57 19.75 25.89
C LYS C 203 -3.49 18.66 25.78
N PHE C 204 -2.71 18.70 24.70
CA PHE C 204 -1.63 17.73 24.47
C PHE C 204 -0.36 18.06 25.22
N ASN C 205 0.24 17.05 25.80
CA ASN C 205 1.53 17.16 26.39
C ASN C 205 2.52 17.43 25.26
N TYR C 206 3.19 18.58 25.30
CA TYR C 206 4.02 19.05 24.20
C TYR C 206 5.34 19.62 24.66
N THR C 207 6.36 19.51 23.81
CA THR C 207 7.65 20.16 24.05
C THR C 207 8.41 20.41 22.75
N GLU C 208 9.10 21.54 22.69
CA GLU C 208 9.91 21.87 21.53
C GLU C 208 11.26 21.23 21.81
N PHE C 209 11.89 20.56 20.86
CA PHE C 209 13.14 19.87 21.19
C PHE C 209 14.21 20.24 20.22
N THR C 210 15.39 20.44 20.74
CA THR C 210 16.56 20.74 19.97
C THR C 210 17.61 19.65 20.15
N THR C 211 18.12 19.10 19.05
CA THR C 211 19.23 18.17 19.15
C THR C 211 20.47 18.95 19.63
N PRO C 212 21.43 18.25 20.21
CA PRO C 212 22.69 18.89 20.50
C PRO C 212 23.31 19.53 19.26
N ASP C 213 23.12 18.98 18.08
CA ASP C 213 23.70 19.62 16.90
C ASP C 213 22.77 20.66 16.24
N GLY C 214 21.77 21.10 16.96
CA GLY C 214 21.00 22.22 16.48
C GLY C 214 19.79 22.02 15.60
N HIS C 215 19.22 20.80 15.57
CA HIS C 215 17.98 20.54 14.83
C HIS C 215 16.74 20.64 15.72
N TYR C 216 15.70 21.31 15.24
CA TYR C 216 14.46 21.47 16.01
C TYR C 216 13.29 20.55 15.58
N TYR C 217 12.52 20.10 16.55
CA TYR C 217 11.39 19.18 16.32
C TYR C 217 10.30 19.54 17.29
N ASP C 218 9.06 19.53 16.81
CA ASP C 218 7.91 19.56 17.65
C ASP C 218 7.76 18.15 18.17
N ILE C 219 7.51 18.01 19.47
CA ILE C 219 7.27 16.68 20.07
C ILE C 219 5.96 16.64 20.84
N LEU C 220 5.05 15.70 20.50
CA LEU C 220 3.77 15.53 21.22
C LEU C 220 3.62 14.14 21.80
N GLU C 221 2.96 14.04 22.96
CA GLU C 221 2.54 12.76 23.50
C GLU C 221 1.07 12.53 23.24
N LEU C 222 0.74 11.36 22.73
CA LEU C 222 -0.65 10.92 22.48
C LEU C 222 -0.88 9.65 23.28
N PRO C 223 -1.55 9.77 24.41
CA PRO C 223 -1.78 8.57 25.25
C PRO C 223 -2.80 7.61 24.65
N TYR C 224 -2.58 6.32 24.87
CA TYR C 224 -3.57 5.30 24.59
C TYR C 224 -4.41 4.98 25.86
N HIS C 225 -5.50 4.25 25.69
CA HIS C 225 -6.45 4.05 26.79
C HIS C 225 -5.73 3.65 28.05
N GLY C 226 -6.07 4.28 29.18
CA GLY C 226 -5.48 3.87 30.48
C GLY C 226 -4.03 4.35 30.71
N ASP C 227 -3.42 4.97 29.70
CA ASP C 227 -2.05 5.50 29.81
C ASP C 227 -0.98 4.39 29.95
N THR C 228 -1.32 3.18 29.58
CA THR C 228 -0.35 2.12 29.56
C THR C 228 0.71 2.35 28.46
N LEU C 229 0.23 2.62 27.25
CA LEU C 229 1.02 2.97 26.09
C LEU C 229 0.77 4.43 25.67
N SER C 230 1.77 5.00 25.00
CA SER C 230 1.76 6.38 24.51
C SER C 230 2.47 6.35 23.17
N MET C 231 1.92 7.10 22.23
CA MET C 231 2.62 7.36 21.05
C MET C 231 3.26 8.73 21.20
N PHE C 232 4.55 8.82 20.92
CA PHE C 232 5.22 10.08 20.74
C PHE C 232 5.41 10.41 19.26
N ILE C 233 5.14 11.64 18.90
CA ILE C 233 5.35 12.13 17.55
C ILE C 233 6.38 13.28 17.53
N ALA C 234 7.35 13.16 16.64
CA ALA C 234 8.36 14.17 16.48
C ALA C 234 8.38 14.59 15.04
N ALA C 235 8.02 15.85 14.81
CA ALA C 235 8.01 16.42 13.46
C ALA C 235 8.99 17.61 13.37
N PRO C 236 9.77 17.69 12.30
CA PRO C 236 10.66 18.83 12.06
C PRO C 236 9.91 20.15 12.12
N TYR C 237 10.61 21.13 12.68
CA TYR C 237 10.03 22.43 12.98
C TYR C 237 9.74 23.14 11.66
N GLU C 238 10.81 23.30 10.89
CA GLU C 238 10.80 23.93 9.57
C GLU C 238 11.03 22.79 8.62
N LYS C 239 10.59 22.92 7.37
CA LYS C 239 10.85 21.86 6.39
C LYS C 239 12.34 21.83 6.21
N GLU C 240 12.87 20.83 5.52
CA GLU C 240 14.32 20.78 5.30
C GLU C 240 15.06 20.07 6.42
N VAL C 241 14.64 20.25 7.65
CA VAL C 241 15.26 19.58 8.75
C VAL C 241 15.10 18.08 8.48
N PRO C 242 16.21 17.33 8.37
CA PRO C 242 16.11 15.89 8.16
C PRO C 242 15.69 15.13 9.42
N LEU C 243 15.02 14.00 9.22
CA LEU C 243 14.62 13.19 10.36
C LEU C 243 15.78 12.50 11.04
N SER C 244 16.85 12.26 10.29
CA SER C 244 17.99 11.46 10.75
C SER C 244 18.73 12.09 11.91
N ALA C 245 18.76 13.41 11.96
CA ALA C 245 19.40 14.11 13.05
C ALA C 245 18.77 13.70 14.34
N LEU C 246 17.46 13.42 14.34
CA LEU C 246 16.81 12.90 15.58
C LEU C 246 16.95 11.39 15.82
N THR C 247 16.60 10.61 14.81
CA THR C 247 16.74 9.12 14.89
C THR C 247 18.14 8.67 15.30
N ASN C 248 19.18 9.40 14.89
CA ASN C 248 20.55 8.99 15.22
C ASN C 248 20.99 9.18 16.64
N ILE C 249 20.24 9.92 17.45
CA ILE C 249 20.60 9.97 18.88
C ILE C 249 19.56 9.37 19.74
N LEU C 250 18.60 8.77 19.07
CA LEU C 250 17.42 8.29 19.72
C LEU C 250 17.73 7.18 20.73
N SER C 251 17.04 7.21 21.86
CA SER C 251 17.21 6.22 22.89
C SER C 251 16.05 6.29 23.84
N ALA C 252 15.96 5.32 24.74
CA ALA C 252 15.01 5.34 25.86
C ALA C 252 15.18 6.53 26.82
N GLN C 253 16.41 6.94 27.06
CA GLN C 253 16.65 8.10 27.90
C GLN C 253 16.15 9.38 27.25
N LEU C 254 16.36 9.49 25.97
CA LEU C 254 15.90 10.64 25.27
C LEU C 254 14.35 10.82 25.38
N ILE C 255 13.61 9.74 25.23
CA ILE C 255 12.18 9.83 25.39
C ILE C 255 11.78 10.27 26.79
N SER C 256 12.47 9.77 27.80
CA SER C 256 12.16 10.20 29.15
C SER C 256 12.53 11.64 29.29
N HIS C 257 13.53 12.07 28.53
CA HIS C 257 13.91 13.49 28.51
C HIS C 257 12.78 14.37 27.95
N TRP C 258 12.18 13.93 26.86
CA TRP C 258 10.99 14.58 26.35
C TRP C 258 9.85 14.68 27.35
N LYS C 259 9.47 13.56 27.95
CA LYS C 259 8.45 13.59 29.01
C LYS C 259 8.78 14.63 30.09
N GLY C 260 10.02 14.64 30.54
CA GLY C 260 10.48 15.45 31.65
C GLY C 260 10.24 16.94 31.47
N ASN C 261 10.32 17.48 30.26
CA ASN C 261 9.90 18.87 30.15
C ASN C 261 8.71 19.20 29.23
N MET C 262 7.82 18.24 29.03
CA MET C 262 6.57 18.47 28.35
C MET C 262 5.60 19.16 29.32
N THR C 263 4.71 19.97 28.75
CA THR C 263 3.61 20.62 29.48
C THR C 263 2.39 20.48 28.59
N ARG C 264 1.22 20.53 29.21
CA ARG C 264 -0.06 20.37 28.52
C ARG C 264 -0.71 21.70 28.07
N LEU C 265 -0.73 21.91 26.77
CA LEU C 265 -1.16 23.14 26.13
C LEU C 265 -2.29 22.85 25.18
N PRO C 266 -3.29 23.77 25.07
CA PRO C 266 -4.42 23.55 24.19
C PRO C 266 -4.07 23.73 22.73
N ARG C 267 -4.28 22.70 21.93
CA ARG C 267 -3.93 22.79 20.52
C ARG C 267 -4.84 22.01 19.58
N LEU C 268 -4.93 22.50 18.34
CA LEU C 268 -5.50 21.74 17.27
C LEU C 268 -4.45 20.87 16.70
N LEU C 269 -4.55 19.55 16.84
CA LEU C 269 -3.65 18.61 16.17
C LEU C 269 -4.31 18.05 14.94
N VAL C 270 -3.56 17.97 13.85
CA VAL C 270 -3.97 17.34 12.62
C VAL C 270 -2.91 16.31 12.27
N LEU C 271 -3.31 15.05 12.27
CA LEU C 271 -2.40 13.91 12.20
C LEU C 271 -2.86 12.94 11.10
N PRO C 272 -1.93 12.49 10.26
CA PRO C 272 -2.37 11.63 9.18
C PRO C 272 -2.74 10.22 9.68
N LYS C 273 -3.83 9.66 9.16
CA LYS C 273 -4.09 8.25 9.34
C LYS C 273 -2.96 7.52 8.67
N PHE C 274 -2.64 6.32 9.14
CA PHE C 274 -1.70 5.49 8.43
C PHE C 274 -1.75 4.07 8.92
N SER C 275 -1.72 3.18 7.94
CA SER C 275 -1.76 1.73 8.15
C SER C 275 -0.65 1.23 7.32
N LEU C 276 0.48 0.89 7.95
CA LEU C 276 1.71 0.64 7.22
C LEU C 276 2.32 -0.70 7.57
N GLU C 277 3.01 -1.26 6.59
CA GLU C 277 3.55 -2.59 6.64
C GLU C 277 5.00 -2.52 6.19
N THR C 278 5.87 -3.13 6.96
CA THR C 278 7.29 -3.21 6.68
C THR C 278 7.87 -4.60 7.02
N GLU C 279 8.70 -5.13 6.13
CA GLU C 279 9.36 -6.39 6.36
C GLU C 279 10.80 -6.12 6.22
N VAL C 280 11.58 -6.45 7.24
CA VAL C 280 12.98 -6.18 7.18
C VAL C 280 13.82 -7.41 7.28
N ASP C 281 14.76 -7.48 6.35
CA ASP C 281 15.81 -8.43 6.38
C ASP C 281 16.86 -7.87 7.30
N LEU C 282 17.07 -8.53 8.42
CA LEU C 282 17.96 -8.05 9.47
C LEU C 282 19.43 -8.33 9.26
N ARG C 283 19.80 -9.04 8.20
CA ARG C 283 21.24 -9.42 8.01
C ARG C 283 22.12 -8.15 8.00
N LYS C 284 21.84 -7.22 7.09
CA LYS C 284 22.71 -6.05 6.96
C LYS C 284 22.67 -5.20 8.25
N PRO C 285 21.47 -4.94 8.78
CA PRO C 285 21.50 -4.07 9.92
C PRO C 285 22.30 -4.69 11.08
N LEU C 286 22.19 -6.00 11.23
CA LEU C 286 22.87 -6.69 12.33
C LEU C 286 24.37 -6.90 12.06
N GLU C 287 24.76 -7.16 10.83
CA GLU C 287 26.18 -7.22 10.50
C GLU C 287 26.82 -5.88 10.84
N ASN C 288 26.17 -4.79 10.42
CA ASN C 288 26.66 -3.43 10.73
C ASN C 288 26.83 -3.14 12.21
N LEU C 289 26.24 -3.92 13.11
CA LEU C 289 26.36 -3.65 14.53
C LEU C 289 27.39 -4.58 15.10
N GLY C 290 28.00 -5.39 14.24
CA GLY C 290 29.11 -6.23 14.67
C GLY C 290 28.81 -7.73 14.66
N MET C 291 27.55 -8.10 14.38
CA MET C 291 27.14 -9.50 14.38
C MET C 291 27.23 -10.07 13.00
N THR C 292 28.43 -10.48 12.61
CA THR C 292 28.72 -10.91 11.24
C THR C 292 28.94 -12.39 11.16
N ASP C 293 29.51 -12.97 12.21
CA ASP C 293 29.81 -14.38 12.24
C ASP C 293 28.53 -15.24 12.03
N MET C 294 27.44 -14.91 12.73
CA MET C 294 26.25 -15.75 12.77
C MET C 294 25.72 -16.10 11.39
N PHE C 295 25.96 -15.24 10.41
CA PHE C 295 25.41 -15.44 9.07
C PHE C 295 26.41 -16.14 8.16
N ARG C 296 27.58 -16.47 8.69
CA ARG C 296 28.65 -17.02 7.87
C ARG C 296 28.85 -18.51 8.18
N GLN C 297 28.65 -19.32 7.14
CA GLN C 297 28.63 -20.77 7.27
C GLN C 297 29.83 -21.40 8.00
N PHE C 298 31.02 -20.85 7.86
CA PHE C 298 32.22 -21.45 8.50
C PHE C 298 32.72 -20.62 9.66
N GLN C 299 32.20 -19.41 9.82
CA GLN C 299 32.58 -18.55 10.93
C GLN C 299 31.57 -18.73 12.06
N ALA C 300 30.28 -18.88 11.74
CA ALA C 300 29.23 -18.95 12.77
C ALA C 300 29.52 -20.00 13.84
N ASP C 301 29.21 -19.70 15.09
CA ASP C 301 29.43 -20.63 16.20
C ASP C 301 28.14 -20.87 17.01
N PHE C 302 27.38 -21.87 16.59
CA PHE C 302 26.16 -22.25 17.30
C PHE C 302 26.33 -23.54 18.11
N THR C 303 27.48 -23.69 18.75
CA THR C 303 27.80 -24.93 19.46
C THR C 303 26.98 -25.14 20.75
N SER C 304 26.25 -24.14 21.20
CA SER C 304 25.44 -24.29 22.41
C SER C 304 24.15 -25.02 22.09
N LEU C 305 23.75 -24.93 20.82
CA LEU C 305 22.58 -25.61 20.26
C LEU C 305 22.94 -27.00 19.71
N SER C 306 23.82 -27.01 18.71
CA SER C 306 24.47 -28.20 18.18
C SER C 306 25.95 -27.86 18.03
N ASP C 307 26.77 -28.43 18.90
CA ASP C 307 28.22 -28.39 18.71
C ASP C 307 28.67 -29.52 17.78
N GLN C 308 27.71 -30.07 17.02
CA GLN C 308 27.99 -31.08 16.04
C GLN C 308 28.04 -30.53 14.61
N GLU C 309 26.88 -30.21 14.02
CA GLU C 309 26.80 -29.99 12.58
C GLU C 309 26.99 -28.52 12.26
N PRO C 310 27.65 -28.20 11.12
CA PRO C 310 27.70 -26.81 10.67
C PRO C 310 26.32 -26.13 10.74
N LEU C 311 26.29 -25.00 11.44
CA LEU C 311 25.09 -24.26 11.70
C LEU C 311 25.33 -22.78 11.53
N HIS C 312 24.45 -22.15 10.77
CA HIS C 312 24.54 -20.71 10.63
C HIS C 312 23.19 -20.17 10.15
N VAL C 313 22.93 -18.88 10.38
CA VAL C 313 21.61 -18.33 10.22
C VAL C 313 21.42 -17.93 8.79
N ALA C 314 20.47 -18.58 8.15
CA ALA C 314 20.20 -18.35 6.76
C ALA C 314 19.28 -17.18 6.53
N LEU C 315 18.48 -16.82 7.53
CA LEU C 315 17.34 -15.95 7.31
C LEU C 315 16.87 -15.38 8.67
N ALA C 316 16.82 -14.05 8.78
CA ALA C 316 16.42 -13.39 10.00
C ALA C 316 15.53 -12.27 9.62
N LEU C 317 14.27 -12.29 10.02
CA LEU C 317 13.31 -11.33 9.55
C LEU C 317 12.49 -10.74 10.68
N GLN C 318 12.06 -9.48 10.49
CA GLN C 318 11.04 -8.89 11.31
C GLN C 318 9.97 -8.37 10.41
N LYS C 319 8.72 -8.57 10.78
CA LYS C 319 7.66 -7.95 10.03
C LYS C 319 6.67 -7.24 10.94
N VAL C 320 6.34 -6.02 10.55
CA VAL C 320 5.50 -5.21 11.41
C VAL C 320 4.40 -4.54 10.60
N LYS C 321 3.22 -4.49 11.18
CA LYS C 321 2.12 -3.77 10.64
C LYS C 321 1.63 -2.88 11.74
N ILE C 322 1.41 -1.62 11.45
CA ILE C 322 0.94 -0.69 12.46
C ILE C 322 -0.16 0.19 11.91
N GLU C 323 -1.15 0.47 12.74
CA GLU C 323 -2.25 1.25 12.29
C GLU C 323 -2.58 2.34 13.27
N VAL C 324 -2.80 3.50 12.71
CA VAL C 324 -3.21 4.65 13.43
C VAL C 324 -4.47 5.22 12.73
N ASN C 325 -5.56 5.24 13.49
CA ASN C 325 -6.81 5.80 13.03
C ASN C 325 -7.50 6.43 14.19
N GLU C 326 -8.78 6.76 14.02
CA GLU C 326 -9.50 7.59 14.95
C GLU C 326 -9.66 7.02 16.36
N SER C 327 -9.73 5.70 16.46
CA SER C 327 -9.74 5.02 17.74
C SER C 327 -9.08 3.67 17.62
N GLY C 328 -9.26 2.79 18.58
CA GLY C 328 -8.78 1.41 18.38
C GLY C 328 -9.36 0.73 17.15
N THR C 329 -10.18 1.49 16.42
CA THR C 329 -11.03 1.05 15.28
C THR C 329 -12.45 0.84 15.82
N VAL C 330 -12.63 1.12 17.11
CA VAL C 330 -13.88 0.89 17.83
C VAL C 330 -14.81 2.11 17.91
N ALA C 336 -21.98 12.91 9.29
CA ALA C 336 -22.82 13.86 10.01
C ALA C 336 -22.83 15.18 9.26
N VAL C 337 -23.32 16.24 9.89
CA VAL C 337 -23.49 17.51 9.23
C VAL C 337 -22.58 18.62 9.73
N ILE C 338 -22.03 18.45 10.93
CA ILE C 338 -21.25 19.47 11.62
C ILE C 338 -19.87 18.91 11.90
N VAL C 339 -18.96 19.83 12.16
CA VAL C 339 -17.69 19.54 12.75
C VAL C 339 -17.47 20.75 13.63
N SER C 340 -17.53 20.58 14.95
CA SER C 340 -17.45 21.70 15.83
C SER C 340 -16.33 21.41 16.69
N ALA C 341 -15.70 22.42 17.24
CA ALA C 341 -14.62 22.19 18.22
C ALA C 341 -14.30 23.47 18.97
N ARG C 342 -13.54 23.38 20.06
CA ARG C 342 -13.05 24.56 20.76
C ARG C 342 -12.04 25.19 19.83
N MET C 343 -11.99 26.51 19.79
CA MET C 343 -10.88 27.16 19.08
C MET C 343 -9.66 27.01 19.95
N ALA C 344 -8.48 26.89 19.36
CA ALA C 344 -7.25 26.78 20.17
C ALA C 344 -6.25 27.86 19.80
N PRO C 345 -5.44 28.24 20.79
CA PRO C 345 -4.42 29.24 20.48
C PRO C 345 -3.58 28.77 19.29
N GLU C 346 -2.79 27.73 19.49
CA GLU C 346 -1.86 27.23 18.45
C GLU C 346 -2.48 26.03 17.72
N GLU C 347 -1.86 25.64 16.63
CA GLU C 347 -2.25 24.42 15.94
C GLU C 347 -1.03 23.71 15.35
N ILE C 348 -1.02 22.38 15.40
CA ILE C 348 0.05 21.58 14.85
C ILE C 348 -0.50 20.69 13.77
N ILE C 349 -0.08 20.97 12.55
CA ILE C 349 -0.41 20.26 11.37
C ILE C 349 0.76 19.37 11.00
N ILE C 350 0.63 18.06 11.18
CA ILE C 350 1.69 17.10 10.81
C ILE C 350 1.47 16.74 9.34
N ASP C 351 1.88 17.62 8.43
CA ASP C 351 1.66 17.39 6.99
C ASP C 351 2.98 17.21 6.22
N ARG C 352 4.00 16.76 6.95
CA ARG C 352 5.34 16.54 6.44
C ARG C 352 5.90 15.25 7.09
N PRO C 353 6.94 14.63 6.49
CA PRO C 353 7.51 13.42 7.11
C PRO C 353 7.77 13.51 8.63
N PHE C 354 7.38 12.48 9.36
CA PHE C 354 7.54 12.49 10.80
C PHE C 354 7.99 11.15 11.31
N LEU C 355 8.31 11.15 12.58
CA LEU C 355 8.84 10.03 13.28
C LEU C 355 7.87 9.70 14.40
N PHE C 356 7.66 8.42 14.67
CA PHE C 356 6.86 8.07 15.82
C PHE C 356 7.54 7.04 16.67
N VAL C 357 7.19 7.02 17.94
CA VAL C 357 7.63 6.02 18.87
C VAL C 357 6.49 5.56 19.72
N VAL C 358 6.36 4.26 19.89
CA VAL C 358 5.34 3.77 20.80
C VAL C 358 6.03 3.20 22.00
N ARG C 359 5.67 3.73 23.16
CA ARG C 359 6.32 3.43 24.41
C ARG C 359 5.39 2.71 25.35
N HIS C 360 5.90 1.69 26.03
CA HIS C 360 5.22 1.14 27.16
C HIS C 360 5.65 1.95 28.37
N ASN C 361 4.72 2.73 28.91
CA ASN C 361 5.05 3.73 29.93
C ASN C 361 5.56 3.16 31.28
N PRO C 362 4.96 2.11 31.79
CA PRO C 362 5.44 1.56 33.07
C PRO C 362 6.88 1.07 33.02
N THR C 363 7.41 0.63 31.87
CA THR C 363 8.81 0.16 31.79
C THR C 363 9.65 1.03 30.87
N GLY C 364 9.02 1.92 30.15
CA GLY C 364 9.72 2.77 29.20
C GLY C 364 10.25 2.00 28.02
N THR C 365 9.78 0.78 27.81
CA THR C 365 10.19 -0.04 26.68
C THR C 365 9.72 0.61 25.37
N VAL C 366 10.52 0.54 24.32
CA VAL C 366 10.13 1.13 23.05
C VAL C 366 9.55 0.00 22.23
N LEU C 367 8.24 0.01 22.00
CA LEU C 367 7.61 -1.14 21.38
C LEU C 367 7.75 -1.01 19.89
N PHE C 368 7.54 0.21 19.42
CA PHE C 368 7.48 0.46 18.00
C PHE C 368 8.13 1.77 17.74
N MET C 369 8.50 1.94 16.49
CA MET C 369 9.24 3.12 16.08
C MET C 369 9.21 3.13 14.57
N GLY C 370 9.14 4.31 13.99
CA GLY C 370 9.14 4.39 12.56
C GLY C 370 9.24 5.78 12.03
N GLN C 371 9.44 5.86 10.71
CA GLN C 371 9.39 7.13 10.05
C GLN C 371 8.35 7.08 8.95
N VAL C 372 7.47 8.07 8.94
CA VAL C 372 6.44 8.15 7.95
C VAL C 372 6.88 9.21 6.95
N MET C 373 7.27 8.77 5.77
CA MET C 373 7.63 9.63 4.67
C MET C 373 6.43 9.88 3.78
N GLU C 374 5.56 8.90 3.64
CA GLU C 374 4.31 9.06 2.89
C GLU C 374 3.18 8.18 3.46
N PRO C 375 2.20 8.78 4.14
CA PRO C 375 1.10 8.00 4.68
C PRO C 375 0.21 7.35 3.63
N PRO D 1 48.27 33.02 35.86
CA PRO D 1 46.82 33.15 35.58
C PRO D 1 46.56 34.51 34.90
N SER D 2 45.34 35.08 35.08
CA SER D 2 44.93 36.46 34.62
C SER D 2 45.16 36.69 33.12
N TYR D 3 46.41 36.49 32.68
CA TYR D 3 46.71 36.32 31.27
C TYR D 3 45.88 35.18 30.71
N VAL D 4 46.05 33.99 31.29
CA VAL D 4 45.42 32.77 30.76
C VAL D 4 43.89 32.91 30.82
N ALA D 5 43.41 33.46 31.91
CA ALA D 5 41.99 33.67 32.08
C ALA D 5 41.49 34.46 30.92
N HIS D 6 42.24 35.49 30.59
CA HIS D 6 41.87 36.37 29.52
C HIS D 6 41.83 35.64 28.17
N LEU D 7 42.84 34.83 27.89
CA LEU D 7 42.88 34.11 26.63
C LEU D 7 41.77 33.04 26.53
N ALA D 8 41.57 32.32 27.62
CA ALA D 8 40.53 31.29 27.72
C ALA D 8 39.14 31.88 27.58
N SER D 9 38.87 32.94 28.29
CA SER D 9 37.61 33.67 28.19
C SER D 9 37.37 34.28 26.83
N ASP D 10 38.39 34.89 26.26
CA ASP D 10 38.21 35.45 24.94
C ASP D 10 37.90 34.36 23.90
N PHE D 11 38.56 33.20 24.06
CA PHE D 11 38.33 32.11 23.15
C PHE D 11 36.88 31.59 23.34
N GLY D 12 36.51 31.36 24.59
CA GLY D 12 35.24 30.78 24.89
C GLY D 12 34.13 31.68 24.42
N VAL D 13 34.31 32.99 24.63
CA VAL D 13 33.33 33.95 24.15
C VAL D 13 33.17 33.84 22.67
N ARG D 14 34.28 33.62 22.00
CA ARG D 14 34.24 33.49 20.55
C ARG D 14 33.44 32.27 20.09
N VAL D 15 33.53 31.18 20.85
CA VAL D 15 32.73 29.99 20.52
C VAL D 15 31.25 30.25 20.77
N PHE D 16 30.96 30.90 21.91
CA PHE D 16 29.60 31.26 22.24
C PHE D 16 28.95 32.06 21.13
N GLN D 17 29.68 33.01 20.57
CA GLN D 17 29.14 33.78 19.46
C GLN D 17 28.76 32.90 18.31
N GLN D 18 29.56 31.86 18.04
CA GLN D 18 29.21 30.94 16.97
C GLN D 18 27.92 30.18 17.32
N VAL D 19 27.75 29.72 18.54
CA VAL D 19 26.56 28.98 18.80
C VAL D 19 25.35 29.94 18.78
N ALA D 20 25.55 31.17 19.25
CA ALA D 20 24.44 32.10 19.36
C ALA D 20 23.91 32.49 17.99
N GLN D 21 24.81 32.65 17.04
CA GLN D 21 24.45 32.99 15.70
C GLN D 21 23.73 31.86 15.04
N ALA D 22 24.01 30.64 15.47
CA ALA D 22 23.32 29.48 14.89
C ALA D 22 21.98 29.21 15.56
N SER D 23 21.68 29.99 16.60
CA SER D 23 20.48 29.75 17.39
C SER D 23 19.85 31.07 17.75
N LYS D 24 19.53 31.85 16.73
CA LYS D 24 18.87 33.13 16.91
C LYS D 24 17.42 32.85 17.38
N ASP D 25 16.94 33.65 18.31
CA ASP D 25 15.58 33.49 18.82
C ASP D 25 15.35 32.18 19.59
N ARG D 26 16.37 31.73 20.30
CA ARG D 26 16.27 30.59 21.17
C ARG D 26 17.25 30.68 22.35
N ASN D 27 16.86 30.24 23.54
CA ASN D 27 17.73 30.35 24.68
C ASN D 27 18.98 29.53 24.49
N VAL D 28 20.08 29.97 25.09
CA VAL D 28 21.28 29.16 25.16
C VAL D 28 22.18 29.59 26.29
N VAL D 29 22.61 28.62 27.09
CA VAL D 29 23.65 28.87 28.08
C VAL D 29 24.88 28.14 27.65
N PHE D 30 26.04 28.66 28.05
CA PHE D 30 27.30 28.17 27.57
C PHE D 30 28.37 28.62 28.60
N SER D 31 29.47 27.89 28.65
CA SER D 31 30.55 28.18 29.50
C SER D 31 31.83 28.36 28.66
N PRO D 32 32.15 29.61 28.34
CA PRO D 32 33.40 29.88 27.66
C PRO D 32 34.60 29.25 28.41
N TYR D 33 34.56 29.26 29.72
CA TYR D 33 35.64 28.71 30.51
C TYR D 33 35.82 27.21 30.26
N GLY D 34 34.69 26.50 30.27
CA GLY D 34 34.71 25.06 30.10
C GLY D 34 35.21 24.61 28.75
N VAL D 35 34.78 25.26 27.68
CA VAL D 35 35.17 24.86 26.33
C VAL D 35 36.67 25.12 26.16
N ALA D 36 37.13 26.23 26.70
CA ALA D 36 38.58 26.52 26.71
C ALA D 36 39.37 25.45 27.45
N SER D 37 38.89 25.14 28.63
CA SER D 37 39.53 24.15 29.47
C SER D 37 39.65 22.76 28.87
N VAL D 38 38.61 22.26 28.18
CA VAL D 38 38.73 20.97 27.46
C VAL D 38 39.58 21.06 26.25
N LEU D 39 39.50 22.16 25.53
CA LEU D 39 40.26 22.24 24.32
C LEU D 39 41.73 22.31 24.69
N ALA D 40 42.03 23.02 25.76
CA ALA D 40 43.37 23.06 26.30
C ALA D 40 43.89 21.65 26.49
N MET D 41 43.16 20.85 27.27
CA MET D 41 43.52 19.43 27.50
C MET D 41 43.72 18.77 26.18
N LEU D 42 42.76 18.99 25.29
CA LEU D 42 42.86 18.34 23.97
C LEU D 42 44.09 18.65 23.21
N GLN D 43 44.69 19.81 23.48
CA GLN D 43 45.89 20.23 22.77
C GLN D 43 47.02 19.20 22.90
N LEU D 44 47.24 18.73 24.11
CA LEU D 44 48.30 17.75 24.35
C LEU D 44 48.22 16.51 23.48
N THR D 45 47.02 16.14 23.03
CA THR D 45 46.84 14.91 22.26
C THR D 45 47.05 15.10 20.77
N THR D 46 47.21 16.33 20.32
CA THR D 46 47.22 16.61 18.90
C THR D 46 48.64 16.88 18.41
N GLY D 47 48.80 16.81 17.08
CA GLY D 47 50.03 17.09 16.35
C GLY D 47 49.70 17.73 15.03
N GLY D 48 50.71 18.09 14.25
CA GLY D 48 50.51 18.55 12.84
C GLY D 48 49.61 19.77 12.73
N GLU D 49 48.85 19.87 11.63
CA GLU D 49 47.90 20.96 11.42
C GLU D 49 46.81 20.99 12.50
N THR D 50 46.44 19.81 12.98
CA THR D 50 45.36 19.63 13.90
C THR D 50 45.74 20.43 15.12
N GLN D 51 46.97 20.23 15.58
CA GLN D 51 47.43 20.95 16.76
C GLN D 51 47.56 22.41 16.45
N GLN D 52 47.96 22.75 15.23
CA GLN D 52 48.16 24.13 14.86
C GLN D 52 46.80 24.84 14.87
N GLN D 53 45.77 24.19 14.34
CA GLN D 53 44.46 24.86 14.27
C GLN D 53 43.96 25.23 15.65
N ILE D 54 44.19 24.37 16.65
CA ILE D 54 43.67 24.62 17.97
C ILE D 54 44.45 25.78 18.61
N GLN D 55 45.75 25.61 18.72
CA GLN D 55 46.67 26.66 19.15
C GLN D 55 46.34 28.01 18.53
N ALA D 56 46.23 28.05 17.21
CA ALA D 56 45.96 29.30 16.54
C ALA D 56 44.68 29.95 17.01
N ALA D 57 43.58 29.20 17.02
CA ALA D 57 42.28 29.73 17.51
C ALA D 57 42.24 30.09 18.99
N MET D 58 42.94 29.32 19.81
CA MET D 58 42.88 29.57 21.24
C MET D 58 43.84 30.68 21.66
N GLY D 59 44.91 30.88 20.91
CA GLY D 59 45.84 31.94 21.19
C GLY D 59 46.98 31.56 22.06
N PHE D 60 47.07 30.30 22.47
CA PHE D 60 48.23 29.88 23.26
C PHE D 60 48.47 28.39 23.21
N LYS D 61 49.69 27.99 23.58
CA LYS D 61 50.14 26.63 23.49
C LYS D 61 50.14 26.11 24.91
N ILE D 62 49.44 25.00 25.12
CA ILE D 62 49.28 24.40 26.44
C ILE D 62 50.59 23.96 27.08
N ASP D 63 51.52 23.56 26.22
CA ASP D 63 52.85 23.12 26.64
C ASP D 63 53.76 24.25 27.05
N ASP D 64 53.49 25.47 26.61
CA ASP D 64 54.34 26.59 26.95
C ASP D 64 54.46 26.73 28.43
N LYS D 65 55.67 27.09 28.86
CA LYS D 65 55.99 27.31 30.27
C LYS D 65 54.94 28.15 30.95
N GLY D 66 54.49 27.69 32.12
CA GLY D 66 53.53 28.43 32.95
C GLY D 66 52.07 28.35 32.55
N MET D 67 51.77 27.93 31.32
CA MET D 67 50.35 27.91 30.84
C MET D 67 49.47 26.95 31.64
N ALA D 68 49.85 25.68 31.64
CA ALA D 68 49.07 24.65 32.35
C ALA D 68 49.05 24.85 33.87
N PRO D 69 50.20 25.19 34.48
CA PRO D 69 50.20 25.49 35.92
C PRO D 69 49.24 26.62 36.27
N ALA D 70 49.02 27.51 35.32
CA ALA D 70 48.20 28.68 35.59
C ALA D 70 46.75 28.31 35.43
N LEU D 71 46.48 27.38 34.51
CA LEU D 71 45.11 26.87 34.38
C LEU D 71 44.66 26.06 35.56
N ARG D 72 45.61 25.42 36.23
CA ARG D 72 45.32 24.68 37.46
C ARG D 72 45.21 25.68 38.58
N HIS D 73 46.18 26.57 38.67
CA HIS D 73 46.09 27.67 39.62
C HIS D 73 44.68 28.26 39.50
N LEU D 74 44.34 28.70 38.29
CA LEU D 74 43.05 29.29 38.03
C LEU D 74 41.88 28.36 38.39
N TYR D 75 42.07 27.07 38.21
CA TYR D 75 41.01 26.10 38.48
C TYR D 75 40.74 25.96 39.97
N LYS D 76 41.80 25.67 40.72
CA LYS D 76 41.72 25.49 42.17
C LYS D 76 41.10 26.72 42.85
N GLU D 77 41.37 27.92 42.31
CA GLU D 77 40.75 29.14 42.82
C GLU D 77 39.26 29.27 42.49
N LEU D 78 38.83 28.62 41.41
CA LEU D 78 37.43 28.63 40.93
C LEU D 78 36.57 27.53 41.60
N MET D 79 37.17 26.75 42.50
CA MET D 79 36.45 25.73 43.25
C MET D 79 36.73 25.85 44.75
N GLY D 80 37.06 27.05 45.21
CA GLY D 80 37.40 27.30 46.61
C GLY D 80 36.29 26.96 47.61
N PRO D 81 36.45 27.42 48.86
CA PRO D 81 35.44 27.14 49.90
C PRO D 81 34.24 28.11 49.85
N TRP D 82 34.44 29.26 49.22
CA TRP D 82 33.37 30.23 48.90
C TRP D 82 32.28 29.64 48.00
N ASN D 83 32.52 28.44 47.44
CA ASN D 83 31.58 27.82 46.50
C ASN D 83 30.20 27.55 47.07
N LYS D 84 30.05 26.48 47.86
CA LYS D 84 28.78 26.14 48.53
C LYS D 84 27.74 25.65 47.53
N ASP D 85 28.09 24.63 46.76
CA ASP D 85 27.14 23.94 45.85
C ASP D 85 26.49 24.89 44.83
N GLU D 86 27.24 25.89 44.40
CA GLU D 86 26.73 26.82 43.40
C GLU D 86 27.20 26.37 42.03
N ILE D 87 28.43 25.85 41.96
CA ILE D 87 29.09 25.59 40.70
C ILE D 87 29.82 24.24 40.65
N SER D 88 29.53 23.46 39.60
CA SER D 88 30.21 22.19 39.37
C SER D 88 30.69 22.26 37.95
N THR D 89 31.86 21.71 37.71
CA THR D 89 32.45 21.68 36.40
C THR D 89 33.18 20.37 36.20
N THR D 90 33.22 19.91 34.97
CA THR D 90 33.98 18.72 34.65
C THR D 90 34.38 18.64 33.21
N ASP D 91 35.52 17.98 33.00
CA ASP D 91 36.16 17.82 31.70
C ASP D 91 36.53 16.35 31.58
N ALA D 92 36.47 15.79 30.38
CA ALA D 92 36.90 14.42 30.19
C ALA D 92 37.06 14.08 28.73
N ILE D 93 38.14 13.42 28.43
CA ILE D 93 38.44 12.91 27.11
C ILE D 93 38.33 11.39 27.27
N PHE D 94 37.57 10.75 26.38
CA PHE D 94 37.37 9.30 26.45
C PHE D 94 37.97 8.70 25.22
N VAL D 95 38.89 7.75 25.38
CA VAL D 95 39.49 7.14 24.20
C VAL D 95 39.35 5.60 24.22
N GLN D 96 39.26 5.00 23.03
CA GLN D 96 39.20 3.53 22.89
C GLN D 96 40.34 2.83 23.68
N ARG D 97 39.96 1.87 24.53
CA ARG D 97 40.89 1.22 25.48
C ARG D 97 42.03 0.37 24.92
N ASP D 98 41.88 -0.14 23.71
CA ASP D 98 42.85 -1.10 23.22
C ASP D 98 43.93 -0.48 22.34
N LEU D 99 43.93 0.85 22.23
CA LEU D 99 44.90 1.58 21.39
C LEU D 99 46.17 1.73 22.18
N LYS D 100 47.31 1.54 21.53
CA LYS D 100 48.55 1.78 22.23
C LYS D 100 48.86 3.28 22.25
N LEU D 101 48.94 3.80 23.47
CA LEU D 101 49.20 5.20 23.69
C LEU D 101 50.70 5.45 23.59
N VAL D 102 51.09 6.59 23.02
CA VAL D 102 52.52 6.86 22.91
C VAL D 102 53.07 6.74 24.32
N GLN D 103 54.25 6.12 24.38
CA GLN D 103 54.96 5.95 25.63
C GLN D 103 55.12 7.34 26.19
N GLY D 104 54.70 7.50 27.42
CA GLY D 104 54.94 8.77 28.07
C GLY D 104 53.80 9.75 28.03
N PHE D 105 52.91 9.63 27.06
CA PHE D 105 51.78 10.54 27.04
C PHE D 105 51.02 10.68 28.37
N MET D 106 50.62 9.58 28.97
CA MET D 106 49.78 9.68 30.18
C MET D 106 50.43 10.37 31.37
N PRO D 107 51.71 10.01 31.70
CA PRO D 107 52.37 10.72 32.78
C PRO D 107 52.42 12.24 32.52
N HIS D 108 52.54 12.62 31.24
CA HIS D 108 52.63 14.02 30.87
C HIS D 108 51.29 14.75 31.02
N PHE D 109 50.27 14.17 30.42
CA PHE D 109 48.91 14.69 30.55
C PHE D 109 48.60 14.84 32.01
N PHE D 110 48.94 13.85 32.77
CA PHE D 110 48.66 13.98 34.20
C PHE D 110 49.50 15.05 34.95
N ARG D 111 50.73 15.23 34.55
CA ARG D 111 51.58 16.20 35.20
C ARG D 111 50.99 17.58 34.93
N LEU D 112 50.47 17.80 33.71
CA LEU D 112 49.92 19.12 33.35
C LEU D 112 48.53 19.44 33.85
N PHE D 113 47.67 18.42 33.99
CA PHE D 113 46.25 18.62 34.34
C PHE D 113 45.78 17.92 35.62
N ARG D 114 46.60 17.05 36.18
CA ARG D 114 46.23 16.27 37.37
C ARG D 114 44.99 15.46 37.13
N SER D 115 44.93 14.85 35.95
CA SER D 115 43.77 14.13 35.47
C SER D 115 44.26 13.18 34.39
N THR D 116 43.43 12.21 34.02
CA THR D 116 43.80 11.27 32.96
C THR D 116 42.79 11.19 31.83
N VAL D 117 43.24 10.65 30.72
CA VAL D 117 42.37 10.37 29.62
C VAL D 117 41.79 9.02 29.91
N LYS D 118 40.46 8.97 30.01
CA LYS D 118 39.74 7.74 30.32
C LYS D 118 39.74 6.81 29.13
N GLN D 119 39.98 5.54 29.41
CA GLN D 119 39.94 4.53 28.35
C GLN D 119 38.71 3.62 28.45
N VAL D 120 37.89 3.57 27.39
CA VAL D 120 36.65 2.82 27.45
C VAL D 120 36.54 1.93 26.26
N ASP D 121 35.83 0.80 26.40
CA ASP D 121 35.57 -0.07 25.27
C ASP D 121 34.30 0.34 24.53
N PHE D 122 34.48 1.11 23.45
CA PHE D 122 33.36 1.60 22.64
C PHE D 122 32.72 0.48 21.85
N SER D 123 33.32 -0.72 21.95
CA SER D 123 32.71 -1.90 21.39
C SER D 123 31.54 -2.39 22.24
N GLU D 124 31.61 -2.17 23.56
CA GLU D 124 30.48 -2.34 24.46
C GLU D 124 29.66 -1.02 24.51
N VAL D 125 28.88 -0.77 23.46
CA VAL D 125 28.23 0.52 23.27
C VAL D 125 27.48 1.03 24.46
N GLU D 126 26.60 0.22 25.00
CA GLU D 126 25.83 0.60 26.16
C GLU D 126 26.72 0.89 27.32
N ARG D 127 27.63 -0.01 27.61
CA ARG D 127 28.54 0.18 28.72
C ARG D 127 29.29 1.57 28.59
N ALA D 128 29.69 1.91 27.38
CA ALA D 128 30.41 3.13 27.07
C ALA D 128 29.54 4.34 27.33
N ARG D 129 28.33 4.31 26.77
CA ARG D 129 27.32 5.33 27.03
C ARG D 129 27.11 5.56 28.48
N PHE D 130 27.12 4.48 29.22
CA PHE D 130 26.84 4.51 30.63
C PHE D 130 28.03 5.14 31.30
N ILE D 131 29.23 4.71 30.94
CA ILE D 131 30.40 5.20 31.67
C ILE D 131 30.43 6.72 31.52
N ILE D 132 30.34 7.17 30.29
CA ILE D 132 30.40 8.59 30.00
C ILE D 132 29.33 9.38 30.75
N ASN D 133 28.07 9.03 30.58
CA ASN D 133 27.01 9.72 31.31
C ASN D 133 27.23 9.64 32.81
N ASP D 134 27.82 8.56 33.24
CA ASP D 134 28.08 8.41 34.65
C ASP D 134 29.20 9.31 35.15
N TRP D 135 30.24 9.48 34.34
CA TRP D 135 31.25 10.45 34.65
C TRP D 135 30.65 11.83 34.93
N VAL D 136 29.83 12.33 34.02
CA VAL D 136 29.21 13.64 34.23
C VAL D 136 28.36 13.71 35.51
N LYS D 137 27.56 12.70 35.75
CA LYS D 137 26.64 12.69 36.91
C LYS D 137 27.37 12.82 38.23
N THR D 138 28.41 12.03 38.43
CA THR D 138 29.07 12.01 39.72
C THR D 138 30.04 13.19 39.91
N HIS D 139 30.49 13.79 38.82
CA HIS D 139 31.38 14.91 38.93
C HIS D 139 30.63 16.22 38.81
N THR D 140 29.30 16.19 38.91
CA THR D 140 28.49 17.41 38.97
C THR D 140 27.44 17.35 40.06
N LYS D 141 27.70 16.58 41.11
CA LYS D 141 26.76 16.40 42.23
C LYS D 141 25.39 16.03 41.72
N GLY D 142 25.37 15.19 40.68
CA GLY D 142 24.14 14.75 40.04
C GLY D 142 23.31 15.81 39.35
N MET D 143 23.82 17.02 39.19
CA MET D 143 22.97 18.09 38.62
C MET D 143 22.87 17.92 37.12
N ILE D 144 23.90 17.34 36.51
CA ILE D 144 23.81 16.89 35.16
C ILE D 144 24.08 15.39 35.04
N SER D 145 23.04 14.62 34.76
CA SER D 145 23.23 13.17 34.80
C SER D 145 23.29 12.52 33.46
N HIS D 146 22.94 13.24 32.40
CA HIS D 146 22.90 12.62 31.11
C HIS D 146 23.20 13.58 29.98
N LEU D 147 23.94 13.07 29.00
CA LEU D 147 24.21 13.74 27.74
C LEU D 147 23.48 13.07 26.60
N LEU D 148 22.64 13.83 25.93
CA LEU D 148 21.87 13.27 24.83
C LEU D 148 22.68 12.91 23.64
N GLY D 149 23.77 13.60 23.42
CA GLY D 149 24.61 13.35 22.26
C GLY D 149 25.32 12.00 22.37
N THR D 150 25.36 11.41 23.58
CA THR D 150 25.92 10.06 23.70
C THR D 150 25.11 9.04 22.93
N GLY D 151 23.90 9.43 22.51
CA GLY D 151 23.06 8.62 21.68
C GLY D 151 23.76 8.24 20.39
N ALA D 152 24.80 8.96 20.00
CA ALA D 152 25.48 8.63 18.74
C ALA D 152 26.80 7.88 18.93
N VAL D 153 27.17 7.61 20.16
CA VAL D 153 28.43 6.91 20.38
C VAL D 153 28.09 5.46 20.09
N ASP D 154 28.78 4.86 19.13
CA ASP D 154 28.57 3.46 18.72
C ASP D 154 29.92 2.70 18.65
N GLN D 155 29.87 1.51 18.10
CA GLN D 155 31.05 0.63 18.07
C GLN D 155 32.23 1.21 17.24
N LEU D 156 31.92 2.07 16.27
CA LEU D 156 32.97 2.82 15.55
C LEU D 156 33.59 4.02 16.29
N THR D 157 32.95 4.54 17.33
CA THR D 157 33.47 5.65 18.10
C THR D 157 34.83 5.31 18.71
N ARG D 158 35.81 6.19 18.50
CA ARG D 158 37.16 6.02 19.03
C ARG D 158 37.61 7.13 19.96
N LEU D 159 37.10 8.33 19.75
CA LEU D 159 37.49 9.49 20.56
C LEU D 159 36.32 10.48 20.82
N VAL D 160 36.09 10.78 22.09
CA VAL D 160 34.99 11.61 22.50
C VAL D 160 35.46 12.56 23.55
N LEU D 161 34.94 13.77 23.50
CA LEU D 161 35.33 14.85 24.39
C LEU D 161 34.11 15.46 25.03
N VAL D 162 34.17 15.70 26.32
CA VAL D 162 33.01 16.11 27.07
C VAL D 162 33.35 17.21 28.08
N ASN D 163 32.45 18.16 28.22
CA ASN D 163 32.58 19.23 29.21
C ASN D 163 31.22 19.57 29.73
N ALA D 164 31.09 19.69 31.04
CA ALA D 164 29.77 19.83 31.65
C ALA D 164 29.81 20.65 32.94
N LEU D 165 28.86 21.58 33.09
CA LEU D 165 28.85 22.38 34.31
C LEU D 165 27.47 22.82 34.79
N TYR D 166 27.34 22.94 36.10
CA TYR D 166 26.11 23.42 36.71
C TYR D 166 26.36 24.68 37.53
N PHE D 167 25.45 25.63 37.44
CA PHE D 167 25.55 26.80 38.31
C PHE D 167 24.21 27.30 38.79
N ASN D 168 24.16 27.54 40.09
CA ASN D 168 23.05 28.19 40.78
C ASN D 168 23.67 29.03 41.89
N GLY D 169 23.77 30.33 41.65
CA GLY D 169 24.45 31.19 42.62
C GLY D 169 23.53 31.72 43.72
N GLN D 170 24.13 31.96 44.85
CA GLN D 170 23.48 32.63 45.98
C GLN D 170 23.84 34.15 45.99
N TRP D 171 22.86 35.00 45.71
CA TRP D 171 23.10 36.41 45.57
C TRP D 171 23.68 37.03 46.81
N LYS D 172 24.54 38.03 46.67
CA LYS D 172 24.97 38.82 47.82
C LYS D 172 23.75 39.38 48.60
N THR D 173 22.85 40.00 47.84
CA THR D 173 21.59 40.47 48.30
C THR D 173 20.42 39.72 47.58
N PRO D 174 19.81 38.75 48.28
CA PRO D 174 18.62 38.06 47.76
C PRO D 174 17.55 39.01 47.22
N PHE D 175 16.82 38.55 46.21
CA PHE D 175 15.63 39.22 45.76
C PHE D 175 14.53 38.88 46.77
N PRO D 176 13.77 39.88 47.25
CA PRO D 176 12.65 39.54 48.14
C PRO D 176 11.68 38.57 47.45
N ASP D 177 11.37 37.49 48.16
CA ASP D 177 10.43 36.45 47.71
C ASP D 177 9.02 36.98 47.47
N SER D 178 8.56 37.87 48.34
CA SER D 178 7.27 38.51 48.17
C SER D 178 7.16 39.51 47.01
N SER D 179 8.21 39.74 46.24
CA SER D 179 8.11 40.74 45.17
C SER D 179 7.86 40.12 43.81
N THR D 180 8.05 38.80 43.73
CA THR D 180 7.97 38.07 42.45
C THR D 180 6.54 38.04 41.96
N HIS D 181 6.32 38.47 40.74
CA HIS D 181 4.97 38.62 40.22
C HIS D 181 5.04 37.99 38.85
N ARG D 182 3.95 38.06 38.10
CA ARG D 182 3.84 37.42 36.82
C ARG D 182 3.74 38.62 35.89
N ARG D 183 4.79 38.87 35.12
CA ARG D 183 4.78 39.97 34.20
C ARG D 183 4.99 39.49 32.78
N LEU D 184 4.47 40.28 31.85
CA LEU D 184 4.59 40.04 30.42
C LEU D 184 6.04 40.14 29.95
N PHE D 185 6.47 39.22 29.07
CA PHE D 185 7.78 39.28 28.44
C PHE D 185 7.61 39.34 26.94
N HIS D 186 8.31 40.28 26.29
CA HIS D 186 8.14 40.49 24.82
C HIS D 186 9.16 39.71 24.03
N LYS D 187 8.74 38.59 23.46
CA LYS D 187 9.59 37.76 22.62
C LYS D 187 9.96 38.53 21.36
N SER D 188 11.08 38.16 20.73
CA SER D 188 11.55 38.75 19.47
C SER D 188 10.54 38.61 18.31
N ASP D 189 9.63 37.63 18.42
CA ASP D 189 8.40 37.50 17.61
C ASP D 189 7.55 38.77 17.53
N GLY D 190 7.56 39.59 18.57
CA GLY D 190 6.46 40.53 18.78
C GLY D 190 5.36 39.99 19.69
N SER D 191 5.28 38.66 19.84
CA SER D 191 4.34 38.02 20.75
C SER D 191 4.83 38.04 22.18
N THR D 192 3.92 38.04 23.13
CA THR D 192 4.31 38.04 24.52
C THR D 192 4.03 36.73 25.20
N VAL D 193 4.44 36.66 26.47
CA VAL D 193 4.14 35.54 27.35
C VAL D 193 4.27 36.04 28.78
N SER D 194 3.42 35.57 29.66
CA SER D 194 3.47 36.12 30.98
C SER D 194 4.38 35.20 31.75
N VAL D 195 5.33 35.72 32.54
CA VAL D 195 6.24 34.86 33.32
C VAL D 195 6.60 35.41 34.69
N PRO D 196 7.07 34.56 35.56
CA PRO D 196 7.46 35.12 36.83
C PRO D 196 8.74 35.94 36.75
N MET D 197 8.68 37.14 37.32
CA MET D 197 9.80 38.05 37.39
C MET D 197 10.09 38.47 38.82
N MET D 198 11.36 38.48 39.20
CA MET D 198 11.77 38.90 40.52
C MET D 198 11.96 40.40 40.53
N ALA D 199 12.15 40.96 41.70
CA ALA D 199 12.28 42.41 41.82
C ALA D 199 12.93 42.84 43.10
N GLN D 200 13.79 43.84 43.03
CA GLN D 200 14.35 44.44 44.25
C GLN D 200 14.77 45.86 43.93
N THR D 201 14.62 46.73 44.92
CA THR D 201 15.01 48.10 44.76
C THR D 201 16.29 48.23 45.55
N ASN D 202 17.37 48.60 44.85
CA ASN D 202 18.66 48.71 45.48
C ASN D 202 19.59 49.65 44.70
N LYS D 203 20.78 49.84 45.27
CA LYS D 203 21.85 50.53 44.61
C LYS D 203 22.56 49.50 43.73
N PHE D 204 22.28 49.51 42.43
CA PHE D 204 22.97 48.58 41.51
C PHE D 204 24.14 49.19 40.76
N ASN D 205 25.28 48.49 40.70
CA ASN D 205 26.29 48.85 39.71
C ASN D 205 25.64 48.84 38.34
N TYR D 206 25.66 50.00 37.67
CA TYR D 206 25.05 50.17 36.39
C TYR D 206 25.89 51.05 35.45
N THR D 207 25.58 50.96 34.15
CA THR D 207 26.22 51.76 33.12
C THR D 207 25.49 51.47 31.81
N GLU D 208 25.61 52.38 30.86
CA GLU D 208 24.92 52.30 29.60
C GLU D 208 25.95 52.43 28.46
N PHE D 209 26.00 51.45 27.59
CA PHE D 209 26.93 51.50 26.48
C PHE D 209 26.15 51.70 25.21
N THR D 210 26.86 51.79 24.09
CA THR D 210 26.22 51.97 22.83
C THR D 210 26.80 51.01 21.80
N THR D 211 25.98 50.47 20.92
CA THR D 211 26.49 49.63 19.83
C THR D 211 27.15 50.51 18.78
N PRO D 212 27.90 49.92 17.84
CA PRO D 212 28.50 50.70 16.77
C PRO D 212 27.48 51.49 15.97
N ASP D 213 26.24 51.01 15.88
CA ASP D 213 25.15 51.73 15.19
C ASP D 213 24.50 52.74 16.07
N GLY D 214 24.88 52.87 17.32
CA GLY D 214 24.33 53.95 18.17
C GLY D 214 23.19 53.54 19.07
N HIS D 215 22.78 52.29 19.02
CA HIS D 215 21.73 51.85 19.92
C HIS D 215 22.24 51.73 21.36
N TYR D 216 21.46 52.28 22.28
CA TYR D 216 21.79 52.21 23.70
C TYR D 216 21.41 50.87 24.33
N TYR D 217 22.18 50.43 25.31
CA TYR D 217 21.83 49.23 26.04
C TYR D 217 22.31 49.29 27.49
N ASP D 218 21.60 48.65 28.41
CA ASP D 218 21.90 48.76 29.82
C ASP D 218 22.69 47.59 30.22
N ILE D 219 23.53 47.77 31.24
CA ILE D 219 24.30 46.68 31.80
C ILE D 219 24.19 46.80 33.29
N LEU D 220 23.80 45.73 33.97
CA LEU D 220 23.74 45.75 35.45
C LEU D 220 24.58 44.70 36.00
N GLU D 221 25.09 44.88 37.21
CA GLU D 221 25.88 43.82 37.79
C GLU D 221 25.19 43.36 39.07
N LEU D 222 24.89 42.07 39.11
CA LEU D 222 24.31 41.45 40.28
C LEU D 222 25.39 40.61 40.97
N PRO D 223 25.80 41.02 42.18
CA PRO D 223 26.85 40.29 42.88
C PRO D 223 26.35 39.06 43.61
N TYR D 224 27.24 38.10 43.82
CA TYR D 224 26.93 36.91 44.54
C TYR D 224 27.67 37.00 45.84
N HIS D 225 27.32 36.15 46.81
CA HIS D 225 27.82 36.24 48.19
C HIS D 225 29.34 36.20 48.14
N GLY D 226 30.01 37.12 48.82
CA GLY D 226 31.47 37.15 48.83
C GLY D 226 32.07 37.98 47.71
N ASP D 227 31.30 38.28 46.68
CA ASP D 227 31.78 39.14 45.58
C ASP D 227 32.76 38.47 44.58
N THR D 228 33.24 37.26 44.86
CA THR D 228 34.12 36.62 43.90
C THR D 228 33.42 36.47 42.53
N LEU D 229 32.10 36.34 42.53
CA LEU D 229 31.39 36.22 41.29
C LEU D 229 30.29 37.23 41.16
N SER D 230 29.98 37.59 39.92
CA SER D 230 28.88 38.46 39.60
C SER D 230 28.17 37.99 38.35
N MET D 231 26.98 38.51 38.12
CA MET D 231 26.29 38.25 36.89
C MET D 231 25.98 39.61 36.26
N PHE D 232 26.21 39.69 34.94
CA PHE D 232 25.93 40.89 34.19
C PHE D 232 24.70 40.60 33.34
N ILE D 233 23.80 41.57 33.27
CA ILE D 233 22.62 41.51 32.45
C ILE D 233 22.71 42.65 31.47
N ALA D 234 22.54 42.37 30.20
CA ALA D 234 22.56 43.41 29.19
C ALA D 234 21.44 43.23 28.25
N ALA D 235 20.76 44.33 27.90
CA ALA D 235 19.69 44.31 26.93
C ALA D 235 19.64 45.63 26.26
N PRO D 236 19.31 45.66 24.97
CA PRO D 236 19.04 46.97 24.40
C PRO D 236 18.01 47.71 25.22
N TYR D 237 18.02 49.04 25.17
CA TYR D 237 17.02 49.85 25.85
C TYR D 237 15.71 49.83 25.05
N GLU D 238 15.83 49.90 23.72
CA GLU D 238 14.70 49.78 22.82
C GLU D 238 14.41 48.32 22.48
N LYS D 239 13.18 47.90 22.67
CA LYS D 239 12.69 46.66 22.08
C LYS D 239 12.67 47.06 20.65
N GLU D 240 12.89 46.14 19.74
CA GLU D 240 13.06 46.49 18.31
C GLU D 240 14.50 46.45 17.88
N VAL D 241 15.40 46.82 18.78
CA VAL D 241 16.83 46.48 18.62
C VAL D 241 17.03 44.99 18.98
N PRO D 242 17.28 44.16 17.99
CA PRO D 242 17.50 42.76 18.35
C PRO D 242 18.74 42.55 19.23
N LEU D 243 18.62 41.65 20.19
CA LEU D 243 19.72 41.20 21.02
C LEU D 243 20.99 40.88 20.24
N SER D 244 20.84 40.32 19.05
CA SER D 244 22.00 40.03 18.22
C SER D 244 22.95 41.22 18.10
N ALA D 245 22.40 42.43 18.13
CA ALA D 245 23.18 43.66 17.98
C ALA D 245 24.26 43.77 19.05
N LEU D 246 23.90 43.27 20.22
CA LEU D 246 24.78 43.17 21.36
C LEU D 246 25.65 41.91 21.33
N THR D 247 25.12 40.81 20.82
CA THR D 247 25.86 39.55 20.86
C THR D 247 27.02 39.59 19.89
N ASN D 248 26.76 40.13 18.69
CA ASN D 248 27.77 40.25 17.63
C ASN D 248 29.07 40.99 18.02
N ILE D 249 29.02 41.92 18.98
CA ILE D 249 30.18 42.76 19.38
C ILE D 249 30.74 42.34 20.72
N LEU D 250 30.32 41.19 21.20
CA LEU D 250 30.76 40.72 22.52
C LEU D 250 32.23 40.27 22.60
N SER D 251 32.90 40.58 23.71
CA SER D 251 34.22 40.04 23.97
C SER D 251 34.58 40.15 25.42
N ALA D 252 35.70 39.54 25.78
CA ALA D 252 36.15 39.52 27.16
C ALA D 252 36.57 40.89 27.57
N GLN D 253 37.18 41.63 26.67
CA GLN D 253 37.57 42.99 27.00
C GLN D 253 36.33 43.88 27.18
N LEU D 254 35.35 43.78 26.30
CA LEU D 254 34.13 44.59 26.43
C LEU D 254 33.49 44.42 27.79
N ILE D 255 33.65 43.24 28.37
CA ILE D 255 32.98 42.96 29.63
C ILE D 255 33.63 43.67 30.79
N SER D 256 34.94 43.74 30.84
CA SER D 256 35.57 44.35 32.00
C SER D 256 35.44 45.84 31.85
N HIS D 257 35.36 46.29 30.60
CA HIS D 257 35.11 47.72 30.32
C HIS D 257 33.74 48.12 30.89
N TRP D 258 32.80 47.20 30.83
CA TRP D 258 31.48 47.45 31.38
C TRP D 258 31.59 47.70 32.88
N LYS D 259 32.34 46.79 33.50
CA LYS D 259 32.57 46.75 34.92
C LYS D 259 33.31 48.02 35.37
N GLY D 260 34.19 48.51 34.53
CA GLY D 260 35.03 49.65 34.92
C GLY D 260 34.26 50.94 34.83
N ASN D 261 33.24 50.98 33.97
CA ASN D 261 32.39 52.17 33.81
C ASN D 261 31.10 52.24 34.62
N MET D 262 31.03 51.40 35.64
CA MET D 262 29.83 51.23 36.43
C MET D 262 29.85 52.10 37.68
N THR D 263 28.70 52.70 37.95
CA THR D 263 28.45 53.45 39.17
C THR D 263 27.21 52.88 39.84
N ARG D 264 27.31 52.60 41.14
CA ARG D 264 26.16 52.19 41.97
C ARG D 264 25.07 53.27 42.00
N LEU D 265 23.93 52.97 41.41
CA LEU D 265 22.78 53.88 41.36
C LEU D 265 21.49 53.21 41.87
N PRO D 266 20.69 53.95 42.66
CA PRO D 266 19.42 53.39 43.13
C PRO D 266 18.49 53.09 41.98
N ARG D 267 17.97 51.87 41.91
CA ARG D 267 17.04 51.47 40.86
C ARG D 267 16.11 50.37 41.36
N LEU D 268 14.93 50.33 40.77
CA LEU D 268 14.01 49.18 40.87
C LEU D 268 14.32 48.23 39.72
N LEU D 269 14.88 47.07 40.04
CA LEU D 269 15.24 46.10 38.99
C LEU D 269 14.18 45.06 38.93
N VAL D 270 13.69 44.81 37.72
CA VAL D 270 12.75 43.70 37.49
C VAL D 270 13.40 42.74 36.51
N LEU D 271 13.73 41.55 36.98
CA LEU D 271 14.39 40.55 36.18
C LEU D 271 13.65 39.20 36.23
N PRO D 272 13.33 38.62 35.06
CA PRO D 272 12.78 37.24 34.94
C PRO D 272 13.63 36.19 35.60
N LYS D 273 13.00 35.27 36.33
CA LYS D 273 13.68 34.10 36.86
C LYS D 273 13.89 33.21 35.65
N PHE D 274 14.84 32.29 35.75
CA PHE D 274 14.99 31.37 34.63
C PHE D 274 15.85 30.16 34.92
N SER D 275 15.58 29.09 34.18
CA SER D 275 16.35 27.83 34.27
C SER D 275 16.65 27.41 32.85
N LEU D 276 17.91 27.27 32.51
CA LEU D 276 18.22 26.95 31.17
C LEU D 276 19.16 25.82 31.19
N GLU D 277 19.01 24.97 30.18
CA GLU D 277 19.90 23.83 30.02
C GLU D 277 20.19 23.74 28.55
N THR D 278 21.47 23.58 28.22
CA THR D 278 21.87 23.46 26.81
C THR D 278 22.90 22.35 26.68
N GLU D 279 22.81 21.65 25.55
CA GLU D 279 23.79 20.73 25.13
C GLU D 279 24.10 21.10 23.72
N VAL D 280 25.38 21.32 23.47
CA VAL D 280 25.80 21.69 22.14
C VAL D 280 26.89 20.77 21.68
N ASP D 281 26.68 20.26 20.49
CA ASP D 281 27.70 19.61 19.78
C ASP D 281 28.62 20.75 19.33
N LEU D 282 29.88 20.73 19.75
CA LEU D 282 30.83 21.79 19.41
C LEU D 282 31.44 21.75 18.02
N ARG D 283 31.15 20.74 17.21
CA ARG D 283 31.82 20.56 15.91
C ARG D 283 31.72 21.80 15.01
N LYS D 284 30.51 22.16 14.64
CA LYS D 284 30.29 23.29 13.78
C LYS D 284 30.86 24.60 14.36
N PRO D 285 30.55 24.93 15.61
CA PRO D 285 31.14 26.14 16.13
C PRO D 285 32.68 26.15 16.12
N LEU D 286 33.33 25.03 16.34
CA LEU D 286 34.79 25.00 16.31
C LEU D 286 35.34 25.01 14.89
N GLU D 287 34.64 24.40 13.96
CA GLU D 287 35.08 24.38 12.56
C GLU D 287 35.10 25.79 12.03
N ASN D 288 34.17 26.58 12.52
CA ASN D 288 34.07 27.95 12.13
C ASN D 288 35.21 28.76 12.62
N LEU D 289 35.81 28.32 13.72
CA LEU D 289 36.95 29.01 14.24
C LEU D 289 38.24 28.37 13.73
N GLY D 290 38.16 27.62 12.63
CA GLY D 290 39.37 27.00 12.01
C GLY D 290 39.74 25.59 12.42
N MET D 291 39.10 25.06 13.44
CA MET D 291 39.41 23.71 13.92
C MET D 291 38.63 22.66 13.12
N THR D 292 39.06 22.40 11.90
CA THR D 292 38.36 21.49 11.02
C THR D 292 38.99 20.11 10.95
N ASP D 293 40.29 19.98 11.21
CA ASP D 293 41.03 18.73 11.11
C ASP D 293 40.63 17.60 12.09
N MET D 294 40.60 17.94 13.39
CA MET D 294 40.27 17.01 14.45
C MET D 294 38.99 16.18 14.21
N PHE D 295 37.99 16.76 13.58
CA PHE D 295 36.76 16.03 13.23
C PHE D 295 36.84 15.17 11.94
N ARG D 296 37.97 15.17 11.23
CA ARG D 296 38.07 14.56 9.91
C ARG D 296 38.85 13.26 9.96
N GLN D 297 38.17 12.16 9.66
CA GLN D 297 38.75 10.84 9.81
C GLN D 297 40.17 10.68 9.25
N PHE D 298 40.43 11.13 8.03
CA PHE D 298 41.78 10.98 7.47
C PHE D 298 42.53 12.31 7.29
N GLN D 299 42.40 13.18 8.27
CA GLN D 299 43.17 14.39 8.33
C GLN D 299 43.58 14.63 9.79
N ALA D 300 42.74 14.25 10.74
CA ALA D 300 43.02 14.55 12.14
C ALA D 300 44.36 13.97 12.52
N ASP D 301 45.13 14.71 13.30
CA ASP D 301 46.38 14.23 13.81
C ASP D 301 46.33 14.19 15.33
N PHE D 302 46.16 13.00 15.89
CA PHE D 302 46.30 12.77 17.34
C PHE D 302 47.50 11.91 17.67
N THR D 303 48.54 11.99 16.84
CA THR D 303 49.75 11.15 17.01
C THR D 303 50.47 11.45 18.30
N SER D 304 50.20 12.59 18.87
CA SER D 304 50.78 12.84 20.15
C SER D 304 50.14 11.93 21.22
N LEU D 305 48.94 11.40 20.96
CA LEU D 305 48.29 10.49 21.92
C LEU D 305 48.50 9.04 21.48
N SER D 306 48.34 8.78 20.20
CA SER D 306 48.63 7.48 19.60
C SER D 306 49.05 7.67 18.14
N ASP D 307 50.12 6.98 17.75
CA ASP D 307 50.66 7.07 16.38
C ASP D 307 50.27 5.83 15.58
N GLN D 308 49.12 5.25 15.90
CA GLN D 308 48.67 3.99 15.33
C GLN D 308 47.50 4.21 14.38
N GLU D 309 46.27 4.04 14.88
CA GLU D 309 45.08 4.01 14.04
C GLU D 309 44.69 5.44 13.77
N PRO D 310 43.98 5.71 12.66
CA PRO D 310 43.35 7.01 12.34
C PRO D 310 42.36 7.59 13.38
N LEU D 311 42.86 7.98 14.54
CA LEU D 311 42.06 8.69 15.49
C LEU D 311 41.54 10.04 14.97
N HIS D 312 40.31 10.33 15.34
CA HIS D 312 39.70 11.65 15.10
C HIS D 312 38.57 11.79 16.12
N VAL D 313 38.03 12.99 16.31
CA VAL D 313 37.01 13.24 17.35
C VAL D 313 35.69 12.92 16.77
N ALA D 314 35.02 11.95 17.34
CA ALA D 314 33.67 11.59 16.89
C ALA D 314 32.65 12.54 17.42
N LEU D 315 32.88 13.01 18.64
CA LEU D 315 31.85 13.71 19.35
C LEU D 315 32.52 14.59 20.36
N ALA D 316 32.15 15.89 20.31
CA ALA D 316 32.58 16.85 21.27
C ALA D 316 31.39 17.58 21.79
N LEU D 317 31.25 17.64 23.09
CA LEU D 317 30.11 18.34 23.62
C LEU D 317 30.17 19.03 24.99
N GLN D 318 29.33 20.06 25.09
CA GLN D 318 29.20 20.81 26.32
C GLN D 318 27.76 20.83 26.75
N LYS D 319 27.53 20.62 28.03
CA LYS D 319 26.20 20.67 28.57
C LYS D 319 26.30 21.56 29.78
N VAL D 320 25.38 22.50 29.85
CA VAL D 320 25.36 23.44 30.95
C VAL D 320 23.94 23.61 31.46
N LYS D 321 23.81 23.74 32.75
CA LYS D 321 22.54 24.03 33.38
C LYS D 321 22.79 25.21 34.33
N ILE D 322 21.99 26.25 34.14
CA ILE D 322 22.10 27.42 35.00
C ILE D 322 20.76 27.74 35.64
N GLU D 323 20.78 28.04 36.94
CA GLU D 323 19.59 28.51 37.68
C GLU D 323 19.68 29.97 38.14
N VAL D 324 18.65 30.73 37.79
CA VAL D 324 18.50 32.10 38.31
C VAL D 324 17.14 32.24 39.01
N ASN D 325 17.21 32.28 40.33
CA ASN D 325 16.07 32.50 41.16
C ASN D 325 16.36 33.55 42.28
N GLU D 326 15.43 33.71 43.19
CA GLU D 326 15.47 34.78 44.14
C GLU D 326 16.66 34.72 45.06
N SER D 327 17.21 33.55 45.35
CA SER D 327 18.52 33.51 46.05
C SER D 327 19.31 32.21 45.98
N GLY D 328 19.06 31.39 44.96
CA GLY D 328 19.70 30.06 44.86
C GLY D 328 19.34 29.07 45.96
N ALA D 344 10.06 56.74 44.83
CA ALA D 344 9.70 56.48 43.43
C ALA D 344 10.92 56.33 42.52
N PRO D 345 11.86 55.42 42.85
CA PRO D 345 13.11 55.27 42.10
C PRO D 345 12.90 54.89 40.63
N GLU D 346 13.92 55.10 39.80
CA GLU D 346 13.84 54.71 38.42
C GLU D 346 13.86 53.21 38.27
N GLU D 347 13.22 52.74 37.20
CA GLU D 347 13.05 51.33 37.00
C GLU D 347 13.78 50.84 35.74
N ILE D 348 14.22 49.58 35.80
CA ILE D 348 14.84 48.87 34.68
C ILE D 348 14.05 47.57 34.55
N ILE D 349 13.28 47.46 33.51
CA ILE D 349 12.44 46.32 33.30
C ILE D 349 13.02 45.47 32.18
N ILE D 350 13.49 44.27 32.57
CA ILE D 350 14.14 43.34 31.66
C ILE D 350 13.01 42.44 31.17
N ASP D 351 12.17 43.00 30.33
CA ASP D 351 11.01 42.24 29.87
C ASP D 351 11.17 41.99 28.36
N ARG D 352 12.40 41.72 27.96
CA ARG D 352 12.72 41.44 26.58
C ARG D 352 13.98 40.57 26.58
N PRO D 353 14.30 39.98 25.43
CA PRO D 353 15.49 39.12 25.40
C PRO D 353 16.72 39.85 25.87
N PHE D 354 17.61 39.12 26.56
CA PHE D 354 18.72 39.73 27.20
C PHE D 354 19.87 38.76 27.38
N LEU D 355 21.09 39.30 27.49
CA LEU D 355 22.30 38.52 27.66
C LEU D 355 22.57 38.51 29.12
N PHE D 356 23.21 37.43 29.58
CA PHE D 356 23.76 37.38 30.91
C PHE D 356 25.17 36.81 30.88
N VAL D 357 26.03 37.21 31.82
CA VAL D 357 27.39 36.73 31.91
C VAL D 357 27.75 36.53 33.38
N VAL D 358 28.40 35.42 33.69
CA VAL D 358 28.75 35.15 35.07
C VAL D 358 30.26 35.20 35.08
N ARG D 359 30.82 36.15 35.83
CA ARG D 359 32.22 36.38 35.85
C ARG D 359 32.85 36.14 37.19
N HIS D 360 34.02 35.52 37.16
CA HIS D 360 34.91 35.44 38.34
C HIS D 360 35.75 36.69 38.38
N ASN D 361 35.40 37.62 39.25
CA ASN D 361 36.03 38.96 39.29
C ASN D 361 37.51 39.01 39.70
N PRO D 362 37.93 38.18 40.63
CA PRO D 362 39.35 38.21 40.92
C PRO D 362 40.27 37.88 39.67
N THR D 363 39.72 37.33 38.58
CA THR D 363 40.53 36.99 37.42
C THR D 363 39.92 37.45 36.08
N GLY D 364 38.69 37.93 36.11
CA GLY D 364 37.98 38.23 34.88
C GLY D 364 37.73 37.00 34.03
N THR D 365 37.68 35.82 34.67
CA THR D 365 37.30 34.59 33.96
C THR D 365 35.81 34.61 33.66
N VAL D 366 35.44 34.50 32.39
CA VAL D 366 34.03 34.41 32.03
C VAL D 366 33.58 32.95 32.21
N LEU D 367 32.95 32.66 33.33
CA LEU D 367 32.46 31.28 33.62
C LEU D 367 31.25 30.83 32.80
N PHE D 368 30.23 31.68 32.76
CA PHE D 368 29.02 31.38 31.98
C PHE D 368 28.57 32.54 31.15
N MET D 369 27.76 32.24 30.16
CA MET D 369 27.30 33.25 29.25
C MET D 369 26.08 32.66 28.55
N GLY D 370 25.15 33.51 28.14
CA GLY D 370 23.92 32.99 27.58
C GLY D 370 23.01 34.08 27.14
N GLN D 371 22.00 33.69 26.39
CA GLN D 371 21.00 34.61 25.96
C GLN D 371 19.63 34.02 26.35
N VAL D 372 18.78 34.85 26.98
CA VAL D 372 17.46 34.41 27.45
C VAL D 372 16.45 35.04 26.53
N MET D 373 16.10 34.32 25.47
CA MET D 373 15.13 34.76 24.44
C MET D 373 13.67 34.55 24.83
N GLU D 374 13.43 33.68 25.78
CA GLU D 374 12.12 33.43 26.36
C GLU D 374 12.30 32.74 27.74
N PRO D 375 12.14 33.49 28.87
CA PRO D 375 12.37 32.91 30.20
C PRO D 375 11.50 31.70 30.53
C2 EMJ E . -41.59 -8.91 -29.05
C3 EMJ E . -41.73 -10.33 -29.13
C4 EMJ E . -42.09 -11.01 -27.98
C5 EMJ E . -42.31 -10.35 -26.77
C6 EMJ E . -42.18 -8.97 -26.70
C7 EMJ E . -41.82 -8.23 -27.85
O8 EMJ E . -42.62 -10.97 -25.73
O9 EMJ E . -41.28 -8.16 -30.02
O10 EMJ E . -42.25 -12.35 -28.02
O11 EMJ E . -41.68 -6.87 -27.77
C12 EMJ E . -41.55 -11.20 -30.39
C13 EMJ E . -41.45 -10.27 -31.62
C14 EMJ E . -41.24 -10.86 -33.03
C15 EMJ E . -41.87 -9.86 -34.04
C16 EMJ E . -41.57 -10.11 -35.54
C17 EMJ E . -41.60 -8.78 -36.30
C18 EMJ E . -41.28 -8.94 -37.78
C19 EMJ E . -41.89 -7.80 -38.59
C20 EMJ E . -41.57 -7.97 -40.08
C21 EMJ E . -42.16 -6.86 -40.99
C22 EMJ E . -41.62 -6.86 -42.41
#